data_1GYQ
#
_entry.id   1GYQ
#
_cell.length_a   97.330
_cell.length_b   125.810
_cell.length_c   137.790
_cell.angle_alpha   90.00
_cell.angle_beta   90.00
_cell.angle_gamma   90.00
#
_symmetry.space_group_name_H-M   'P 21 21 21'
#
loop_
_entity.id
_entity.type
_entity.pdbx_description
1 polymer 'PROTEIN (GLYCERALDEHYDE-3-PHOSPHATE DEHYDROGENASE)'
2 non-polymer N6-BENZYL-NICOTINAMIDE-ADENINE-DINUCLEOTIDE
#
_entity_poly.entity_id   1
_entity_poly.type   'polypeptide(L)'
_entity_poly.pdbx_seq_one_letter_code
;APIKVGINGFGRIGRMVFQAICDQGLIGTEIDVVAVVDMSTNAEYFAYQMKHDTVHGRPKYTVEAVKSSPSVETADVLVV
NGHRIKCVKAQRNPADLPWGKLGVDYVIESTGLFTDKLKAEGHIKGGAKKVVISAPASGGAKTIVMGVNQHEYSPASHHV
VSNASCTTNCLAPIVHVLTKENFGIETGLMTTIHSYTATQKTVDGVSLKDWRGGRAAAVNIIPSTTGAAKAVGMVIPSTK
GKLTGMSFRVPTPDVSVVDLTFRATRDTSIQEIDKAIKKAAQTYMKGILGFTDEELVSADFINDNRSSVYDSKATLQNNL
PGEKRFFKVVSWYDNEWAYSHRVVDLVRYMAAKDAASS
;
_entity_poly.pdbx_strand_id   A,B,C,D
#
# COMPACT_ATOMS: atom_id res chain seq x y z
N ALA A 1 25.94 -37.16 -11.92
CA ALA A 1 25.83 -36.53 -13.23
C ALA A 1 24.99 -35.25 -13.20
N PRO A 2 25.60 -34.05 -13.28
CA PRO A 2 24.92 -32.77 -13.24
C PRO A 2 23.98 -32.59 -14.42
N ILE A 3 22.75 -32.20 -14.05
CA ILE A 3 21.68 -31.94 -14.99
C ILE A 3 22.02 -30.55 -15.46
N LYS A 4 22.33 -30.52 -16.76
CA LYS A 4 22.75 -29.32 -17.45
C LYS A 4 21.59 -28.43 -17.76
N VAL A 5 21.55 -27.33 -17.01
CA VAL A 5 20.49 -26.35 -17.18
C VAL A 5 21.01 -24.95 -17.41
N GLY A 6 20.07 -24.21 -17.99
CA GLY A 6 20.23 -22.80 -18.24
C GLY A 6 18.87 -22.16 -18.09
N ILE A 7 18.89 -21.01 -17.42
CA ILE A 7 17.66 -20.28 -17.19
C ILE A 7 17.50 -19.12 -18.18
N ASN A 8 16.48 -19.15 -19.05
CA ASN A 8 16.23 -18.00 -19.91
C ASN A 8 15.17 -17.06 -19.31
N GLY A 9 15.67 -15.95 -18.70
CA GLY A 9 14.82 -14.93 -18.12
C GLY A 9 14.91 -15.00 -16.61
N PHE A 10 15.91 -14.28 -16.10
CA PHE A 10 16.23 -14.34 -14.69
C PHE A 10 15.50 -13.25 -13.86
N GLY A 11 14.14 -13.33 -13.77
CA GLY A 11 13.35 -12.35 -13.03
C GLY A 11 12.87 -12.89 -11.69
N ARG A 12 11.57 -12.79 -11.40
CA ARG A 12 11.06 -13.28 -10.14
C ARG A 12 11.15 -14.78 -10.13
N ILE A 13 10.52 -15.51 -11.07
CA ILE A 13 10.61 -16.95 -11.08
C ILE A 13 12.00 -17.44 -11.42
N GLY A 14 12.77 -16.74 -12.24
CA GLY A 14 14.12 -17.15 -12.60
C GLY A 14 15.05 -17.06 -11.43
N ARG A 15 14.93 -16.07 -10.55
CA ARG A 15 15.82 -15.98 -9.39
C ARG A 15 15.37 -16.84 -8.20
N MET A 16 14.07 -17.18 -8.20
CA MET A 16 13.51 -18.04 -7.17
C MET A 16 13.67 -19.48 -7.62
N VAL A 17 13.73 -19.80 -8.92
CA VAL A 17 14.14 -21.13 -9.36
C VAL A 17 15.63 -21.24 -9.04
N PHE A 18 16.45 -20.19 -9.25
CA PHE A 18 17.87 -20.26 -8.92
C PHE A 18 18.10 -20.44 -7.43
N GLN A 19 17.40 -19.70 -6.55
CA GLN A 19 17.56 -19.84 -5.11
C GLN A 19 17.03 -21.20 -4.67
N ALA A 20 16.00 -21.77 -5.31
CA ALA A 20 15.49 -23.10 -5.00
C ALA A 20 16.53 -24.15 -5.27
N ILE A 21 17.23 -24.07 -6.43
CA ILE A 21 18.35 -24.95 -6.81
C ILE A 21 19.41 -24.83 -5.73
N CYS A 22 20.00 -23.64 -5.46
CA CYS A 22 21.01 -23.53 -4.42
C CYS A 22 20.62 -23.98 -3.01
N ASP A 23 19.49 -23.47 -2.49
CA ASP A 23 18.97 -23.77 -1.16
C ASP A 23 18.79 -25.26 -0.91
N GLN A 24 18.08 -26.00 -1.79
CA GLN A 24 17.95 -27.45 -1.68
C GLN A 24 19.30 -28.19 -1.67
N GLY A 25 20.43 -27.49 -1.94
CA GLY A 25 21.77 -28.04 -1.91
C GLY A 25 22.20 -28.73 -3.20
N LEU A 26 21.54 -28.38 -4.30
CA LEU A 26 21.77 -28.94 -5.62
C LEU A 26 22.84 -28.28 -6.50
N ILE A 27 23.13 -26.97 -6.42
CA ILE A 27 24.09 -26.28 -7.29
C ILE A 27 25.41 -26.99 -7.31
N GLY A 28 25.96 -27.26 -8.50
CA GLY A 28 27.21 -27.99 -8.63
C GLY A 28 27.14 -29.50 -8.49
N THR A 29 26.42 -30.05 -7.49
CA THR A 29 26.37 -31.48 -7.19
C THR A 29 25.40 -32.38 -7.95
N GLU A 30 24.26 -31.82 -8.33
CA GLU A 30 23.19 -32.55 -8.98
C GLU A 30 22.64 -31.74 -10.14
N ILE A 31 22.77 -30.40 -10.02
CA ILE A 31 22.37 -29.43 -11.02
C ILE A 31 23.48 -28.42 -11.16
N ASP A 32 23.78 -28.29 -12.43
CA ASP A 32 24.78 -27.36 -12.88
C ASP A 32 24.02 -26.31 -13.69
N VAL A 33 24.02 -25.10 -13.15
CA VAL A 33 23.39 -24.03 -13.86
C VAL A 33 24.54 -23.42 -14.62
N VAL A 34 24.49 -23.77 -15.92
CA VAL A 34 25.51 -23.40 -16.90
C VAL A 34 25.48 -21.92 -17.16
N ALA A 35 24.27 -21.45 -17.47
CA ALA A 35 24.08 -20.06 -17.71
C ALA A 35 22.67 -19.56 -17.40
N VAL A 36 22.67 -18.27 -17.12
CA VAL A 36 21.44 -17.50 -16.94
C VAL A 36 21.44 -16.41 -18.03
N VAL A 37 20.27 -16.13 -18.59
CA VAL A 37 20.10 -15.20 -19.69
C VAL A 37 19.17 -14.05 -19.33
N ASP A 38 19.67 -12.81 -19.43
CA ASP A 38 18.74 -11.71 -19.27
C ASP A 38 19.17 -10.50 -20.09
N MET A 39 18.42 -9.41 -19.93
CA MET A 39 18.64 -8.16 -20.63
C MET A 39 20.01 -7.56 -20.46
N SER A 40 20.75 -8.08 -19.51
CA SER A 40 22.10 -7.67 -19.35
C SER A 40 22.97 -8.92 -19.26
N THR A 41 24.25 -8.58 -19.08
CA THR A 41 25.31 -9.54 -18.83
C THR A 41 26.24 -8.97 -17.75
N ASN A 42 25.82 -7.89 -17.07
CA ASN A 42 26.63 -7.33 -16.00
C ASN A 42 26.32 -8.20 -14.83
N ALA A 43 27.23 -9.13 -14.58
CA ALA A 43 27.12 -10.00 -13.43
C ALA A 43 27.13 -9.21 -12.13
N GLU A 44 27.67 -7.97 -12.01
CA GLU A 44 27.53 -7.18 -10.77
C GLU A 44 26.11 -6.77 -10.44
N TYR A 45 25.34 -6.48 -11.49
CA TYR A 45 23.93 -6.12 -11.33
C TYR A 45 23.14 -7.35 -10.98
N PHE A 46 23.36 -8.48 -11.67
CA PHE A 46 22.69 -9.75 -11.38
C PHE A 46 22.88 -10.20 -9.94
N ALA A 47 24.04 -9.86 -9.41
CA ALA A 47 24.41 -10.21 -8.05
C ALA A 47 23.84 -9.23 -7.03
N TYR A 48 23.52 -8.02 -7.47
CA TYR A 48 22.82 -7.08 -6.59
C TYR A 48 21.41 -7.64 -6.46
N GLN A 49 20.81 -8.10 -7.56
CA GLN A 49 19.47 -8.62 -7.51
C GLN A 49 19.29 -9.90 -6.70
N MET A 50 20.32 -10.75 -6.66
CA MET A 50 20.29 -12.04 -5.94
C MET A 50 20.38 -11.91 -4.41
N LYS A 51 21.38 -11.12 -3.98
CA LYS A 51 21.63 -10.87 -2.57
C LYS A 51 20.53 -10.15 -1.83
N HIS A 52 19.82 -9.19 -2.42
CA HIS A 52 18.76 -8.47 -1.73
C HIS A 52 17.40 -8.60 -2.39
N ASP A 53 16.47 -9.29 -1.71
CA ASP A 53 15.14 -9.40 -2.23
C ASP A 53 14.20 -8.79 -1.22
N THR A 54 13.30 -7.99 -1.79
CA THR A 54 12.32 -7.26 -1.03
C THR A 54 11.37 -8.23 -0.33
N VAL A 55 10.82 -9.26 -1.00
CA VAL A 55 9.90 -10.21 -0.40
C VAL A 55 10.50 -11.49 0.19
N HIS A 56 11.64 -12.02 -0.24
CA HIS A 56 12.16 -13.26 0.34
C HIS A 56 13.53 -13.17 1.02
N GLY A 57 14.00 -11.96 1.32
CA GLY A 57 15.22 -11.73 2.04
C GLY A 57 16.51 -12.07 1.32
N ARG A 58 17.56 -11.86 2.11
CA ARG A 58 18.93 -12.21 1.76
C ARG A 58 18.94 -13.72 1.50
N PRO A 59 19.41 -14.31 0.37
CA PRO A 59 19.50 -15.76 0.16
C PRO A 59 20.52 -16.49 1.04
N LYS A 60 20.57 -17.82 1.16
CA LYS A 60 21.62 -18.44 1.98
C LYS A 60 23.00 -18.55 1.31
N TYR A 61 23.03 -18.70 -0.03
CA TYR A 61 24.26 -18.79 -0.82
C TYR A 61 25.05 -17.48 -0.94
N THR A 62 26.28 -17.53 -1.43
CA THR A 62 26.94 -16.28 -1.77
C THR A 62 27.08 -16.13 -3.28
N VAL A 63 26.92 -14.89 -3.75
CA VAL A 63 27.07 -14.57 -5.14
C VAL A 63 28.22 -13.60 -5.21
N GLU A 64 29.10 -13.93 -6.16
CA GLU A 64 30.25 -13.11 -6.54
C GLU A 64 30.22 -12.73 -8.00
N ALA A 65 30.74 -11.58 -8.38
CA ALA A 65 30.78 -11.27 -9.79
C ALA A 65 32.21 -11.14 -10.29
N VAL A 66 32.53 -12.07 -11.20
CA VAL A 66 33.85 -12.14 -11.84
C VAL A 66 33.86 -11.87 -13.35
N LYS A 67 35.05 -11.44 -13.80
CA LYS A 67 35.34 -11.25 -15.22
C LYS A 67 35.82 -12.58 -15.79
N SER A 68 35.29 -13.01 -16.93
CA SER A 68 35.72 -14.25 -17.56
C SER A 68 37.15 -14.09 -18.06
N SER A 69 37.38 -12.89 -18.59
CA SER A 69 38.68 -12.46 -19.09
C SER A 69 38.81 -11.03 -18.56
N PRO A 70 39.99 -10.52 -18.19
CA PRO A 70 40.25 -9.09 -18.03
C PRO A 70 40.07 -8.21 -19.28
N SER A 71 39.82 -8.90 -20.40
CA SER A 71 39.52 -8.31 -21.69
C SER A 71 38.08 -7.83 -21.77
N VAL A 72 37.17 -8.31 -20.91
CA VAL A 72 35.81 -7.80 -20.91
C VAL A 72 35.77 -6.60 -19.98
N GLU A 73 34.85 -5.68 -20.31
CA GLU A 73 34.68 -4.43 -19.56
C GLU A 73 34.13 -4.52 -18.14
N THR A 74 33.08 -5.34 -17.99
CA THR A 74 32.44 -5.57 -16.70
C THR A 74 32.20 -7.05 -16.55
N ALA A 75 32.21 -7.42 -15.26
CA ALA A 75 32.03 -8.78 -14.79
C ALA A 75 30.90 -9.48 -15.50
N ASP A 76 31.16 -10.67 -16.02
CA ASP A 76 30.14 -11.35 -16.80
C ASP A 76 29.87 -12.80 -16.37
N VAL A 77 30.49 -13.16 -15.26
CA VAL A 77 30.32 -14.49 -14.72
C VAL A 77 29.96 -14.40 -13.24
N LEU A 78 28.98 -15.22 -12.89
CA LEU A 78 28.47 -15.34 -11.54
C LEU A 78 29.10 -16.55 -10.88
N VAL A 79 29.70 -16.33 -9.72
CA VAL A 79 30.27 -17.43 -8.95
C VAL A 79 29.41 -17.61 -7.70
N VAL A 80 28.47 -18.55 -7.79
CA VAL A 80 27.61 -18.83 -6.67
C VAL A 80 28.15 -20.05 -5.95
N ASN A 81 28.76 -19.79 -4.79
CA ASN A 81 29.40 -20.82 -3.94
C ASN A 81 30.49 -21.57 -4.69
N GLY A 82 31.47 -20.83 -5.23
CA GLY A 82 32.55 -21.46 -5.98
C GLY A 82 32.20 -21.97 -7.39
N HIS A 83 30.90 -22.10 -7.75
CA HIS A 83 30.42 -22.58 -9.06
C HIS A 83 30.20 -21.40 -10.01
N ARG A 84 30.56 -21.60 -11.28
CA ARG A 84 30.45 -20.55 -12.30
C ARG A 84 29.37 -20.77 -13.35
N ILE A 85 28.49 -19.77 -13.28
CA ILE A 85 27.37 -19.64 -14.16
C ILE A 85 27.80 -18.51 -15.09
N LYS A 86 27.52 -18.62 -16.38
CA LYS A 86 27.84 -17.54 -17.28
C LYS A 86 26.64 -16.66 -17.59
N CYS A 87 26.87 -15.35 -17.74
CA CYS A 87 25.80 -14.42 -18.10
C CYS A 87 25.78 -14.19 -19.61
N VAL A 88 24.90 -14.92 -20.29
CA VAL A 88 24.69 -14.82 -21.72
C VAL A 88 23.66 -13.77 -22.07
N LYS A 89 23.88 -12.96 -23.12
CA LYS A 89 22.95 -11.93 -23.55
C LYS A 89 21.66 -12.51 -24.08
N ALA A 90 20.64 -11.72 -23.79
CA ALA A 90 19.30 -12.07 -24.19
C ALA A 90 19.04 -11.94 -25.68
N GLN A 91 18.57 -13.06 -26.24
CA GLN A 91 18.16 -13.11 -27.64
C GLN A 91 16.67 -12.94 -27.79
N ARG A 92 16.25 -12.26 -28.86
CA ARG A 92 14.82 -12.11 -29.12
C ARG A 92 14.19 -13.39 -29.66
N ASN A 93 15.02 -14.37 -30.08
CA ASN A 93 14.48 -15.66 -30.46
C ASN A 93 15.27 -16.73 -29.74
N PRO A 94 14.60 -17.67 -29.05
CA PRO A 94 15.17 -18.88 -28.44
C PRO A 94 16.21 -19.67 -29.21
N ALA A 95 15.99 -19.60 -30.52
CA ALA A 95 16.80 -20.23 -31.54
C ALA A 95 18.25 -19.77 -31.63
N ASP A 96 18.44 -18.47 -31.43
CA ASP A 96 19.76 -17.92 -31.51
C ASP A 96 20.54 -18.03 -30.20
N LEU A 97 19.99 -18.79 -29.25
CA LEU A 97 20.66 -19.01 -28.00
C LEU A 97 21.62 -20.19 -28.08
N PRO A 98 22.89 -19.95 -27.66
CA PRO A 98 23.99 -20.92 -27.71
C PRO A 98 23.91 -22.12 -26.76
N TRP A 99 22.85 -22.91 -26.89
CA TRP A 99 22.64 -23.94 -25.87
C TRP A 99 23.55 -25.11 -26.08
N GLY A 100 23.49 -25.63 -27.31
CA GLY A 100 24.33 -26.74 -27.72
C GLY A 100 25.80 -26.45 -27.49
N LYS A 101 26.21 -25.19 -27.67
CA LYS A 101 27.58 -24.80 -27.39
C LYS A 101 27.87 -24.87 -25.88
N LEU A 102 27.05 -24.16 -25.07
CA LEU A 102 27.29 -24.05 -23.64
C LEU A 102 27.22 -25.36 -22.87
N GLY A 103 26.46 -26.27 -23.47
CA GLY A 103 26.28 -27.61 -22.97
C GLY A 103 24.92 -27.82 -22.34
N VAL A 104 24.02 -26.85 -22.52
CA VAL A 104 22.73 -26.84 -21.87
C VAL A 104 21.73 -27.80 -22.50
N ASP A 105 21.12 -28.68 -21.67
CA ASP A 105 20.15 -29.71 -22.08
C ASP A 105 18.71 -29.47 -21.66
N TYR A 106 18.57 -28.83 -20.50
CA TYR A 106 17.27 -28.48 -19.93
C TYR A 106 17.21 -26.97 -19.79
N VAL A 107 16.17 -26.42 -20.40
CA VAL A 107 16.03 -24.99 -20.38
C VAL A 107 14.75 -24.70 -19.67
N ILE A 108 14.93 -23.74 -18.75
CA ILE A 108 13.82 -23.22 -17.98
C ILE A 108 13.51 -21.89 -18.68
N GLU A 109 12.33 -21.95 -19.26
CA GLU A 109 11.79 -20.85 -20.01
C GLU A 109 10.90 -19.95 -19.16
N SER A 110 11.63 -19.06 -18.49
CA SER A 110 10.98 -18.12 -17.62
C SER A 110 11.02 -16.62 -17.99
N THR A 111 11.06 -16.29 -19.31
CA THR A 111 10.99 -14.89 -19.77
C THR A 111 9.54 -14.44 -19.76
N GLY A 112 8.70 -15.38 -20.19
CA GLY A 112 7.30 -15.13 -20.28
C GLY A 112 6.87 -14.56 -21.61
N LEU A 113 7.73 -14.66 -22.63
CA LEU A 113 7.46 -14.16 -23.98
C LEU A 113 7.26 -15.31 -24.98
N PHE A 114 7.80 -16.48 -24.67
CA PHE A 114 7.77 -17.62 -25.58
C PHE A 114 6.98 -18.77 -24.96
N THR A 115 5.76 -18.46 -24.50
CA THR A 115 4.89 -19.46 -23.87
C THR A 115 4.25 -20.43 -24.85
N ASP A 116 4.28 -20.13 -26.15
CA ASP A 116 3.78 -21.10 -27.09
C ASP A 116 4.89 -22.08 -27.42
N LYS A 117 4.44 -23.32 -27.31
CA LYS A 117 5.15 -24.53 -27.70
C LYS A 117 6.22 -24.41 -28.75
N LEU A 118 5.85 -23.74 -29.84
CA LEU A 118 6.71 -23.58 -31.00
C LEU A 118 7.82 -22.58 -30.90
N LYS A 119 7.59 -21.40 -30.31
CA LYS A 119 8.70 -20.47 -30.10
C LYS A 119 9.63 -21.04 -29.02
N ALA A 120 9.05 -21.91 -28.17
CA ALA A 120 9.75 -22.66 -27.13
C ALA A 120 10.64 -23.74 -27.69
N GLU A 121 10.24 -24.33 -28.85
CA GLU A 121 11.08 -25.31 -29.55
C GLU A 121 12.31 -24.67 -30.13
N GLY A 122 12.25 -23.34 -30.28
CA GLY A 122 13.37 -22.51 -30.68
C GLY A 122 14.59 -22.77 -29.82
N HIS A 123 14.49 -23.20 -28.56
CA HIS A 123 15.67 -23.49 -27.77
C HIS A 123 16.33 -24.80 -28.17
N ILE A 124 15.50 -25.79 -28.51
CA ILE A 124 15.92 -27.15 -28.92
C ILE A 124 16.74 -27.23 -30.22
N LYS A 125 16.26 -26.45 -31.21
CA LYS A 125 16.95 -26.32 -32.46
C LYS A 125 18.32 -25.73 -32.22
N GLY A 126 18.36 -24.74 -31.32
CA GLY A 126 19.56 -24.05 -30.89
C GLY A 126 20.42 -24.90 -29.96
N GLY A 127 19.99 -26.12 -29.60
CA GLY A 127 20.87 -27.00 -28.84
C GLY A 127 20.30 -27.72 -27.61
N ALA A 128 19.29 -27.18 -26.93
CA ALA A 128 18.72 -27.82 -25.74
C ALA A 128 17.96 -29.11 -26.02
N LYS A 129 18.05 -30.13 -25.19
CA LYS A 129 17.29 -31.35 -25.45
C LYS A 129 15.87 -31.26 -24.86
N LYS A 130 15.67 -30.40 -23.84
CA LYS A 130 14.42 -30.24 -23.13
C LYS A 130 14.19 -28.81 -22.62
N VAL A 131 12.90 -28.44 -22.54
CA VAL A 131 12.40 -27.12 -22.14
C VAL A 131 11.18 -27.16 -21.20
N VAL A 132 11.26 -26.46 -20.07
CA VAL A 132 10.21 -26.31 -19.05
C VAL A 132 9.74 -24.86 -19.12
N ILE A 133 8.52 -24.55 -19.57
CA ILE A 133 7.98 -23.19 -19.60
C ILE A 133 7.30 -22.95 -18.24
N SER A 134 7.76 -21.88 -17.57
CA SER A 134 7.22 -21.51 -16.28
C SER A 134 5.84 -20.81 -16.36
N ALA A 135 4.90 -21.35 -17.12
CA ALA A 135 3.64 -20.69 -17.43
C ALA A 135 2.77 -21.66 -18.21
N PRO A 136 1.42 -21.56 -18.32
CA PRO A 136 0.60 -22.43 -19.18
C PRO A 136 1.02 -22.27 -20.64
N ALA A 137 1.03 -23.37 -21.38
CA ALA A 137 1.47 -23.28 -22.76
C ALA A 137 0.45 -23.70 -23.79
N SER A 138 0.62 -22.96 -24.89
CA SER A 138 -0.18 -23.06 -26.11
C SER A 138 0.57 -23.77 -27.23
N GLY A 139 -0.12 -24.30 -28.24
CA GLY A 139 0.53 -25.06 -29.30
C GLY A 139 0.75 -26.51 -28.89
N GLY A 140 0.05 -26.96 -27.86
CA GLY A 140 0.12 -28.34 -27.42
C GLY A 140 1.34 -28.75 -26.63
N ALA A 141 1.77 -27.99 -25.60
CA ALA A 141 2.83 -28.49 -24.72
C ALA A 141 2.19 -29.26 -23.56
N LYS A 142 2.99 -30.19 -23.01
CA LYS A 142 2.52 -31.03 -21.94
C LYS A 142 2.56 -30.30 -20.60
N THR A 143 1.35 -30.06 -20.10
CA THR A 143 1.16 -29.41 -18.83
C THR A 143 1.16 -30.47 -17.74
N ILE A 144 2.10 -30.28 -16.80
CA ILE A 144 2.33 -31.13 -15.63
C ILE A 144 2.41 -30.31 -14.34
N VAL A 145 1.55 -30.67 -13.37
CA VAL A 145 1.63 -30.17 -12.00
C VAL A 145 2.28 -31.32 -11.23
N MET A 146 3.44 -31.08 -10.60
CA MET A 146 4.02 -32.14 -9.80
C MET A 146 3.10 -32.56 -8.65
N GLY A 147 3.17 -33.87 -8.41
CA GLY A 147 2.33 -34.50 -7.41
C GLY A 147 0.93 -34.79 -7.93
N VAL A 148 0.60 -34.51 -9.20
CA VAL A 148 -0.73 -34.81 -9.71
C VAL A 148 -0.72 -35.67 -10.98
N ASN A 149 0.21 -35.38 -11.90
CA ASN A 149 0.20 -36.10 -13.16
C ASN A 149 1.59 -36.21 -13.73
N GLN A 150 2.66 -35.96 -12.98
CA GLN A 150 3.98 -36.08 -13.57
C GLN A 150 4.32 -37.47 -14.10
N HIS A 151 3.56 -38.49 -13.66
CA HIS A 151 3.70 -39.85 -14.17
C HIS A 151 3.34 -40.02 -15.65
N GLU A 152 2.71 -38.97 -16.24
CA GLU A 152 2.30 -38.94 -17.63
C GLU A 152 3.38 -38.47 -18.59
N TYR A 153 4.45 -37.87 -18.05
CA TYR A 153 5.61 -37.45 -18.83
C TYR A 153 6.35 -38.62 -19.49
N SER A 154 6.57 -38.54 -20.82
CA SER A 154 7.32 -39.60 -21.50
C SER A 154 8.47 -38.97 -22.28
N PRO A 155 9.69 -39.39 -21.98
CA PRO A 155 10.94 -38.81 -22.50
C PRO A 155 11.04 -38.73 -24.01
N ALA A 156 10.29 -39.67 -24.58
CA ALA A 156 10.19 -39.84 -26.00
C ALA A 156 9.29 -38.78 -26.61
N SER A 157 8.07 -38.66 -26.09
CA SER A 157 7.07 -37.79 -26.70
C SER A 157 7.09 -36.32 -26.31
N HIS A 158 7.44 -36.02 -25.05
CA HIS A 158 7.34 -34.68 -24.49
C HIS A 158 8.66 -33.97 -24.29
N HIS A 159 8.93 -32.99 -25.16
CA HIS A 159 10.19 -32.25 -25.07
C HIS A 159 10.02 -30.83 -24.57
N VAL A 160 8.81 -30.28 -24.82
CA VAL A 160 8.39 -28.95 -24.37
C VAL A 160 7.29 -29.16 -23.31
N VAL A 161 7.70 -29.01 -22.05
CA VAL A 161 6.79 -29.22 -20.94
C VAL A 161 6.44 -27.89 -20.28
N SER A 162 5.13 -27.74 -20.05
CA SER A 162 4.55 -26.65 -19.29
C SER A 162 4.34 -27.00 -17.82
N ASN A 163 4.92 -26.24 -16.87
CA ASN A 163 4.63 -26.48 -15.45
C ASN A 163 3.34 -25.77 -14.97
N ALA A 164 2.42 -25.43 -15.88
CA ALA A 164 1.22 -24.67 -15.60
C ALA A 164 1.50 -23.39 -14.80
N SER A 165 0.46 -22.69 -14.29
CA SER A 165 0.59 -21.45 -13.53
C SER A 165 0.70 -21.67 -12.05
N CYS A 166 1.01 -20.61 -11.31
CA CYS A 166 1.01 -20.73 -9.86
C CYS A 166 -0.38 -21.08 -9.33
N THR A 167 -1.51 -20.55 -9.81
CA THR A 167 -2.84 -20.90 -9.31
C THR A 167 -3.24 -22.32 -9.67
N THR A 168 -2.74 -22.93 -10.77
CA THR A 168 -3.11 -24.30 -11.08
C THR A 168 -2.29 -25.20 -10.21
N ASN A 169 -1.02 -24.89 -9.91
CA ASN A 169 -0.28 -25.63 -8.92
C ASN A 169 -0.90 -25.41 -7.53
N CYS A 170 -1.88 -24.53 -7.30
CA CYS A 170 -2.54 -24.49 -6.01
C CYS A 170 -3.88 -25.19 -6.07
N LEU A 171 -4.61 -24.98 -7.17
CA LEU A 171 -5.94 -25.56 -7.31
C LEU A 171 -5.90 -27.03 -7.70
N ALA A 172 -4.88 -27.50 -8.41
CA ALA A 172 -4.92 -28.86 -8.91
C ALA A 172 -4.67 -29.92 -7.85
N PRO A 173 -3.78 -29.80 -6.85
CA PRO A 173 -3.79 -30.64 -5.66
C PRO A 173 -5.15 -30.84 -5.03
N ILE A 174 -5.89 -29.80 -4.63
CA ILE A 174 -7.20 -29.93 -4.04
C ILE A 174 -8.18 -30.59 -5.00
N VAL A 175 -8.21 -30.33 -6.31
CA VAL A 175 -9.17 -31.05 -7.16
C VAL A 175 -8.75 -32.50 -7.34
N HIS A 176 -7.44 -32.77 -7.24
CA HIS A 176 -6.96 -34.12 -7.38
C HIS A 176 -7.45 -34.94 -6.20
N VAL A 177 -7.25 -34.57 -4.91
CA VAL A 177 -7.73 -35.44 -3.84
C VAL A 177 -9.23 -35.36 -3.80
N LEU A 178 -9.95 -34.36 -4.31
CA LEU A 178 -11.40 -34.37 -4.24
C LEU A 178 -11.96 -35.41 -5.18
N THR A 179 -11.22 -35.76 -6.23
CA THR A 179 -11.71 -36.79 -7.13
C THR A 179 -11.23 -38.19 -6.74
N LYS A 180 -10.01 -38.23 -6.17
CA LYS A 180 -9.35 -39.44 -5.72
C LYS A 180 -10.01 -40.04 -4.48
N GLU A 181 -10.57 -39.17 -3.63
CA GLU A 181 -11.30 -39.60 -2.46
C GLU A 181 -12.81 -39.57 -2.74
N ASN A 182 -13.16 -39.61 -4.03
CA ASN A 182 -14.52 -39.73 -4.55
C ASN A 182 -15.69 -38.87 -4.10
N PHE A 183 -15.43 -37.68 -3.56
CA PHE A 183 -16.49 -36.71 -3.30
C PHE A 183 -16.96 -36.30 -4.67
N GLY A 184 -15.96 -35.98 -5.51
CA GLY A 184 -16.14 -35.61 -6.92
C GLY A 184 -16.72 -34.22 -7.17
N ILE A 185 -16.27 -33.48 -8.20
CA ILE A 185 -16.88 -32.18 -8.48
C ILE A 185 -17.76 -32.19 -9.74
N GLU A 186 -19.04 -31.98 -9.49
CA GLU A 186 -20.06 -31.85 -10.52
C GLU A 186 -19.71 -30.62 -11.36
N THR A 187 -19.83 -29.41 -10.80
CA THR A 187 -19.47 -28.16 -11.44
C THR A 187 -18.77 -27.31 -10.41
N GLY A 188 -18.12 -26.24 -10.82
CA GLY A 188 -17.42 -25.40 -9.87
C GLY A 188 -16.80 -24.18 -10.52
N LEU A 189 -16.80 -23.10 -9.77
CA LEU A 189 -16.20 -21.85 -10.19
C LEU A 189 -15.09 -21.49 -9.20
N MET A 190 -13.99 -20.79 -9.52
CA MET A 190 -12.98 -20.44 -8.53
C MET A 190 -12.56 -18.96 -8.54
N THR A 191 -12.10 -18.39 -7.44
CA THR A 191 -11.61 -17.03 -7.44
C THR A 191 -10.27 -17.10 -6.78
N THR A 192 -9.25 -16.45 -7.33
CA THR A 192 -8.05 -16.31 -6.56
C THR A 192 -7.94 -14.83 -6.28
N ILE A 193 -7.67 -14.54 -5.01
CA ILE A 193 -7.40 -13.21 -4.49
C ILE A 193 -5.89 -13.27 -4.64
N HIS A 194 -5.28 -12.50 -5.56
CA HIS A 194 -3.89 -12.72 -5.94
C HIS A 194 -3.07 -11.46 -5.86
N SER A 195 -1.83 -11.66 -5.45
CA SER A 195 -0.86 -10.60 -5.35
C SER A 195 -0.51 -9.96 -6.68
N TYR A 196 -0.22 -8.67 -6.80
CA TYR A 196 0.17 -8.10 -8.09
C TYR A 196 1.54 -8.58 -8.57
N THR A 197 1.66 -8.62 -9.89
CA THR A 197 2.87 -9.11 -10.53
C THR A 197 3.61 -8.10 -11.36
N ALA A 198 4.72 -8.66 -11.80
CA ALA A 198 5.62 -7.96 -12.69
C ALA A 198 4.90 -7.41 -13.91
N THR A 199 3.81 -8.05 -14.41
CA THR A 199 3.01 -7.59 -15.56
C THR A 199 1.98 -6.50 -15.25
N GLN A 200 2.03 -5.91 -14.05
CA GLN A 200 1.10 -4.88 -13.66
C GLN A 200 1.84 -3.58 -13.54
N LYS A 201 1.06 -2.51 -13.45
CA LYS A 201 1.62 -1.18 -13.53
C LYS A 201 1.58 -0.35 -12.27
N THR A 202 2.63 0.39 -11.90
CA THR A 202 2.60 1.26 -10.74
C THR A 202 1.58 2.38 -10.82
N VAL A 203 1.46 3.08 -11.95
CA VAL A 203 0.36 4.05 -12.13
C VAL A 203 -0.46 3.60 -13.35
N ASP A 204 -1.61 4.18 -13.64
CA ASP A 204 -2.43 3.76 -14.75
C ASP A 204 -1.64 3.98 -16.02
N GLY A 205 -1.49 2.85 -16.72
CA GLY A 205 -0.73 2.76 -17.93
C GLY A 205 -1.36 1.80 -18.91
N VAL A 206 -0.52 1.41 -19.86
CA VAL A 206 -0.92 0.63 -21.03
C VAL A 206 -0.91 -0.87 -20.84
N SER A 207 -2.03 -1.45 -21.19
CA SER A 207 -2.22 -2.89 -21.20
C SER A 207 -3.33 -3.04 -22.21
N LEU A 208 -3.04 -3.43 -23.44
CA LEU A 208 -4.07 -3.40 -24.47
C LEU A 208 -5.02 -4.59 -24.56
N LYS A 209 -4.48 -5.72 -24.11
CA LYS A 209 -5.18 -7.00 -24.13
C LYS A 209 -6.08 -7.21 -22.91
N ASP A 210 -5.71 -6.78 -21.68
CA ASP A 210 -6.65 -6.71 -20.57
C ASP A 210 -6.56 -5.30 -20.02
N TRP A 211 -7.73 -4.64 -20.19
CA TRP A 211 -7.84 -3.22 -19.93
C TRP A 211 -7.65 -2.86 -18.49
N ARG A 212 -8.30 -3.60 -17.58
CA ARG A 212 -8.24 -3.31 -16.14
C ARG A 212 -6.83 -3.46 -15.62
N GLY A 213 -6.05 -4.40 -16.18
CA GLY A 213 -4.71 -4.78 -15.74
C GLY A 213 -3.59 -3.75 -15.82
N GLY A 214 -3.88 -2.61 -16.48
CA GLY A 214 -2.94 -1.52 -16.63
C GLY A 214 -3.20 -0.47 -15.55
N ARG A 215 -4.24 -0.66 -14.74
CA ARG A 215 -4.58 0.26 -13.70
C ARG A 215 -3.62 0.19 -12.52
N ALA A 216 -3.48 1.25 -11.71
CA ALA A 216 -2.51 1.27 -10.63
C ALA A 216 -2.77 0.03 -9.78
N ALA A 217 -1.71 -0.76 -9.75
CA ALA A 217 -1.71 -2.08 -9.15
C ALA A 217 -1.92 -2.25 -7.66
N ALA A 218 -1.27 -1.29 -7.00
CA ALA A 218 -1.14 -1.26 -5.56
C ALA A 218 -2.16 -0.39 -4.82
N VAL A 219 -3.23 -0.05 -5.51
CA VAL A 219 -4.20 0.82 -4.91
C VAL A 219 -5.57 0.53 -5.53
N ASN A 220 -5.68 -0.66 -6.15
CA ASN A 220 -6.93 -1.10 -6.75
C ASN A 220 -7.21 -2.57 -6.62
N ILE A 221 -8.49 -2.98 -6.60
CA ILE A 221 -8.84 -4.40 -6.67
C ILE A 221 -9.15 -4.41 -8.15
N ILE A 222 -8.26 -5.10 -8.87
CA ILE A 222 -8.36 -5.19 -10.31
C ILE A 222 -8.95 -6.55 -10.64
N PRO A 223 -10.20 -6.77 -11.10
CA PRO A 223 -10.71 -8.07 -11.55
C PRO A 223 -9.94 -8.50 -12.74
N SER A 224 -9.67 -9.78 -12.92
CA SER A 224 -9.06 -10.21 -14.16
C SER A 224 -9.20 -11.70 -14.37
N THR A 225 -8.37 -12.25 -15.25
CA THR A 225 -8.35 -13.67 -15.52
C THR A 225 -7.19 -14.37 -14.89
N THR A 226 -7.53 -15.64 -14.68
CA THR A 226 -6.56 -16.60 -14.21
C THR A 226 -6.15 -17.66 -15.21
N GLY A 227 -4.99 -18.20 -14.88
CA GLY A 227 -4.31 -19.22 -15.67
C GLY A 227 -4.80 -20.60 -15.35
N ALA A 228 -5.31 -20.82 -14.13
CA ALA A 228 -5.88 -22.10 -13.76
C ALA A 228 -7.26 -22.38 -14.37
N ALA A 229 -7.78 -21.42 -15.17
CA ALA A 229 -9.07 -21.62 -15.82
C ALA A 229 -8.96 -22.63 -16.96
N LYS A 230 -7.80 -22.57 -17.65
CA LYS A 230 -7.49 -23.53 -18.69
C LYS A 230 -6.75 -24.74 -18.11
N ALA A 231 -5.59 -24.44 -17.52
CA ALA A 231 -4.70 -25.45 -17.04
C ALA A 231 -5.26 -26.57 -16.18
N VAL A 232 -6.29 -26.43 -15.31
CA VAL A 232 -6.70 -27.57 -14.48
C VAL A 232 -7.44 -28.65 -15.24
N GLY A 233 -7.99 -28.32 -16.42
CA GLY A 233 -8.61 -29.30 -17.31
C GLY A 233 -7.57 -30.06 -18.14
N MET A 234 -6.46 -29.40 -18.50
CA MET A 234 -5.37 -30.02 -19.25
C MET A 234 -4.73 -31.14 -18.42
N VAL A 235 -4.58 -30.85 -17.13
CA VAL A 235 -3.97 -31.72 -16.12
C VAL A 235 -4.97 -32.75 -15.61
N ILE A 236 -6.19 -32.33 -15.30
CA ILE A 236 -7.21 -33.25 -14.81
C ILE A 236 -8.31 -33.29 -15.86
N PRO A 237 -8.31 -34.27 -16.77
CA PRO A 237 -9.25 -34.36 -17.90
C PRO A 237 -10.74 -34.48 -17.57
N SER A 238 -10.95 -34.85 -16.30
CA SER A 238 -12.26 -35.01 -15.66
C SER A 238 -12.96 -33.67 -15.51
N THR A 239 -12.15 -32.66 -15.19
CA THR A 239 -12.64 -31.31 -14.99
C THR A 239 -12.82 -30.49 -16.26
N LYS A 240 -12.68 -31.13 -17.43
CA LYS A 240 -12.91 -30.48 -18.71
C LYS A 240 -14.33 -29.93 -18.85
N GLY A 241 -14.43 -28.61 -18.64
CA GLY A 241 -15.70 -27.89 -18.78
C GLY A 241 -16.56 -27.80 -17.54
N LYS A 242 -16.17 -28.45 -16.44
CA LYS A 242 -16.92 -28.40 -15.18
C LYS A 242 -16.45 -27.27 -14.28
N LEU A 243 -15.17 -26.89 -14.39
CA LEU A 243 -14.57 -25.85 -13.59
C LEU A 243 -13.90 -24.70 -14.39
N THR A 244 -14.15 -23.47 -13.92
CA THR A 244 -13.57 -22.22 -14.42
C THR A 244 -13.35 -21.24 -13.27
N GLY A 245 -12.75 -20.07 -13.50
CA GLY A 245 -12.57 -19.13 -12.42
C GLY A 245 -12.02 -17.78 -12.86
N MET A 246 -11.75 -16.93 -11.88
CA MET A 246 -11.24 -15.59 -12.13
C MET A 246 -10.31 -15.18 -11.03
N SER A 247 -9.68 -14.04 -11.25
CA SER A 247 -8.66 -13.56 -10.35
C SER A 247 -9.02 -12.20 -9.87
N PHE A 248 -8.64 -11.77 -8.67
CA PHE A 248 -8.78 -10.38 -8.30
C PHE A 248 -7.39 -9.96 -7.85
N ARG A 249 -6.75 -9.02 -8.54
CA ARG A 249 -5.41 -8.68 -8.15
C ARG A 249 -5.59 -7.60 -7.11
N VAL A 250 -5.00 -7.82 -5.93
CA VAL A 250 -5.11 -6.91 -4.80
C VAL A 250 -3.76 -6.31 -4.42
N PRO A 251 -3.67 -5.26 -3.61
CA PRO A 251 -2.41 -4.62 -3.26
C PRO A 251 -1.34 -5.26 -2.36
N THR A 252 -0.99 -6.56 -2.54
CA THR A 252 0.11 -7.23 -1.82
C THR A 252 1.14 -7.76 -2.82
N PRO A 253 2.44 -7.75 -2.55
CA PRO A 253 3.46 -8.09 -3.53
C PRO A 253 3.66 -9.60 -3.77
N ASP A 254 3.20 -10.37 -2.78
CA ASP A 254 3.33 -11.81 -2.81
C ASP A 254 2.43 -12.47 -1.80
N VAL A 255 1.99 -13.63 -2.30
CA VAL A 255 1.12 -14.65 -1.70
C VAL A 255 -0.29 -14.40 -2.16
N SER A 256 -1.01 -15.47 -2.45
CA SER A 256 -2.38 -15.38 -2.93
C SER A 256 -3.17 -16.52 -2.30
N VAL A 257 -4.49 -16.57 -2.51
CA VAL A 257 -5.31 -17.60 -1.94
C VAL A 257 -6.40 -18.07 -2.87
N VAL A 258 -6.53 -19.37 -3.15
CA VAL A 258 -7.66 -19.87 -3.93
C VAL A 258 -8.87 -19.96 -3.01
N ASP A 259 -10.05 -19.96 -3.62
CA ASP A 259 -11.32 -20.01 -2.94
C ASP A 259 -12.26 -20.66 -3.94
N LEU A 260 -12.21 -21.99 -3.85
CA LEU A 260 -13.00 -22.90 -4.67
C LEU A 260 -14.41 -23.08 -4.15
N THR A 261 -15.45 -22.94 -4.98
CA THR A 261 -16.82 -23.21 -4.56
C THR A 261 -17.33 -24.26 -5.53
N PHE A 262 -17.59 -25.45 -5.01
CA PHE A 262 -18.02 -26.58 -5.83
C PHE A 262 -19.23 -27.25 -5.27
N ARG A 263 -19.82 -28.06 -6.14
CA ARG A 263 -20.95 -28.89 -5.78
C ARG A 263 -20.49 -30.34 -5.92
N ALA A 264 -20.39 -31.09 -4.82
CA ALA A 264 -19.93 -32.47 -4.88
C ALA A 264 -20.84 -33.44 -5.63
N THR A 265 -20.24 -34.57 -6.03
CA THR A 265 -20.92 -35.62 -6.75
C THR A 265 -21.86 -36.42 -5.86
N ARG A 266 -21.37 -36.76 -4.67
CA ARG A 266 -22.16 -37.47 -3.68
C ARG A 266 -22.59 -36.62 -2.48
N ASP A 267 -23.28 -37.20 -1.50
CA ASP A 267 -23.58 -36.44 -0.31
C ASP A 267 -22.46 -36.63 0.69
N THR A 268 -21.96 -35.50 1.18
CA THR A 268 -20.81 -35.47 2.08
C THR A 268 -20.92 -34.34 3.09
N SER A 269 -19.82 -34.05 3.76
CA SER A 269 -19.74 -32.98 4.72
C SER A 269 -18.40 -32.26 4.60
N ILE A 270 -18.35 -31.03 5.14
CA ILE A 270 -17.10 -30.30 5.16
C ILE A 270 -16.09 -30.88 6.17
N GLN A 271 -16.52 -31.64 7.19
CA GLN A 271 -15.59 -32.24 8.14
C GLN A 271 -15.04 -33.47 7.46
N GLU A 272 -15.86 -34.11 6.61
CA GLU A 272 -15.38 -35.21 5.79
C GLU A 272 -14.28 -34.71 4.87
N ILE A 273 -14.57 -33.58 4.18
CA ILE A 273 -13.64 -32.98 3.22
C ILE A 273 -12.39 -32.49 3.93
N ASP A 274 -12.62 -31.91 5.10
CA ASP A 274 -11.53 -31.44 5.92
C ASP A 274 -10.57 -32.55 6.32
N LYS A 275 -11.10 -33.76 6.61
CA LYS A 275 -10.28 -34.90 7.02
C LYS A 275 -9.55 -35.41 5.81
N ALA A 276 -10.28 -35.59 4.70
CA ALA A 276 -9.71 -36.13 3.47
C ALA A 276 -8.52 -35.38 2.94
N ILE A 277 -8.60 -34.04 3.02
CA ILE A 277 -7.51 -33.18 2.61
C ILE A 277 -6.37 -33.30 3.60
N LYS A 278 -6.58 -33.13 4.91
CA LYS A 278 -5.50 -33.24 5.90
C LYS A 278 -4.68 -34.54 5.89
N LYS A 279 -5.44 -35.62 5.65
CA LYS A 279 -4.93 -36.98 5.55
C LYS A 279 -3.98 -37.01 4.38
N ALA A 280 -4.57 -36.70 3.20
CA ALA A 280 -3.87 -36.57 1.94
C ALA A 280 -2.64 -35.69 2.10
N ALA A 281 -2.72 -34.69 2.97
CA ALA A 281 -1.60 -33.78 3.23
C ALA A 281 -0.39 -34.31 3.95
N GLN A 282 -0.68 -35.35 4.72
CA GLN A 282 0.30 -36.06 5.52
C GLN A 282 0.80 -37.32 4.85
N THR A 283 -0.05 -37.86 3.97
CA THR A 283 0.29 -39.08 3.29
C THR A 283 0.73 -38.92 1.83
N TYR A 284 -0.13 -39.02 0.80
CA TYR A 284 0.32 -39.01 -0.58
C TYR A 284 0.54 -37.71 -1.28
N MET A 285 0.19 -36.62 -0.61
CA MET A 285 0.42 -35.32 -1.16
C MET A 285 1.50 -34.58 -0.37
N LYS A 286 2.15 -35.26 0.59
CA LYS A 286 3.12 -34.61 1.47
C LYS A 286 4.22 -33.90 0.68
N GLY A 287 4.18 -32.60 0.86
CA GLY A 287 5.13 -31.70 0.22
C GLY A 287 4.49 -30.78 -0.82
N ILE A 288 3.36 -31.18 -1.41
CA ILE A 288 2.64 -30.43 -2.43
C ILE A 288 1.50 -29.74 -1.70
N LEU A 289 0.55 -30.55 -1.19
CA LEU A 289 -0.53 -30.09 -0.34
C LEU A 289 0.01 -30.01 1.07
N GLY A 290 -0.60 -29.08 1.77
CA GLY A 290 -0.30 -28.85 3.17
C GLY A 290 -1.59 -28.35 3.78
N PHE A 291 -1.57 -28.18 5.10
CA PHE A 291 -2.69 -27.53 5.74
C PHE A 291 -2.23 -26.75 6.95
N THR A 292 -3.17 -25.93 7.45
CA THR A 292 -2.94 -25.17 8.65
C THR A 292 -4.24 -25.18 9.37
N ASP A 293 -3.98 -25.22 10.67
CA ASP A 293 -4.97 -25.22 11.72
C ASP A 293 -4.91 -23.86 12.41
N GLU A 294 -3.98 -22.98 12.01
CA GLU A 294 -3.86 -21.68 12.63
C GLU A 294 -4.60 -20.52 11.95
N GLU A 295 -4.65 -19.39 12.65
CA GLU A 295 -5.34 -18.18 12.19
C GLU A 295 -4.34 -17.27 11.47
N LEU A 296 -3.90 -17.73 10.30
CA LEU A 296 -2.89 -17.00 9.57
C LEU A 296 -3.43 -16.12 8.45
N VAL A 297 -2.73 -15.00 8.27
CA VAL A 297 -3.00 -14.10 7.16
C VAL A 297 -1.94 -14.29 6.07
N SER A 298 -2.03 -13.60 4.94
CA SER A 298 -1.11 -13.84 3.84
C SER A 298 0.38 -13.81 4.16
N ALA A 299 0.96 -12.90 4.95
CA ALA A 299 2.40 -12.83 5.19
C ALA A 299 3.04 -13.99 5.93
N ASP A 300 2.23 -14.92 6.44
CA ASP A 300 2.76 -16.10 7.09
C ASP A 300 3.07 -17.21 6.11
N PHE A 301 2.78 -17.01 4.82
CA PHE A 301 3.05 -17.98 3.79
C PHE A 301 4.24 -17.58 2.92
N ILE A 302 4.80 -16.40 3.17
CA ILE A 302 6.04 -16.00 2.51
C ILE A 302 7.09 -17.02 2.93
N ASN A 303 7.71 -17.54 1.88
CA ASN A 303 8.63 -18.68 1.89
C ASN A 303 8.11 -20.06 2.27
N ASP A 304 6.80 -20.32 2.16
CA ASP A 304 6.27 -21.65 2.37
C ASP A 304 6.26 -22.28 0.98
N ASN A 305 7.05 -23.36 0.81
CA ASN A 305 7.15 -24.02 -0.47
C ASN A 305 6.19 -25.17 -0.83
N ARG A 306 5.02 -25.23 -0.16
CA ARG A 306 3.95 -26.15 -0.56
C ARG A 306 3.18 -25.51 -1.69
N SER A 307 2.80 -26.31 -2.68
CA SER A 307 1.96 -25.86 -3.79
C SER A 307 0.63 -25.32 -3.32
N SER A 308 0.07 -25.95 -2.28
CA SER A 308 -1.25 -25.60 -1.81
C SER A 308 -1.28 -25.95 -0.36
N VAL A 309 -1.57 -24.95 0.46
CA VAL A 309 -1.72 -25.19 1.86
C VAL A 309 -3.12 -24.72 2.22
N TYR A 310 -3.94 -25.71 2.59
CA TYR A 310 -5.34 -25.59 2.95
C TYR A 310 -5.63 -25.04 4.33
N ASP A 311 -6.49 -24.04 4.39
CA ASP A 311 -6.82 -23.40 5.65
C ASP A 311 -8.05 -24.07 6.15
N SER A 312 -7.77 -24.86 7.18
CA SER A 312 -8.81 -25.65 7.81
C SER A 312 -9.88 -24.79 8.49
N LYS A 313 -9.41 -23.85 9.32
CA LYS A 313 -10.33 -22.98 10.02
C LYS A 313 -11.19 -22.14 9.10
N ALA A 314 -10.65 -21.27 8.23
CA ALA A 314 -11.47 -20.48 7.32
C ALA A 314 -12.48 -21.27 6.46
N THR A 315 -12.15 -22.55 6.17
CA THR A 315 -13.09 -23.39 5.44
C THR A 315 -14.25 -23.87 6.30
N LEU A 316 -13.91 -24.47 7.46
CA LEU A 316 -14.92 -25.04 8.34
C LEU A 316 -15.85 -24.01 8.90
N GLN A 317 -15.28 -22.84 9.21
CA GLN A 317 -16.06 -21.74 9.74
C GLN A 317 -16.92 -21.11 8.66
N ASN A 318 -16.55 -21.17 7.38
CA ASN A 318 -17.29 -20.40 6.39
C ASN A 318 -18.04 -21.16 5.34
N ASN A 319 -18.52 -22.32 5.78
CA ASN A 319 -19.31 -23.22 4.96
C ASN A 319 -20.75 -23.36 5.43
N LEU A 320 -21.77 -23.82 4.65
CA LEU A 320 -23.13 -23.93 5.19
C LEU A 320 -23.27 -25.08 6.21
N PRO A 321 -23.88 -24.90 7.40
CA PRO A 321 -23.65 -25.71 8.60
C PRO A 321 -23.94 -27.21 8.50
N GLY A 322 -25.01 -27.57 7.76
CA GLY A 322 -25.31 -28.97 7.53
C GLY A 322 -25.51 -29.25 6.06
N GLU A 323 -24.54 -28.83 5.23
CA GLU A 323 -24.66 -29.04 3.81
C GLU A 323 -24.07 -30.35 3.36
N LYS A 324 -24.73 -30.91 2.35
CA LYS A 324 -24.30 -32.15 1.74
C LYS A 324 -23.77 -31.97 0.32
N ARG A 325 -23.98 -30.85 -0.39
CA ARG A 325 -23.51 -30.71 -1.76
C ARG A 325 -22.64 -29.51 -2.10
N PHE A 326 -22.99 -28.31 -1.61
CA PHE A 326 -22.34 -27.01 -1.86
C PHE A 326 -21.31 -26.55 -0.81
N PHE A 327 -20.03 -26.58 -1.24
CA PHE A 327 -18.90 -26.26 -0.36
C PHE A 327 -17.93 -25.22 -0.89
N LYS A 328 -17.11 -24.70 0.04
CA LYS A 328 -16.09 -23.70 -0.24
C LYS A 328 -14.79 -24.17 0.41
N VAL A 329 -13.75 -24.35 -0.41
CA VAL A 329 -12.42 -24.69 0.04
C VAL A 329 -11.60 -23.41 -0.15
N VAL A 330 -10.95 -23.00 0.92
CA VAL A 330 -10.01 -21.89 0.87
C VAL A 330 -8.59 -22.50 0.96
N SER A 331 -7.58 -22.06 0.19
CA SER A 331 -6.22 -22.58 0.27
C SER A 331 -5.18 -21.52 -0.06
N TRP A 332 -4.07 -21.37 0.65
CA TRP A 332 -3.05 -20.38 0.31
C TRP A 332 -1.92 -20.91 -0.55
N TYR A 333 -1.04 -20.00 -0.97
CA TYR A 333 0.14 -20.33 -1.76
C TYR A 333 1.03 -19.12 -1.92
N ASP A 334 2.34 -19.39 -1.91
CA ASP A 334 3.30 -18.35 -2.18
C ASP A 334 3.55 -18.50 -3.67
N ASN A 335 2.85 -17.73 -4.50
CA ASN A 335 2.97 -17.84 -5.96
C ASN A 335 4.38 -17.66 -6.53
N GLU A 336 5.30 -16.99 -5.85
CA GLU A 336 6.68 -16.90 -6.31
C GLU A 336 7.45 -18.11 -5.90
N TRP A 337 7.53 -18.38 -4.59
CA TRP A 337 8.29 -19.46 -3.96
C TRP A 337 7.83 -20.88 -4.20
N ALA A 338 6.56 -21.21 -4.05
CA ALA A 338 6.12 -22.59 -4.22
C ALA A 338 6.31 -23.10 -5.62
N TYR A 339 5.84 -22.28 -6.57
CA TYR A 339 5.99 -22.49 -8.01
C TYR A 339 7.44 -22.79 -8.44
N SER A 340 8.35 -21.88 -8.09
CA SER A 340 9.74 -22.05 -8.39
C SER A 340 10.28 -23.38 -7.91
N HIS A 341 9.87 -23.83 -6.72
CA HIS A 341 10.31 -25.12 -6.22
C HIS A 341 9.73 -26.20 -7.09
N ARG A 342 8.44 -26.15 -7.49
CA ARG A 342 7.94 -27.14 -8.42
C ARG A 342 8.78 -27.15 -9.70
N VAL A 343 9.28 -26.01 -10.23
CA VAL A 343 10.09 -25.98 -11.44
C VAL A 343 11.33 -26.83 -11.25
N VAL A 344 12.10 -26.53 -10.20
CA VAL A 344 13.26 -27.34 -9.88
C VAL A 344 12.87 -28.80 -9.68
N ASP A 345 11.68 -29.10 -9.15
CA ASP A 345 11.29 -30.49 -8.95
C ASP A 345 10.76 -31.15 -10.22
N LEU A 346 10.49 -30.39 -11.29
CA LEU A 346 10.06 -31.02 -12.54
C LEU A 346 11.33 -31.33 -13.32
N VAL A 347 12.30 -30.42 -13.36
CA VAL A 347 13.59 -30.66 -13.99
C VAL A 347 14.15 -31.96 -13.41
N ARG A 348 14.20 -32.03 -12.08
CA ARG A 348 14.74 -33.20 -11.45
C ARG A 348 13.93 -34.42 -11.86
N TYR A 349 12.59 -34.40 -11.79
CA TYR A 349 11.83 -35.57 -12.22
C TYR A 349 12.03 -35.98 -13.69
N MET A 350 11.77 -35.08 -14.66
CA MET A 350 11.94 -35.33 -16.10
C MET A 350 13.28 -35.91 -16.45
N ALA A 351 14.33 -35.26 -15.90
CA ALA A 351 15.73 -35.60 -16.13
C ALA A 351 16.05 -37.05 -15.91
N ALA A 352 15.73 -37.55 -14.72
CA ALA A 352 15.94 -38.94 -14.37
C ALA A 352 15.15 -39.92 -15.24
N LYS A 353 13.97 -39.54 -15.74
CA LYS A 353 13.16 -40.38 -16.60
C LYS A 353 13.83 -40.56 -17.95
N ASP A 354 14.46 -39.46 -18.39
CA ASP A 354 15.20 -39.41 -19.64
C ASP A 354 16.46 -40.25 -19.53
N ALA A 355 17.06 -40.19 -18.34
CA ALA A 355 18.22 -41.01 -18.04
C ALA A 355 17.81 -42.47 -17.87
N ALA A 356 16.54 -42.73 -17.49
CA ALA A 356 16.02 -44.08 -17.32
C ALA A 356 15.76 -44.75 -18.66
N SER A 357 15.23 -44.00 -19.63
CA SER A 357 14.95 -44.57 -20.93
C SER A 357 15.95 -44.18 -22.01
N SER A 358 15.87 -42.88 -22.39
CA SER A 358 16.58 -42.12 -23.44
C SER A 358 15.56 -41.51 -24.40
N ALA B 1 -8.37 31.95 -33.41
CA ALA B 1 -7.12 31.45 -33.99
C ALA B 1 -6.49 30.35 -33.10
N PRO B 2 -6.99 29.10 -33.17
CA PRO B 2 -6.50 27.98 -32.39
C PRO B 2 -5.01 27.65 -32.57
N ILE B 3 -4.39 27.23 -31.48
CA ILE B 3 -3.01 26.80 -31.47
C ILE B 3 -3.14 25.35 -31.87
N LYS B 4 -2.41 24.87 -32.85
CA LYS B 4 -2.58 23.49 -33.25
C LYS B 4 -1.54 22.70 -32.47
N VAL B 5 -2.01 21.77 -31.60
CA VAL B 5 -1.08 20.98 -30.82
C VAL B 5 -1.29 19.49 -31.02
N GLY B 6 -0.16 18.79 -30.87
CA GLY B 6 -0.13 17.35 -30.94
C GLY B 6 0.56 16.84 -29.68
N ILE B 7 0.07 15.75 -29.10
CA ILE B 7 0.69 15.25 -27.89
C ILE B 7 1.32 13.92 -28.30
N ASN B 8 2.63 13.72 -28.09
CA ASN B 8 3.33 12.47 -28.35
C ASN B 8 3.52 11.76 -26.99
N GLY B 9 3.03 10.55 -26.81
CA GLY B 9 3.07 9.89 -25.51
C GLY B 9 1.86 10.31 -24.72
N PHE B 10 0.78 9.57 -24.86
CA PHE B 10 -0.43 9.90 -24.13
C PHE B 10 -0.44 9.03 -22.88
N GLY B 11 0.45 9.32 -21.91
CA GLY B 11 0.53 8.53 -20.70
C GLY B 11 -0.02 9.30 -19.52
N ARG B 12 0.63 9.28 -18.35
CA ARG B 12 0.12 10.00 -17.20
C ARG B 12 0.15 11.48 -17.51
N ILE B 13 1.31 12.08 -17.84
CA ILE B 13 1.36 13.50 -18.20
C ILE B 13 0.64 13.84 -19.50
N GLY B 14 0.74 13.06 -20.56
CA GLY B 14 -0.03 13.36 -21.77
C GLY B 14 -1.53 13.42 -21.49
N ARG B 15 -2.11 12.49 -20.75
CA ARG B 15 -3.54 12.53 -20.51
C ARG B 15 -3.95 13.59 -19.52
N MET B 16 -3.03 14.00 -18.65
CA MET B 16 -3.39 15.02 -17.67
C MET B 16 -3.29 16.36 -18.30
N VAL B 17 -2.34 16.53 -19.24
CA VAL B 17 -2.23 17.74 -20.04
C VAL B 17 -3.51 17.81 -20.85
N PHE B 18 -3.93 16.73 -21.54
CA PHE B 18 -5.16 16.77 -22.31
C PHE B 18 -6.30 17.24 -21.43
N GLN B 19 -6.41 16.69 -20.21
CA GLN B 19 -7.52 17.05 -19.35
C GLN B 19 -7.40 18.46 -18.83
N ALA B 20 -6.19 19.01 -18.62
CA ALA B 20 -6.04 20.40 -18.21
C ALA B 20 -6.45 21.36 -19.34
N ILE B 21 -6.24 20.97 -20.61
CA ILE B 21 -6.71 21.74 -21.75
C ILE B 21 -8.21 21.71 -21.75
N CYS B 22 -8.93 20.59 -21.59
CA CYS B 22 -10.40 20.67 -21.58
C CYS B 22 -10.95 21.33 -20.31
N ASP B 23 -10.23 21.23 -19.17
CA ASP B 23 -10.74 21.77 -17.92
C ASP B 23 -10.73 23.28 -17.88
N GLN B 24 -9.62 23.84 -18.35
CA GLN B 24 -9.42 25.30 -18.41
C GLN B 24 -10.27 25.99 -19.49
N GLY B 25 -11.18 25.29 -20.19
CA GLY B 25 -12.08 25.88 -21.20
C GLY B 25 -11.57 25.91 -22.64
N LEU B 26 -10.25 25.70 -22.78
CA LEU B 26 -9.44 25.81 -23.99
C LEU B 26 -9.64 24.88 -25.19
N ILE B 27 -10.21 23.67 -25.06
CA ILE B 27 -10.35 22.75 -26.17
C ILE B 27 -11.35 23.30 -27.14
N GLY B 28 -10.93 23.22 -28.39
CA GLY B 28 -11.77 23.61 -29.52
C GLY B 28 -11.90 25.10 -29.82
N THR B 29 -11.51 25.98 -28.91
CA THR B 29 -11.65 27.41 -29.10
C THR B 29 -10.31 28.11 -28.99
N GLU B 30 -9.49 27.84 -27.97
CA GLU B 30 -8.22 28.51 -27.83
C GLU B 30 -7.11 27.54 -28.23
N ILE B 31 -7.26 26.21 -28.07
CA ILE B 31 -6.23 25.23 -28.42
C ILE B 31 -6.94 24.15 -29.17
N ASP B 32 -6.42 23.71 -30.30
CA ASP B 32 -7.03 22.61 -30.99
C ASP B 32 -6.02 21.48 -30.92
N VAL B 33 -6.49 20.34 -30.42
CA VAL B 33 -5.62 19.20 -30.32
C VAL B 33 -5.98 18.40 -31.53
N VAL B 34 -5.00 18.39 -32.43
CA VAL B 34 -5.18 17.71 -33.70
C VAL B 34 -4.95 16.21 -33.56
N ALA B 35 -3.90 15.85 -32.81
CA ALA B 35 -3.57 14.46 -32.61
C ALA B 35 -2.96 14.11 -31.26
N VAL B 36 -3.16 12.84 -30.88
CA VAL B 36 -2.52 12.24 -29.73
C VAL B 36 -1.77 11.02 -30.19
N VAL B 37 -0.62 10.69 -29.59
CA VAL B 37 0.20 9.58 -30.08
C VAL B 37 0.67 8.63 -28.96
N ASP B 38 0.49 7.34 -29.21
CA ASP B 38 0.88 6.32 -28.27
C ASP B 38 0.87 5.02 -29.04
N MET B 39 1.27 3.97 -28.33
CA MET B 39 1.40 2.60 -28.81
C MET B 39 0.27 2.03 -29.64
N SER B 40 -0.93 2.59 -29.50
CA SER B 40 -2.12 2.12 -30.16
C SER B 40 -2.76 3.21 -31.00
N THR B 41 -3.63 2.82 -31.94
CA THR B 41 -4.49 3.79 -32.62
C THR B 41 -5.96 3.45 -32.28
N ASN B 42 -6.17 2.86 -31.09
CA ASN B 42 -7.49 2.44 -30.65
C ASN B 42 -8.15 3.45 -29.76
N ALA B 43 -8.98 4.21 -30.46
CA ALA B 43 -9.73 5.25 -29.84
C ALA B 43 -10.51 4.81 -28.61
N GLU B 44 -11.02 3.57 -28.68
CA GLU B 44 -11.77 2.97 -27.57
C GLU B 44 -10.92 2.75 -26.33
N TYR B 45 -9.66 2.32 -26.51
CA TYR B 45 -8.79 2.13 -25.40
C TYR B 45 -8.38 3.47 -24.84
N PHE B 46 -8.24 4.47 -25.69
CA PHE B 46 -7.88 5.77 -25.23
C PHE B 46 -9.01 6.31 -24.40
N ALA B 47 -10.26 6.11 -24.83
CA ALA B 47 -11.43 6.64 -24.13
C ALA B 47 -11.60 6.00 -22.77
N TYR B 48 -11.35 4.69 -22.69
CA TYR B 48 -11.30 3.99 -21.42
C TYR B 48 -10.18 4.58 -20.55
N GLN B 49 -8.99 4.93 -21.05
CA GLN B 49 -7.95 5.49 -20.21
C GLN B 49 -8.31 6.88 -19.70
N MET B 50 -9.12 7.60 -20.47
CA MET B 50 -9.41 8.97 -20.15
C MET B 50 -10.48 9.10 -19.09
N LYS B 51 -11.53 8.31 -19.34
CA LYS B 51 -12.71 8.30 -18.50
C LYS B 51 -12.55 7.74 -17.10
N HIS B 52 -11.68 6.77 -16.90
CA HIS B 52 -11.46 6.17 -15.61
C HIS B 52 -9.99 6.25 -15.29
N ASP B 53 -9.74 7.16 -14.36
CA ASP B 53 -8.38 7.36 -13.86
C ASP B 53 -8.43 6.98 -12.38
N THR B 54 -7.45 6.24 -11.85
CA THR B 54 -7.39 5.84 -10.43
C THR B 54 -7.27 6.96 -9.44
N VAL B 55 -6.44 7.95 -9.74
CA VAL B 55 -6.11 9.03 -8.84
C VAL B 55 -6.99 10.24 -9.10
N HIS B 56 -7.19 10.67 -10.35
CA HIS B 56 -7.87 11.92 -10.60
C HIS B 56 -9.33 11.75 -10.94
N GLY B 57 -9.89 10.55 -10.84
CA GLY B 57 -11.30 10.32 -11.11
C GLY B 57 -11.75 10.58 -12.55
N ARG B 58 -13.08 10.59 -12.72
CA ARG B 58 -13.76 10.82 -13.98
C ARG B 58 -13.60 12.30 -14.38
N PRO B 59 -13.20 12.58 -15.63
CA PRO B 59 -13.11 13.93 -16.18
C PRO B 59 -14.46 14.53 -16.40
N LYS B 60 -14.57 15.85 -16.38
CA LYS B 60 -15.87 16.46 -16.61
C LYS B 60 -16.35 16.32 -18.05
N TYR B 61 -15.40 16.36 -19.02
CA TYR B 61 -15.64 16.28 -20.45
C TYR B 61 -16.11 14.92 -20.88
N THR B 62 -16.68 14.81 -22.07
CA THR B 62 -17.27 13.55 -22.52
C THR B 62 -16.46 12.95 -23.66
N VAL B 63 -16.15 11.65 -23.61
CA VAL B 63 -15.34 11.09 -24.66
C VAL B 63 -16.10 10.04 -25.42
N GLU B 64 -16.07 10.19 -26.74
CA GLU B 64 -16.56 9.16 -27.62
C GLU B 64 -15.42 8.73 -28.53
N ALA B 65 -15.58 7.54 -29.10
CA ALA B 65 -14.58 7.01 -29.99
C ALA B 65 -15.23 6.56 -31.29
N VAL B 66 -14.94 7.31 -32.37
CA VAL B 66 -15.49 7.00 -33.68
C VAL B 66 -14.40 6.61 -34.67
N LYS B 67 -14.87 6.00 -35.78
CA LYS B 67 -14.00 5.68 -36.93
C LYS B 67 -14.00 6.83 -37.92
N SER B 68 -12.79 7.14 -38.41
CA SER B 68 -12.56 8.22 -39.33
C SER B 68 -13.08 7.86 -40.71
N SER B 69 -13.16 6.57 -41.12
CA SER B 69 -13.81 6.15 -42.38
C SER B 69 -14.46 4.80 -42.13
N PRO B 70 -15.52 4.37 -42.81
CA PRO B 70 -16.05 3.01 -42.73
C PRO B 70 -15.08 1.87 -42.96
N SER B 71 -13.91 2.21 -43.50
CA SER B 71 -12.87 1.26 -43.83
C SER B 71 -11.99 0.84 -42.65
N VAL B 72 -11.71 1.72 -41.67
CA VAL B 72 -10.80 1.35 -40.59
C VAL B 72 -11.47 0.37 -39.64
N GLU B 73 -10.74 -0.70 -39.34
CA GLU B 73 -11.16 -1.79 -38.47
C GLU B 73 -11.64 -1.36 -37.08
N THR B 74 -10.83 -0.50 -36.43
CA THR B 74 -11.10 -0.01 -35.09
C THR B 74 -11.03 1.51 -35.04
N ALA B 75 -11.98 2.00 -34.23
CA ALA B 75 -12.18 3.39 -33.94
C ALA B 75 -10.84 4.03 -33.74
N ASP B 76 -10.63 5.10 -34.53
CA ASP B 76 -9.34 5.79 -34.51
C ASP B 76 -9.38 7.29 -34.26
N VAL B 77 -10.56 7.79 -33.93
CA VAL B 77 -10.76 9.19 -33.64
C VAL B 77 -11.48 9.28 -32.31
N LEU B 78 -11.01 10.22 -31.49
CA LEU B 78 -11.66 10.62 -30.27
C LEU B 78 -12.59 11.81 -30.54
N VAL B 79 -13.68 11.98 -29.81
CA VAL B 79 -14.55 13.13 -30.00
C VAL B 79 -14.84 13.65 -28.58
N VAL B 80 -13.92 14.48 -28.14
CA VAL B 80 -14.02 15.06 -26.82
C VAL B 80 -14.74 16.39 -26.94
N ASN B 81 -15.99 16.52 -26.43
CA ASN B 81 -16.76 17.78 -26.50
C ASN B 81 -17.04 18.29 -27.91
N GLY B 82 -17.44 17.37 -28.79
CA GLY B 82 -17.68 17.73 -30.18
C GLY B 82 -16.37 17.92 -30.96
N HIS B 83 -15.21 18.13 -30.31
CA HIS B 83 -13.92 18.30 -30.95
C HIS B 83 -13.28 16.93 -31.26
N ARG B 84 -12.80 16.74 -32.51
CA ARG B 84 -12.25 15.47 -33.00
C ARG B 84 -10.75 15.39 -32.89
N ILE B 85 -10.21 14.39 -32.20
CA ILE B 85 -8.77 14.26 -32.07
C ILE B 85 -8.36 12.99 -32.79
N LYS B 86 -7.22 12.97 -33.47
CA LYS B 86 -6.78 11.84 -34.26
C LYS B 86 -5.85 10.95 -33.49
N CYS B 87 -5.95 9.64 -33.72
CA CYS B 87 -5.05 8.72 -33.04
C CYS B 87 -3.98 8.23 -34.00
N VAL B 88 -2.84 8.89 -33.88
CA VAL B 88 -1.71 8.63 -34.74
C VAL B 88 -0.83 7.52 -34.18
N LYS B 89 -0.37 6.65 -35.10
CA LYS B 89 0.47 5.54 -34.73
C LYS B 89 1.87 5.97 -34.35
N ALA B 90 2.19 5.50 -33.13
CA ALA B 90 3.46 5.70 -32.48
C ALA B 90 4.65 5.44 -33.40
N GLN B 91 5.64 6.33 -33.30
CA GLN B 91 6.87 6.26 -34.09
C GLN B 91 8.14 6.26 -33.25
N ARG B 92 9.12 5.46 -33.74
CA ARG B 92 10.45 5.32 -33.16
C ARG B 92 11.37 6.54 -33.26
N ASN B 93 11.18 7.38 -34.30
CA ASN B 93 11.89 8.65 -34.41
C ASN B 93 10.83 9.72 -34.51
N PRO B 94 10.87 10.79 -33.69
CA PRO B 94 10.00 11.95 -33.79
C PRO B 94 9.78 12.47 -35.21
N ALA B 95 10.89 12.41 -35.99
CA ALA B 95 10.91 12.85 -37.38
C ALA B 95 10.00 12.14 -38.35
N ASP B 96 9.67 10.86 -38.10
CA ASP B 96 8.76 10.12 -38.96
C ASP B 96 7.29 10.37 -38.67
N LEU B 97 7.01 11.27 -37.71
CA LEU B 97 5.65 11.70 -37.35
C LEU B 97 5.12 12.76 -38.29
N PRO B 98 3.96 12.53 -38.90
CA PRO B 98 3.30 13.47 -39.83
C PRO B 98 2.73 14.78 -39.31
N TRP B 99 3.54 15.61 -38.62
CA TRP B 99 3.03 16.83 -38.02
C TRP B 99 2.66 17.89 -39.00
N GLY B 100 3.46 18.13 -40.05
CA GLY B 100 3.16 19.12 -41.10
C GLY B 100 1.91 18.74 -41.90
N LYS B 101 1.75 17.43 -42.15
CA LYS B 101 0.60 16.91 -42.87
C LYS B 101 -0.66 17.15 -42.05
N LEU B 102 -0.68 16.73 -40.77
CA LEU B 102 -1.79 16.99 -39.86
C LEU B 102 -2.02 18.49 -39.61
N GLY B 103 -0.97 19.31 -39.68
CA GLY B 103 -1.12 20.74 -39.46
C GLY B 103 -0.85 21.10 -38.02
N VAL B 104 0.18 20.54 -37.42
CA VAL B 104 0.49 20.71 -36.02
C VAL B 104 1.68 21.64 -35.83
N ASP B 105 1.53 22.74 -35.13
CA ASP B 105 2.64 23.64 -34.91
C ASP B 105 3.34 23.42 -33.59
N TYR B 106 2.66 23.18 -32.46
CA TYR B 106 3.29 22.98 -31.15
C TYR B 106 3.22 21.52 -30.75
N VAL B 107 4.31 20.92 -30.29
CA VAL B 107 4.25 19.50 -29.93
C VAL B 107 4.67 19.29 -28.50
N ILE B 108 3.73 18.70 -27.76
CA ILE B 108 3.95 18.33 -26.38
C ILE B 108 4.59 16.94 -26.40
N GLU B 109 5.88 16.90 -26.17
CA GLU B 109 6.61 15.65 -26.15
C GLU B 109 6.67 15.11 -24.73
N SER B 110 5.93 14.01 -24.54
CA SER B 110 5.74 13.39 -23.24
C SER B 110 5.74 11.86 -23.19
N THR B 111 6.66 11.21 -23.92
CA THR B 111 6.88 9.77 -23.90
C THR B 111 7.92 9.39 -22.83
N GLY B 112 8.81 10.34 -22.55
CA GLY B 112 9.88 10.09 -21.63
C GLY B 112 11.16 9.62 -22.33
N LEU B 113 11.06 9.45 -23.66
CA LEU B 113 12.14 8.94 -24.49
C LEU B 113 12.93 9.97 -25.26
N PHE B 114 12.35 11.12 -25.64
CA PHE B 114 13.07 12.01 -26.51
C PHE B 114 13.51 13.24 -25.76
N THR B 115 14.12 13.03 -24.59
CA THR B 115 14.59 14.14 -23.77
C THR B 115 15.86 14.87 -24.20
N ASP B 116 16.48 14.44 -25.31
CA ASP B 116 17.62 15.18 -25.86
C ASP B 116 17.10 16.16 -26.89
N LYS B 117 17.57 17.40 -26.78
CA LYS B 117 17.19 18.49 -27.67
C LYS B 117 17.36 18.18 -29.15
N LEU B 118 18.32 17.32 -29.50
CA LEU B 118 18.52 16.90 -30.87
C LEU B 118 17.49 15.91 -31.32
N LYS B 119 17.09 14.98 -30.45
CA LYS B 119 16.09 13.96 -30.77
C LYS B 119 14.72 14.58 -30.90
N ALA B 120 14.55 15.65 -30.12
CA ALA B 120 13.33 16.42 -30.07
C ALA B 120 13.11 17.32 -31.28
N GLU B 121 14.20 17.79 -31.93
CA GLU B 121 14.07 18.56 -33.16
C GLU B 121 13.43 17.73 -34.26
N GLY B 122 13.50 16.38 -34.12
CA GLY B 122 12.86 15.41 -35.01
C GLY B 122 11.41 15.81 -35.28
N HIS B 123 10.76 16.39 -34.28
CA HIS B 123 9.41 16.86 -34.43
C HIS B 123 9.32 18.04 -35.37
N ILE B 124 10.28 18.96 -35.30
CA ILE B 124 10.31 20.10 -36.19
C ILE B 124 10.67 19.67 -37.60
N LYS B 125 11.47 18.61 -37.78
CA LYS B 125 11.74 18.01 -39.09
C LYS B 125 10.53 17.25 -39.62
N GLY B 126 9.65 16.85 -38.72
CA GLY B 126 8.41 16.16 -39.07
C GLY B 126 7.38 17.16 -39.52
N GLY B 127 7.64 18.46 -39.25
CA GLY B 127 6.78 19.54 -39.71
C GLY B 127 6.35 20.55 -38.65
N ALA B 128 6.56 20.25 -37.36
CA ALA B 128 6.12 21.11 -36.29
C ALA B 128 6.94 22.39 -36.16
N LYS B 129 6.32 23.44 -35.66
CA LYS B 129 7.00 24.69 -35.46
C LYS B 129 7.66 24.67 -34.09
N LYS B 130 7.10 24.27 -32.93
CA LYS B 130 7.81 24.26 -31.65
C LYS B 130 7.57 22.97 -30.89
N VAL B 131 8.47 22.64 -29.97
CA VAL B 131 8.40 21.42 -29.17
C VAL B 131 8.45 21.79 -27.67
N VAL B 132 7.52 21.31 -26.82
CA VAL B 132 7.68 21.43 -25.37
C VAL B 132 7.97 20.04 -24.77
N ILE B 133 9.09 19.87 -24.06
CA ILE B 133 9.48 18.60 -23.45
C ILE B 133 9.00 18.64 -22.00
N SER B 134 8.09 17.72 -21.65
CA SER B 134 7.57 17.62 -20.32
C SER B 134 8.54 16.83 -19.48
N ALA B 135 9.73 17.38 -19.26
CA ALA B 135 10.83 16.74 -18.55
C ALA B 135 12.04 17.64 -18.73
N PRO B 136 13.04 17.71 -17.82
CA PRO B 136 14.30 18.45 -18.01
C PRO B 136 15.00 17.93 -19.26
N ALA B 137 15.61 18.79 -20.06
CA ALA B 137 16.24 18.33 -21.29
C ALA B 137 17.73 18.49 -21.31
N SER B 138 18.33 17.71 -22.20
CA SER B 138 19.75 17.76 -22.46
C SER B 138 20.05 18.32 -23.84
N GLY B 139 21.33 18.61 -24.08
CA GLY B 139 21.76 19.10 -25.37
C GLY B 139 21.42 20.55 -25.57
N GLY B 140 21.22 21.31 -24.48
CA GLY B 140 21.00 22.75 -24.57
C GLY B 140 19.58 23.26 -24.85
N ALA B 141 18.51 22.47 -24.68
CA ALA B 141 17.15 22.97 -24.83
C ALA B 141 16.90 24.00 -23.74
N LYS B 142 16.33 25.17 -24.06
CA LYS B 142 16.01 26.23 -23.08
C LYS B 142 15.05 25.77 -21.97
N THR B 143 15.41 25.88 -20.68
CA THR B 143 14.48 25.44 -19.64
C THR B 143 13.81 26.64 -18.97
N ILE B 144 12.48 26.49 -18.93
CA ILE B 144 11.58 27.47 -18.34
C ILE B 144 10.66 26.81 -17.32
N VAL B 145 10.43 27.54 -16.21
CA VAL B 145 9.48 27.23 -15.13
C VAL B 145 8.52 28.38 -15.22
N MET B 146 7.25 28.09 -15.51
CA MET B 146 6.26 29.18 -15.55
C MET B 146 6.22 29.93 -14.23
N GLY B 147 6.25 31.26 -14.23
CA GLY B 147 6.19 32.02 -12.99
C GLY B 147 7.55 32.45 -12.47
N VAL B 148 8.62 31.95 -13.10
CA VAL B 148 9.97 32.30 -12.67
C VAL B 148 10.74 32.86 -13.86
N ASN B 149 10.73 32.23 -15.04
CA ASN B 149 11.56 32.75 -16.11
C ASN B 149 10.97 32.61 -17.49
N GLN B 150 9.68 32.40 -17.71
CA GLN B 150 9.18 32.32 -19.07
C GLN B 150 9.36 33.59 -19.88
N HIS B 151 9.68 34.72 -19.22
CA HIS B 151 9.96 35.95 -19.93
C HIS B 151 11.27 35.89 -20.71
N GLU B 152 12.11 34.86 -20.45
CA GLU B 152 13.34 34.59 -21.17
C GLU B 152 13.14 33.80 -22.46
N TYR B 153 11.87 33.49 -22.76
CA TYR B 153 11.54 32.82 -24.01
C TYR B 153 11.75 33.81 -25.14
N SER B 154 12.55 33.37 -26.13
CA SER B 154 12.71 34.10 -27.39
C SER B 154 12.14 33.29 -28.55
N PRO B 155 10.99 33.67 -29.11
CA PRO B 155 10.37 33.02 -30.27
C PRO B 155 11.31 32.65 -31.42
N ALA B 156 12.28 33.56 -31.48
CA ALA B 156 13.34 33.59 -32.46
C ALA B 156 14.34 32.47 -32.46
N SER B 157 14.78 32.11 -31.25
CA SER B 157 15.83 31.15 -31.08
C SER B 157 15.44 29.95 -30.25
N HIS B 158 14.33 30.00 -29.50
CA HIS B 158 13.97 28.87 -28.64
C HIS B 158 12.88 28.04 -29.26
N HIS B 159 13.35 26.91 -29.78
CA HIS B 159 12.49 26.04 -30.56
C HIS B 159 11.98 24.76 -29.96
N VAL B 160 12.87 24.16 -29.18
CA VAL B 160 12.61 22.98 -28.38
C VAL B 160 12.88 23.50 -26.97
N VAL B 161 11.78 23.67 -26.24
CA VAL B 161 11.78 24.18 -24.89
C VAL B 161 11.51 23.08 -23.86
N SER B 162 12.10 23.14 -22.66
CA SER B 162 11.90 22.14 -21.63
C SER B 162 11.22 22.76 -20.45
N ASN B 163 10.15 22.11 -20.01
CA ASN B 163 9.43 22.61 -18.84
C ASN B 163 9.98 22.01 -17.53
N ALA B 164 11.28 21.64 -17.44
CA ALA B 164 11.90 21.09 -16.23
C ALA B 164 11.11 19.93 -15.64
N SER B 165 11.37 19.58 -14.38
CA SER B 165 10.63 18.46 -13.81
C SER B 165 9.57 18.94 -12.86
N CYS B 166 8.79 18.00 -12.29
CA CYS B 166 7.79 18.33 -11.30
C CYS B 166 8.43 18.89 -10.03
N THR B 167 9.59 18.40 -9.59
CA THR B 167 10.18 18.91 -8.38
C THR B 167 10.82 20.26 -8.63
N THR B 168 11.29 20.59 -9.86
CA THR B 168 11.83 21.92 -10.19
C THR B 168 10.69 22.93 -10.23
N ASN B 169 9.52 22.54 -10.74
CA ASN B 169 8.32 23.37 -10.65
C ASN B 169 7.86 23.65 -9.22
N CYS B 170 8.09 22.79 -8.23
CA CYS B 170 7.76 23.09 -6.83
C CYS B 170 8.84 23.92 -6.14
N LEU B 171 10.10 23.51 -6.42
CA LEU B 171 11.26 24.10 -5.81
C LEU B 171 11.54 25.48 -6.35
N ALA B 172 11.53 25.68 -7.66
CA ALA B 172 11.94 26.96 -8.19
C ALA B 172 11.03 28.10 -7.77
N PRO B 173 9.71 28.06 -7.59
CA PRO B 173 8.96 29.17 -7.03
C PRO B 173 9.44 29.65 -5.67
N ILE B 174 9.74 28.69 -4.78
CA ILE B 174 10.18 28.92 -3.41
C ILE B 174 11.53 29.59 -3.40
N VAL B 175 12.46 29.06 -4.20
CA VAL B 175 13.81 29.60 -4.34
C VAL B 175 13.72 31.00 -4.94
N HIS B 176 12.72 31.21 -5.81
CA HIS B 176 12.53 32.48 -6.49
C HIS B 176 12.05 33.55 -5.52
N VAL B 177 11.11 33.32 -4.58
CA VAL B 177 10.74 34.44 -3.74
C VAL B 177 11.86 34.65 -2.72
N LEU B 178 12.68 33.64 -2.41
CA LEU B 178 13.73 33.82 -1.41
C LEU B 178 14.87 34.67 -1.92
N THR B 179 15.11 34.69 -3.23
CA THR B 179 16.21 35.50 -3.77
C THR B 179 15.74 36.90 -4.17
N LYS B 180 14.51 36.98 -4.69
CA LYS B 180 13.90 38.23 -5.07
C LYS B 180 13.60 39.06 -3.83
N GLU B 181 13.13 38.43 -2.77
CA GLU B 181 12.84 39.20 -1.60
C GLU B 181 14.04 39.49 -0.73
N ASN B 182 15.19 39.03 -1.18
CA ASN B 182 16.51 39.28 -0.59
C ASN B 182 16.90 38.58 0.72
N PHE B 183 16.32 37.40 0.96
CA PHE B 183 16.77 36.55 2.06
C PHE B 183 18.04 35.85 1.58
N GLY B 184 18.03 35.47 0.31
CA GLY B 184 19.13 34.78 -0.33
C GLY B 184 19.20 33.31 0.05
N ILE B 185 19.94 32.55 -0.79
CA ILE B 185 20.29 31.18 -0.48
C ILE B 185 21.74 31.03 -0.98
N GLU B 186 22.50 30.91 0.11
CA GLU B 186 23.92 30.76 0.12
C GLU B 186 24.32 29.39 -0.40
N THR B 187 23.88 28.37 0.36
CA THR B 187 24.00 26.99 -0.04
C THR B 187 22.71 26.41 0.47
N GLY B 188 22.22 25.41 -0.26
CA GLY B 188 20.94 24.78 0.01
C GLY B 188 21.02 23.32 -0.38
N LEU B 189 20.16 22.56 0.28
CA LEU B 189 20.13 21.14 0.07
C LEU B 189 18.67 20.77 0.22
N MET B 190 18.09 19.95 -0.67
CA MET B 190 16.69 19.53 -0.58
C MET B 190 16.47 18.03 -0.69
N THR B 191 15.29 17.60 -0.22
CA THR B 191 14.90 16.21 -0.37
C THR B 191 13.46 16.24 -0.77
N THR B 192 13.03 15.35 -1.66
CA THR B 192 11.63 15.25 -2.02
C THR B 192 11.10 13.86 -1.69
N ILE B 193 10.21 13.72 -0.70
CA ILE B 193 9.53 12.46 -0.40
C ILE B 193 8.53 12.41 -1.55
N HIS B 194 8.62 11.38 -2.37
CA HIS B 194 7.96 11.41 -3.64
C HIS B 194 7.20 10.16 -4.03
N SER B 195 6.01 10.35 -4.58
CA SER B 195 5.21 9.25 -5.06
C SER B 195 5.87 8.44 -6.14
N TYR B 196 5.58 7.16 -6.27
CA TYR B 196 6.26 6.41 -7.28
C TYR B 196 5.71 6.80 -8.64
N THR B 197 6.45 6.52 -9.69
CA THR B 197 6.00 6.87 -11.04
C THR B 197 6.05 5.69 -11.97
N ALA B 198 5.74 5.92 -13.24
CA ALA B 198 5.63 4.80 -14.15
C ALA B 198 6.94 4.15 -14.54
N THR B 199 8.07 4.79 -14.19
CA THR B 199 9.36 4.23 -14.52
C THR B 199 9.76 3.14 -13.53
N GLN B 200 8.98 3.05 -12.44
CA GLN B 200 9.17 2.08 -11.38
C GLN B 200 8.36 0.81 -11.58
N LYS B 201 8.83 -0.12 -10.74
CA LYS B 201 8.49 -1.53 -10.81
C LYS B 201 7.53 -2.03 -9.75
N THR B 202 6.51 -2.87 -10.02
CA THR B 202 5.62 -3.34 -8.96
C THR B 202 6.27 -4.26 -7.95
N VAL B 203 7.07 -5.16 -8.57
CA VAL B 203 7.90 -6.18 -7.91
C VAL B 203 9.38 -6.01 -8.33
N ASP B 204 10.39 -6.46 -7.56
CA ASP B 204 11.80 -6.34 -7.93
C ASP B 204 12.13 -6.89 -9.31
N GLY B 205 12.74 -5.97 -10.07
CA GLY B 205 13.05 -6.20 -11.47
C GLY B 205 14.19 -5.33 -11.94
N VAL B 206 14.21 -5.22 -13.27
CA VAL B 206 15.34 -4.64 -13.99
C VAL B 206 15.37 -3.13 -14.00
N SER B 207 16.55 -2.59 -13.67
CA SER B 207 16.80 -1.16 -13.65
C SER B 207 18.32 -0.91 -13.59
N LEU B 208 18.98 -0.95 -14.77
CA LEU B 208 20.42 -0.84 -14.93
C LEU B 208 21.10 0.49 -14.63
N LYS B 209 20.32 1.58 -14.79
CA LYS B 209 20.83 2.93 -14.56
C LYS B 209 20.66 3.37 -13.12
N ASP B 210 19.52 3.04 -12.48
CA ASP B 210 19.43 3.14 -11.03
C ASP B 210 19.00 1.79 -10.44
N TRP B 211 19.93 1.21 -9.68
CA TRP B 211 19.76 -0.13 -9.15
C TRP B 211 18.63 -0.27 -8.16
N ARG B 212 18.54 0.73 -7.30
CA ARG B 212 17.48 0.80 -6.32
C ARG B 212 16.16 1.06 -7.02
N GLY B 213 16.07 1.78 -8.14
CA GLY B 213 14.78 2.10 -8.78
C GLY B 213 14.03 0.90 -9.32
N GLY B 214 14.70 -0.25 -9.37
CA GLY B 214 14.06 -1.49 -9.82
C GLY B 214 13.34 -2.29 -8.73
N ARG B 215 13.64 -1.96 -7.47
CA ARG B 215 13.06 -2.64 -6.33
C ARG B 215 11.55 -2.40 -6.21
N ALA B 216 10.79 -3.38 -5.70
CA ALA B 216 9.33 -3.31 -5.69
C ALA B 216 8.84 -1.96 -5.20
N ALA B 217 7.98 -1.32 -5.98
CA ALA B 217 7.70 0.08 -5.72
C ALA B 217 6.88 0.50 -4.54
N ALA B 218 5.84 -0.33 -4.34
CA ALA B 218 4.83 0.01 -3.38
C ALA B 218 5.05 -0.65 -2.03
N VAL B 219 6.32 -1.00 -1.76
CA VAL B 219 6.66 -1.67 -0.52
C VAL B 219 8.03 -1.23 0.09
N ASN B 220 8.65 -0.21 -0.48
CA ASN B 220 9.93 0.26 -0.03
C ASN B 220 10.05 1.78 0.03
N ILE B 221 11.01 2.26 0.81
CA ILE B 221 11.39 3.65 0.72
C ILE B 221 12.62 3.49 -0.18
N ILE B 222 12.58 4.09 -1.38
CA ILE B 222 13.68 3.95 -2.34
C ILE B 222 14.51 5.23 -2.46
N PRO B 223 15.78 5.37 -2.02
CA PRO B 223 16.56 6.57 -2.25
C PRO B 223 16.83 6.62 -3.74
N SER B 224 16.83 7.85 -4.24
CA SER B 224 17.16 8.12 -5.62
C SER B 224 17.42 9.60 -5.82
N THR B 225 17.56 9.95 -7.11
CA THR B 225 17.85 11.31 -7.53
C THR B 225 16.64 11.98 -8.12
N THR B 226 16.83 13.27 -8.02
CA THR B 226 15.87 14.21 -8.49
C THR B 226 16.34 15.02 -9.69
N GLY B 227 15.30 15.42 -10.40
CA GLY B 227 15.42 16.24 -11.58
C GLY B 227 15.71 17.69 -11.22
N ALA B 228 15.21 18.17 -10.08
CA ALA B 228 15.54 19.50 -9.64
C ALA B 228 16.94 19.70 -9.06
N ALA B 229 17.75 18.64 -9.14
CA ALA B 229 19.15 18.73 -8.77
C ALA B 229 19.96 19.55 -9.80
N LYS B 230 19.52 19.48 -11.09
CA LYS B 230 20.11 20.21 -12.21
C LYS B 230 19.33 21.47 -12.62
N ALA B 231 18.07 21.25 -13.03
CA ALA B 231 17.20 22.27 -13.57
C ALA B 231 17.01 23.57 -12.85
N VAL B 232 17.07 23.68 -11.51
CA VAL B 232 16.82 24.96 -10.81
C VAL B 232 17.97 25.96 -10.99
N GLY B 233 19.16 25.41 -11.19
CA GLY B 233 20.32 26.22 -11.48
C GLY B 233 20.16 26.77 -12.90
N MET B 234 19.44 26.08 -13.78
CA MET B 234 19.24 26.55 -15.14
C MET B 234 18.12 27.57 -15.23
N VAL B 235 17.13 27.50 -14.35
CA VAL B 235 16.06 28.46 -14.38
C VAL B 235 16.50 29.71 -13.62
N ILE B 236 17.28 29.50 -12.55
CA ILE B 236 17.79 30.56 -11.68
C ILE B 236 19.25 30.22 -11.65
N PRO B 237 20.07 30.94 -12.38
CA PRO B 237 21.50 30.73 -12.43
C PRO B 237 22.24 31.20 -11.19
N SER B 238 21.59 32.03 -10.36
CA SER B 238 22.16 32.52 -9.12
C SER B 238 22.51 31.36 -8.20
N THR B 239 21.67 30.32 -8.32
CA THR B 239 21.76 29.09 -7.56
C THR B 239 22.50 27.92 -8.21
N LYS B 240 23.36 28.09 -9.23
CA LYS B 240 24.15 26.98 -9.80
C LYS B 240 25.35 26.70 -8.88
N GLY B 241 25.53 25.44 -8.49
CA GLY B 241 26.60 25.03 -7.57
C GLY B 241 26.36 25.33 -6.09
N LYS B 242 25.22 26.02 -5.82
CA LYS B 242 24.79 26.42 -4.49
C LYS B 242 23.72 25.54 -3.88
N LEU B 243 22.92 24.92 -4.72
CA LEU B 243 21.79 24.12 -4.29
C LEU B 243 21.80 22.75 -4.96
N THR B 244 21.48 21.66 -4.24
CA THR B 244 21.41 20.30 -4.80
C THR B 244 20.46 19.48 -3.92
N GLY B 245 20.10 18.26 -4.35
CA GLY B 245 19.21 17.43 -3.56
C GLY B 245 19.08 16.00 -4.06
N MET B 246 18.26 15.30 -3.26
CA MET B 246 17.96 13.91 -3.49
C MET B 246 16.47 13.64 -3.45
N SER B 247 16.10 12.36 -3.54
CA SER B 247 14.75 11.86 -3.65
C SER B 247 14.52 10.64 -2.79
N PHE B 248 13.34 10.48 -2.16
CA PHE B 248 12.97 9.20 -1.56
C PHE B 248 11.67 8.78 -2.21
N ARG B 249 11.59 7.68 -2.94
CA ARG B 249 10.34 7.28 -3.57
C ARG B 249 9.53 6.34 -2.66
N VAL B 250 8.45 6.89 -2.12
CA VAL B 250 7.62 6.17 -1.17
C VAL B 250 6.31 5.65 -1.76
N PRO B 251 5.64 4.69 -1.08
CA PRO B 251 4.40 4.04 -1.50
C PRO B 251 3.05 4.76 -1.72
N THR B 252 3.14 6.05 -2.13
CA THR B 252 1.91 6.79 -2.47
C THR B 252 1.89 6.95 -3.98
N PRO B 253 0.76 6.83 -4.65
CA PRO B 253 0.68 6.86 -6.11
C PRO B 253 0.69 8.26 -6.78
N ASP B 254 0.48 9.30 -5.96
CA ASP B 254 0.54 10.71 -6.38
C ASP B 254 0.60 11.69 -5.20
N VAL B 255 1.11 12.87 -5.48
CA VAL B 255 1.43 13.98 -4.60
C VAL B 255 2.81 13.71 -4.02
N SER B 256 3.63 14.74 -3.84
CA SER B 256 4.99 14.64 -3.32
C SER B 256 5.30 15.84 -2.46
N VAL B 257 6.34 15.87 -1.62
CA VAL B 257 6.61 17.10 -0.90
C VAL B 257 8.09 17.42 -0.81
N VAL B 258 8.34 18.72 -0.97
CA VAL B 258 9.69 19.25 -0.95
C VAL B 258 10.09 19.68 0.44
N ASP B 259 11.14 19.06 0.95
CA ASP B 259 11.71 19.44 2.23
C ASP B 259 13.01 20.16 1.86
N LEU B 260 13.04 21.47 2.08
CA LEU B 260 14.17 22.28 1.66
C LEU B 260 14.93 22.90 2.82
N THR B 261 16.21 22.53 3.00
CA THR B 261 17.05 23.14 4.02
C THR B 261 18.09 24.03 3.35
N PHE B 262 18.05 25.31 3.70
CA PHE B 262 18.93 26.32 3.13
C PHE B 262 19.49 27.29 4.18
N ARG B 263 20.58 28.01 3.88
CA ARG B 263 21.08 29.02 4.80
C ARG B 263 20.97 30.39 4.15
N ALA B 264 20.37 31.39 4.80
CA ALA B 264 20.15 32.70 4.22
C ALA B 264 21.43 33.49 4.12
N THR B 265 21.32 34.49 3.25
CA THR B 265 22.36 35.45 2.96
C THR B 265 22.40 36.62 3.95
N ARG B 266 21.30 36.76 4.68
CA ARG B 266 21.20 37.76 5.71
C ARG B 266 20.44 37.19 6.89
N ASP B 267 20.64 37.80 8.06
CA ASP B 267 19.90 37.41 9.24
C ASP B 267 18.45 37.79 9.03
N THR B 268 17.61 36.79 9.28
CA THR B 268 16.19 36.92 9.10
C THR B 268 15.52 36.02 10.12
N SER B 269 14.23 35.70 9.98
CA SER B 269 13.55 34.83 10.92
C SER B 269 12.60 33.96 10.12
N ILE B 270 12.25 32.76 10.61
CA ILE B 270 11.28 31.97 9.87
C ILE B 270 9.93 32.70 9.79
N GLN B 271 9.63 33.67 10.65
CA GLN B 271 8.33 34.33 10.62
C GLN B 271 8.21 35.23 9.40
N GLU B 272 9.38 35.85 9.13
CA GLU B 272 9.61 36.77 8.04
C GLU B 272 9.46 36.05 6.71
N ILE B 273 10.18 34.90 6.58
CA ILE B 273 10.09 34.08 5.39
C ILE B 273 8.65 33.63 5.23
N ASP B 274 7.95 33.26 6.30
CA ASP B 274 6.56 32.81 6.19
C ASP B 274 5.67 33.90 5.62
N LYS B 275 5.89 35.15 6.04
CA LYS B 275 5.11 36.29 5.54
C LYS B 275 5.36 36.52 4.05
N ALA B 276 6.64 36.59 3.64
CA ALA B 276 7.01 36.74 2.25
C ALA B 276 6.37 35.71 1.33
N ILE B 277 6.33 34.44 1.73
CA ILE B 277 5.76 33.42 0.89
C ILE B 277 4.27 33.58 0.78
N LYS B 278 3.62 33.97 1.87
CA LYS B 278 2.19 34.18 1.80
C LYS B 278 1.92 35.37 0.91
N LYS B 279 2.74 36.41 1.02
CA LYS B 279 2.58 37.64 0.27
C LYS B 279 2.68 37.35 -1.22
N ALA B 280 3.74 36.64 -1.60
CA ALA B 280 3.98 36.20 -2.97
C ALA B 280 2.86 35.35 -3.53
N ALA B 281 2.34 34.47 -2.65
CA ALA B 281 1.27 33.58 -3.02
C ALA B 281 0.08 34.40 -3.41
N GLN B 282 -0.05 35.59 -2.79
CA GLN B 282 -1.16 36.47 -3.05
C GLN B 282 -0.95 37.52 -4.13
N THR B 283 0.30 37.88 -4.45
CA THR B 283 0.51 38.88 -5.47
C THR B 283 1.21 38.34 -6.69
N TYR B 284 2.54 38.38 -6.90
CA TYR B 284 3.16 37.92 -8.15
C TYR B 284 3.35 36.44 -8.51
N MET B 285 3.24 35.56 -7.52
CA MET B 285 3.32 34.16 -7.80
C MET B 285 1.91 33.58 -7.83
N LYS B 286 0.83 34.34 -7.75
CA LYS B 286 -0.52 33.80 -7.66
C LYS B 286 -0.90 32.80 -8.74
N GLY B 287 -1.44 31.66 -8.32
CA GLY B 287 -1.84 30.61 -9.25
C GLY B 287 -0.77 29.54 -9.52
N ILE B 288 0.47 29.90 -9.15
CA ILE B 288 1.71 29.14 -9.26
C ILE B 288 2.15 28.69 -7.87
N LEU B 289 2.33 29.66 -6.94
CA LEU B 289 2.63 29.44 -5.52
C LEU B 289 1.36 29.59 -4.68
N GLY B 290 1.04 28.61 -3.86
CA GLY B 290 -0.04 28.83 -2.93
C GLY B 290 0.49 28.59 -1.54
N PHE B 291 -0.37 28.70 -0.53
CA PHE B 291 0.02 28.18 0.76
C PHE B 291 -1.17 27.52 1.47
N THR B 292 -0.89 26.79 2.55
CA THR B 292 -1.96 26.27 3.37
C THR B 292 -1.56 26.56 4.79
N ASP B 293 -2.66 26.77 5.50
CA ASP B 293 -2.64 27.02 6.93
C ASP B 293 -3.14 25.79 7.64
N GLU B 294 -3.63 24.79 6.91
CA GLU B 294 -4.19 23.63 7.53
C GLU B 294 -3.20 22.49 7.71
N GLU B 295 -3.69 21.60 8.61
CA GLU B 295 -3.03 20.35 8.98
C GLU B 295 -3.28 19.28 7.92
N LEU B 296 -2.82 19.50 6.67
CA LEU B 296 -3.17 18.61 5.58
C LEU B 296 -2.16 17.52 5.37
N VAL B 297 -2.58 16.44 4.75
CA VAL B 297 -1.66 15.37 4.42
C VAL B 297 -1.61 15.22 2.90
N SER B 298 -0.83 14.30 2.31
CA SER B 298 -0.64 14.22 0.87
C SER B 298 -1.91 14.18 0.07
N ALA B 299 -2.94 13.48 0.57
CA ALA B 299 -4.14 13.30 -0.24
C ALA B 299 -5.01 14.52 -0.47
N ASP B 300 -4.75 15.55 0.33
CA ASP B 300 -5.48 16.79 0.19
C ASP B 300 -5.07 17.66 -0.95
N PHE B 301 -3.90 17.33 -1.52
CA PHE B 301 -3.39 18.04 -2.67
C PHE B 301 -3.69 17.33 -3.99
N ILE B 302 -4.47 16.25 -4.05
CA ILE B 302 -4.84 15.65 -5.32
C ILE B 302 -5.72 16.66 -5.99
N ASN B 303 -5.42 16.88 -7.28
CA ASN B 303 -6.04 17.87 -8.14
C ASN B 303 -5.85 19.32 -7.73
N ASP B 304 -4.72 19.59 -7.08
CA ASP B 304 -4.43 20.95 -6.71
C ASP B 304 -3.40 21.36 -7.73
N ASN B 305 -3.88 22.26 -8.59
CA ASN B 305 -3.03 22.78 -9.65
C ASN B 305 -2.04 23.86 -9.28
N ARG B 306 -1.86 24.38 -8.05
CA ARG B 306 -0.72 25.27 -7.79
C ARG B 306 0.53 24.44 -8.01
N SER B 307 1.60 25.03 -8.51
CA SER B 307 2.86 24.29 -8.70
C SER B 307 3.57 23.94 -7.41
N SER B 308 3.27 24.72 -6.36
CA SER B 308 4.04 24.63 -5.16
C SER B 308 3.16 25.21 -4.08
N VAL B 309 2.62 24.39 -3.18
CA VAL B 309 1.72 24.94 -2.20
C VAL B 309 2.24 24.61 -0.82
N TYR B 310 2.98 25.64 -0.42
CA TYR B 310 3.64 25.82 0.85
C TYR B 310 2.90 25.46 2.12
N ASP B 311 3.47 24.63 3.01
CA ASP B 311 2.83 24.28 4.26
C ASP B 311 3.26 25.20 5.39
N SER B 312 2.48 26.24 5.66
CA SER B 312 2.75 27.17 6.74
C SER B 312 2.95 26.55 8.12
N LYS B 313 2.07 25.65 8.57
CA LYS B 313 2.23 25.11 9.91
C LYS B 313 3.37 24.15 9.95
N ALA B 314 3.54 23.20 9.03
CA ALA B 314 4.70 22.33 9.08
C ALA B 314 6.04 23.05 9.06
N THR B 315 6.13 24.21 8.42
CA THR B 315 7.38 24.93 8.32
C THR B 315 7.59 25.67 9.62
N LEU B 316 6.55 26.33 10.14
CA LEU B 316 6.66 27.08 11.38
C LEU B 316 6.88 26.27 12.65
N GLN B 317 6.36 25.04 12.74
CA GLN B 317 6.53 24.22 13.92
C GLN B 317 7.85 23.45 13.92
N ASN B 318 8.54 23.32 12.78
CA ASN B 318 9.75 22.52 12.71
C ASN B 318 11.06 23.22 12.40
N ASN B 319 11.17 24.47 12.84
CA ASN B 319 12.40 25.23 12.67
C ASN B 319 13.00 25.55 14.02
N LEU B 320 14.29 25.85 14.05
CA LEU B 320 14.97 26.20 15.29
C LEU B 320 14.48 27.54 15.82
N PRO B 321 14.09 27.66 17.10
CA PRO B 321 13.34 28.78 17.64
C PRO B 321 14.07 30.10 17.61
N GLY B 322 15.39 30.09 17.67
CA GLY B 322 16.09 31.36 17.64
C GLY B 322 16.83 31.66 16.35
N GLU B 323 16.63 30.84 15.30
CA GLU B 323 17.44 30.96 14.11
C GLU B 323 17.23 32.17 13.22
N LYS B 324 18.38 32.62 12.67
CA LYS B 324 18.46 33.76 11.77
C LYS B 324 18.94 33.38 10.38
N ARG B 325 19.62 32.24 10.20
CA ARG B 325 20.15 31.84 8.91
C ARG B 325 19.76 30.47 8.36
N PHE B 326 19.78 29.40 9.18
CA PHE B 326 19.56 28.03 8.75
C PHE B 326 18.11 27.52 8.88
N PHE B 327 17.39 27.45 7.75
CA PHE B 327 15.96 27.13 7.73
C PHE B 327 15.52 25.91 6.92
N LYS B 328 14.30 25.44 7.23
CA LYS B 328 13.62 24.36 6.54
C LYS B 328 12.37 24.96 5.94
N VAL B 329 12.01 24.65 4.70
CA VAL B 329 10.79 25.15 4.11
C VAL B 329 10.16 23.94 3.43
N VAL B 330 8.88 23.71 3.72
CA VAL B 330 8.23 22.52 3.20
C VAL B 330 7.10 22.97 2.27
N SER B 331 6.99 22.37 1.06
CA SER B 331 5.94 22.71 0.12
C SER B 331 5.54 21.49 -0.67
N TRP B 332 4.23 21.36 -0.83
CA TRP B 332 3.61 20.21 -1.48
C TRP B 332 3.32 20.42 -2.92
N TYR B 333 3.05 19.33 -3.63
CA TYR B 333 2.69 19.39 -5.04
C TYR B 333 2.09 18.12 -5.57
N ASP B 334 1.06 18.20 -6.41
CA ASP B 334 0.47 17.02 -7.03
C ASP B 334 1.31 16.94 -8.28
N ASN B 335 2.32 16.08 -8.22
CA ASN B 335 3.27 15.96 -9.32
C ASN B 335 2.75 15.62 -10.71
N GLU B 336 1.52 15.16 -10.87
CA GLU B 336 0.96 14.85 -12.16
C GLU B 336 0.16 15.99 -12.70
N TRP B 337 -0.53 16.65 -11.78
CA TRP B 337 -1.56 17.58 -12.20
C TRP B 337 -1.16 19.01 -12.30
N ALA B 338 -0.34 19.46 -11.36
CA ALA B 338 0.04 20.84 -11.42
C ALA B 338 0.98 20.93 -12.60
N TYR B 339 2.09 20.17 -12.71
CA TYR B 339 2.97 20.20 -13.87
C TYR B 339 2.23 20.17 -15.19
N SER B 340 1.23 19.30 -15.38
CA SER B 340 0.37 19.28 -16.57
C SER B 340 -0.30 20.60 -16.90
N HIS B 341 -0.96 21.22 -15.95
CA HIS B 341 -1.49 22.57 -16.15
C HIS B 341 -0.40 23.56 -16.55
N ARG B 342 0.82 23.49 -16.01
CA ARG B 342 1.90 24.40 -16.38
C ARG B 342 2.37 24.17 -17.79
N VAL B 343 2.43 22.93 -18.29
CA VAL B 343 2.77 22.68 -19.70
C VAL B 343 1.82 23.42 -20.64
N VAL B 344 0.50 23.38 -20.37
CA VAL B 344 -0.50 24.11 -21.13
C VAL B 344 -0.24 25.59 -20.97
N ASP B 345 0.03 26.08 -19.76
CA ASP B 345 0.35 27.48 -19.51
C ASP B 345 1.54 27.99 -20.33
N LEU B 346 2.62 27.20 -20.44
CA LEU B 346 3.78 27.54 -21.25
C LEU B 346 3.47 27.50 -22.73
N VAL B 347 2.88 26.41 -23.26
CA VAL B 347 2.45 26.31 -24.66
C VAL B 347 1.65 27.54 -25.01
N ARG B 348 0.73 27.96 -24.15
CA ARG B 348 -0.09 29.12 -24.44
C ARG B 348 0.63 30.44 -24.49
N TYR B 349 1.60 30.56 -23.55
CA TYR B 349 2.40 31.75 -23.46
C TYR B 349 3.28 31.81 -24.71
N MET B 350 4.08 30.76 -24.90
CA MET B 350 4.92 30.62 -26.05
C MET B 350 4.23 31.01 -27.34
N ALA B 351 3.01 30.53 -27.54
CA ALA B 351 2.25 30.73 -28.75
C ALA B 351 1.77 32.15 -29.01
N ALA B 352 1.52 32.84 -27.90
CA ALA B 352 1.11 34.23 -27.97
C ALA B 352 2.33 35.09 -28.24
N LYS B 353 3.52 34.74 -27.74
CA LYS B 353 4.74 35.49 -27.99
C LYS B 353 5.24 35.30 -29.42
N ASP B 354 5.11 34.07 -29.93
CA ASP B 354 5.49 33.69 -31.28
C ASP B 354 4.55 34.38 -32.25
N ALA B 355 3.29 34.61 -31.89
CA ALA B 355 2.41 35.28 -32.81
C ALA B 355 2.81 36.74 -32.83
N ALA B 356 3.04 37.27 -31.63
CA ALA B 356 3.38 38.66 -31.39
C ALA B 356 4.55 39.17 -32.22
N SER B 357 5.55 38.32 -32.46
CA SER B 357 6.68 38.70 -33.26
C SER B 357 6.67 38.00 -34.62
N SER B 358 6.69 36.66 -34.50
CA SER B 358 6.78 35.60 -35.53
C SER B 358 7.98 34.69 -35.25
N ALA C 1 23.23 -15.24 38.14
CA ALA C 1 22.10 -14.52 38.71
C ALA C 1 21.23 -13.98 37.59
N PRO C 2 20.06 -14.59 37.32
CA PRO C 2 19.07 -14.09 36.38
C PRO C 2 18.50 -12.74 36.82
N ILE C 3 18.44 -11.84 35.82
CA ILE C 3 17.88 -10.50 35.98
C ILE C 3 16.38 -10.71 35.90
N LYS C 4 15.64 -10.17 36.88
CA LYS C 4 14.22 -10.44 36.92
C LYS C 4 13.49 -9.28 36.27
N VAL C 5 13.11 -9.53 35.02
CA VAL C 5 12.37 -8.53 34.26
C VAL C 5 10.92 -8.90 33.98
N GLY C 6 10.15 -7.82 33.92
CA GLY C 6 8.75 -7.86 33.60
C GLY C 6 8.50 -6.80 32.54
N ILE C 7 7.79 -7.20 31.47
CA ILE C 7 7.50 -6.30 30.38
C ILE C 7 6.05 -5.86 30.59
N ASN C 8 5.84 -4.55 30.78
CA ASN C 8 4.47 -4.01 30.84
C ASN C 8 4.16 -3.49 29.45
N GLY C 9 3.12 -4.06 28.81
CA GLY C 9 2.72 -3.69 27.47
C GLY C 9 3.43 -4.58 26.47
N PHE C 10 2.79 -5.69 26.14
CA PHE C 10 3.40 -6.65 25.24
C PHE C 10 3.08 -6.33 23.76
N GLY C 11 3.37 -5.10 23.28
CA GLY C 11 2.98 -4.74 21.92
C GLY C 11 4.09 -4.98 20.93
N ARG C 12 4.24 -4.16 19.87
CA ARG C 12 5.32 -4.33 18.91
C ARG C 12 6.68 -4.30 19.58
N ILE C 13 6.94 -3.29 20.41
CA ILE C 13 8.19 -3.15 21.12
C ILE C 13 8.34 -4.08 22.30
N GLY C 14 7.23 -4.50 22.90
CA GLY C 14 7.26 -5.45 23.98
C GLY C 14 7.70 -6.79 23.46
N ARG C 15 6.98 -7.32 22.45
CA ARG C 15 7.28 -8.58 21.79
C ARG C 15 8.63 -8.62 21.07
N MET C 16 9.10 -7.50 20.53
CA MET C 16 10.41 -7.52 19.91
C MET C 16 11.53 -7.49 20.92
N VAL C 17 11.37 -6.81 22.07
CA VAL C 17 12.33 -6.84 23.18
C VAL C 17 12.40 -8.26 23.71
N PHE C 18 11.26 -8.96 23.75
CA PHE C 18 11.22 -10.33 24.23
C PHE C 18 12.00 -11.23 23.30
N GLN C 19 11.70 -11.14 22.01
CA GLN C 19 12.35 -11.98 21.04
C GLN C 19 13.84 -11.69 21.01
N ALA C 20 14.29 -10.47 21.23
CA ALA C 20 15.71 -10.11 21.23
C ALA C 20 16.49 -10.79 22.34
N ILE C 21 15.79 -11.00 23.46
CA ILE C 21 16.30 -11.68 24.64
C ILE C 21 16.50 -13.11 24.22
N CYS C 22 15.57 -13.77 23.52
CA CYS C 22 15.80 -15.14 23.08
C CYS C 22 16.84 -15.36 21.98
N ASP C 23 16.90 -14.45 20.99
CA ASP C 23 17.82 -14.53 19.86
C ASP C 23 19.25 -14.24 20.29
N GLN C 24 19.44 -13.50 21.37
CA GLN C 24 20.78 -13.23 21.88
C GLN C 24 21.30 -14.30 22.84
N GLY C 25 20.41 -15.21 23.24
CA GLY C 25 20.74 -16.30 24.17
C GLY C 25 20.63 -15.96 25.66
N LEU C 26 19.70 -15.06 26.08
CA LEU C 26 19.58 -14.68 27.46
C LEU C 26 18.44 -15.32 28.25
N ILE C 27 17.40 -15.85 27.62
CA ILE C 27 16.27 -16.40 28.35
C ILE C 27 16.65 -17.53 29.29
N GLY C 28 16.16 -17.35 30.51
CA GLY C 28 16.42 -18.26 31.59
C GLY C 28 17.81 -18.10 32.21
N THR C 29 18.86 -17.91 31.40
CA THR C 29 20.22 -17.93 31.90
C THR C 29 20.70 -16.58 32.42
N GLU C 30 20.60 -15.60 31.53
CA GLU C 30 21.11 -14.29 31.81
C GLU C 30 20.00 -13.35 32.17
N ILE C 31 18.84 -13.63 31.59
CA ILE C 31 17.67 -12.81 31.76
C ILE C 31 16.53 -13.78 31.96
N ASP C 32 15.75 -13.39 32.93
CA ASP C 32 14.61 -14.17 33.33
C ASP C 32 13.40 -13.26 33.19
N VAL C 33 12.55 -13.62 32.23
CA VAL C 33 11.33 -12.88 32.08
C VAL C 33 10.25 -13.61 32.87
N VAL C 34 10.07 -12.94 34.01
CA VAL C 34 9.13 -13.36 35.05
C VAL C 34 7.69 -13.23 34.60
N ALA C 35 7.38 -12.08 34.01
CA ALA C 35 6.04 -11.83 33.56
C ALA C 35 5.91 -10.84 32.41
N VAL C 36 4.88 -11.06 31.57
CA VAL C 36 4.49 -10.09 30.57
C VAL C 36 3.06 -9.61 30.87
N VAL C 37 2.74 -8.33 30.59
CA VAL C 37 1.42 -7.75 30.85
C VAL C 37 0.81 -7.08 29.63
N ASP C 38 -0.48 -7.35 29.42
CA ASP C 38 -1.24 -6.76 28.36
C ASP C 38 -2.73 -6.99 28.63
N MET C 39 -3.60 -6.54 27.72
CA MET C 39 -5.06 -6.63 27.81
C MET C 39 -5.70 -7.99 28.03
N SER C 40 -4.89 -9.04 28.01
CA SER C 40 -5.39 -10.35 28.30
C SER C 40 -4.35 -11.13 29.11
N THR C 41 -4.84 -12.32 29.40
CA THR C 41 -4.08 -13.29 30.13
C THR C 41 -4.04 -14.54 29.28
N ASN C 42 -4.95 -14.70 28.28
CA ASN C 42 -4.95 -15.86 27.39
C ASN C 42 -3.62 -15.95 26.66
N ALA C 43 -2.78 -16.85 27.18
CA ALA C 43 -1.45 -17.06 26.64
C ALA C 43 -1.49 -17.78 25.31
N GLU C 44 -2.56 -18.51 24.95
CA GLU C 44 -2.67 -19.07 23.62
C GLU C 44 -2.67 -17.98 22.54
N TYR C 45 -3.22 -16.80 22.91
CA TYR C 45 -3.24 -15.60 22.07
C TYR C 45 -1.85 -14.96 22.11
N PHE C 46 -1.11 -14.79 23.20
CA PHE C 46 0.26 -14.27 23.10
C PHE C 46 1.12 -15.24 22.30
N ALA C 47 0.75 -16.52 22.21
CA ALA C 47 1.55 -17.49 21.50
C ALA C 47 1.51 -17.19 20.00
N TYR C 48 0.26 -17.05 19.52
CA TYR C 48 -0.05 -16.68 18.15
C TYR C 48 0.70 -15.42 17.76
N GLN C 49 0.51 -14.32 18.48
CA GLN C 49 1.22 -13.06 18.30
C GLN C 49 2.74 -13.15 18.34
N MET C 50 3.30 -14.15 19.04
CA MET C 50 4.74 -14.35 19.05
C MET C 50 5.19 -15.21 17.87
N LYS C 51 4.35 -16.20 17.53
CA LYS C 51 4.67 -17.15 16.48
C LYS C 51 4.51 -16.63 15.07
N HIS C 52 3.66 -15.64 14.85
CA HIS C 52 3.41 -15.05 13.53
C HIS C 52 3.48 -13.52 13.48
N ASP C 53 4.60 -12.95 13.01
CA ASP C 53 4.76 -11.52 12.88
C ASP C 53 4.77 -11.10 11.42
N THR C 54 3.93 -10.12 11.00
CA THR C 54 3.88 -9.69 9.60
C THR C 54 5.23 -9.25 9.07
N VAL C 55 5.99 -8.53 9.85
CA VAL C 55 7.18 -7.93 9.33
C VAL C 55 8.43 -8.73 9.53
N HIS C 56 8.57 -9.31 10.72
CA HIS C 56 9.80 -9.98 11.09
C HIS C 56 9.65 -11.48 11.07
N GLY C 57 8.51 -11.98 10.58
CA GLY C 57 8.28 -13.42 10.44
C GLY C 57 8.24 -14.25 11.73
N ARG C 58 8.40 -15.57 11.48
CA ARG C 58 8.43 -16.60 12.51
C ARG C 58 9.66 -16.50 13.41
N PRO C 59 9.62 -16.58 14.75
CA PRO C 59 10.82 -16.56 15.61
C PRO C 59 11.55 -17.89 15.78
N LYS C 60 12.83 -17.90 16.18
CA LYS C 60 13.57 -19.17 16.35
C LYS C 60 13.27 -19.88 17.66
N TYR C 61 12.88 -19.22 18.75
CA TYR C 61 12.41 -19.89 19.96
C TYR C 61 11.15 -20.78 19.83
N THR C 62 10.84 -21.66 20.80
CA THR C 62 9.56 -22.39 20.75
C THR C 62 8.61 -21.84 21.80
N VAL C 63 7.34 -21.77 21.38
CA VAL C 63 6.33 -21.23 22.26
C VAL C 63 5.22 -22.25 22.41
N GLU C 64 4.98 -22.40 23.71
CA GLU C 64 3.87 -23.17 24.21
C GLU C 64 3.06 -22.39 25.22
N ALA C 65 1.77 -22.73 25.25
CA ALA C 65 0.87 -22.13 26.20
C ALA C 65 0.18 -23.20 27.01
N VAL C 66 0.39 -23.05 28.32
CA VAL C 66 -0.13 -23.97 29.34
C VAL C 66 -0.81 -23.18 30.46
N LYS C 67 -1.63 -23.91 31.24
CA LYS C 67 -2.37 -23.34 32.37
C LYS C 67 -1.53 -23.45 33.63
N SER C 68 -1.41 -22.38 34.44
CA SER C 68 -0.60 -22.39 35.66
C SER C 68 -0.99 -23.38 36.77
N SER C 69 -2.32 -23.49 36.98
CA SER C 69 -2.97 -24.45 37.88
C SER C 69 -4.10 -25.06 37.04
N PRO C 70 -4.58 -26.29 37.24
CA PRO C 70 -5.75 -26.83 36.54
C PRO C 70 -7.10 -26.14 36.79
N SER C 71 -7.05 -25.25 37.77
CA SER C 71 -8.13 -24.40 38.26
C SER C 71 -8.55 -23.30 37.28
N VAL C 72 -7.57 -22.79 36.51
CA VAL C 72 -7.83 -21.76 35.50
C VAL C 72 -8.39 -22.35 34.21
N GLU C 73 -9.15 -21.46 33.59
CA GLU C 73 -9.87 -21.67 32.34
C GLU C 73 -9.06 -21.60 31.04
N THR C 74 -8.26 -20.56 30.83
CA THR C 74 -7.47 -20.44 29.61
C THR C 74 -6.01 -20.41 29.97
N ALA C 75 -5.22 -21.11 29.15
CA ALA C 75 -3.78 -21.21 29.35
C ALA C 75 -3.22 -19.88 29.74
N ASP C 76 -2.50 -19.74 30.86
CA ASP C 76 -2.05 -18.41 31.26
C ASP C 76 -0.57 -18.25 31.60
N VAL C 77 0.20 -19.26 31.17
CA VAL C 77 1.64 -19.26 31.29
C VAL C 77 2.18 -19.52 29.91
N LEU C 78 3.20 -18.71 29.63
CA LEU C 78 4.00 -18.85 28.43
C LEU C 78 5.15 -19.77 28.70
N VAL C 79 5.62 -20.55 27.71
CA VAL C 79 6.77 -21.42 27.92
C VAL C 79 7.63 -21.34 26.67
N VAL C 80 8.70 -20.56 26.81
CA VAL C 80 9.58 -20.27 25.70
C VAL C 80 10.94 -20.92 25.92
N ASN C 81 11.05 -22.05 25.22
CA ASN C 81 12.19 -22.96 25.30
C ASN C 81 12.28 -23.51 26.71
N GLY C 82 11.14 -24.10 27.12
CA GLY C 82 11.01 -24.65 28.46
C GLY C 82 11.22 -23.68 29.65
N HIS C 83 11.17 -22.36 29.43
CA HIS C 83 11.17 -21.35 30.50
C HIS C 83 9.75 -20.78 30.64
N ARG C 84 9.25 -20.59 31.87
CA ARG C 84 7.90 -20.11 32.12
C ARG C 84 7.83 -18.61 32.40
N ILE C 85 7.04 -17.93 31.55
CA ILE C 85 6.76 -16.50 31.67
C ILE C 85 5.27 -16.42 32.03
N LYS C 86 4.91 -15.51 32.95
CA LYS C 86 3.53 -15.37 33.36
C LYS C 86 2.77 -14.20 32.74
N CYS C 87 1.54 -14.55 32.34
CA CYS C 87 0.62 -13.62 31.71
C CYS C 87 -0.32 -12.96 32.72
N VAL C 88 0.15 -11.80 33.15
CA VAL C 88 -0.56 -10.97 34.09
C VAL C 88 -1.45 -9.98 33.34
N LYS C 89 -2.60 -9.83 33.96
CA LYS C 89 -3.63 -8.89 33.56
C LYS C 89 -3.18 -7.46 33.88
N ALA C 90 -3.46 -6.67 32.83
CA ALA C 90 -3.20 -5.25 32.75
C ALA C 90 -3.91 -4.39 33.78
N GLN C 91 -3.08 -3.49 34.29
CA GLN C 91 -3.56 -2.59 35.29
C GLN C 91 -3.48 -1.16 34.81
N ARG C 92 -4.55 -0.42 35.16
CA ARG C 92 -4.69 0.99 34.85
C ARG C 92 -3.65 1.86 35.55
N ASN C 93 -3.21 1.42 36.73
CA ASN C 93 -2.13 2.09 37.38
C ASN C 93 -0.95 1.13 37.52
N PRO C 94 0.27 1.58 37.20
CA PRO C 94 1.52 0.88 37.53
C PRO C 94 1.73 0.44 38.98
N ALA C 95 1.22 1.18 39.95
CA ALA C 95 1.33 0.82 41.36
C ALA C 95 0.62 -0.45 41.78
N ASP C 96 -0.48 -0.74 41.05
CA ASP C 96 -1.33 -1.91 41.22
C ASP C 96 -0.76 -3.20 40.64
N LEU C 97 0.40 -3.13 39.99
CA LEU C 97 1.03 -4.32 39.41
C LEU C 97 1.82 -5.10 40.46
N PRO C 98 1.62 -6.43 40.65
CA PRO C 98 2.30 -7.28 41.65
C PRO C 98 3.77 -7.49 41.40
N TRP C 99 4.56 -6.43 41.28
CA TRP C 99 5.92 -6.62 40.85
C TRP C 99 6.76 -7.24 41.92
N GLY C 100 6.67 -6.78 43.19
CA GLY C 100 7.43 -7.33 44.30
C GLY C 100 7.03 -8.76 44.68
N LYS C 101 5.76 -9.04 44.41
CA LYS C 101 5.16 -10.34 44.64
C LYS C 101 5.77 -11.34 43.67
N LEU C 102 5.71 -11.03 42.36
CA LEU C 102 6.22 -11.90 41.31
C LEU C 102 7.73 -12.01 41.36
N GLY C 103 8.38 -11.07 42.08
CA GLY C 103 9.82 -11.06 42.27
C GLY C 103 10.54 -10.29 41.19
N VAL C 104 9.82 -9.39 40.51
CA VAL C 104 10.36 -8.64 39.40
C VAL C 104 11.10 -7.47 39.99
N ASP C 105 12.22 -7.13 39.37
CA ASP C 105 13.01 -6.01 39.81
C ASP C 105 13.04 -4.96 38.70
N TYR C 106 13.41 -5.38 37.50
CA TYR C 106 13.44 -4.49 36.33
C TYR C 106 12.16 -4.59 35.49
N VAL C 107 11.51 -3.44 35.27
CA VAL C 107 10.33 -3.40 34.43
C VAL C 107 10.61 -2.58 33.18
N ILE C 108 10.26 -3.20 32.06
CA ILE C 108 10.34 -2.56 30.76
C ILE C 108 8.93 -2.07 30.49
N GLU C 109 8.92 -0.74 30.50
CA GLU C 109 7.70 0.02 30.30
C GLU C 109 7.55 0.45 28.86
N SER C 110 6.66 -0.35 28.26
CA SER C 110 6.32 -0.24 26.86
C SER C 110 4.83 -0.32 26.58
N THR C 111 3.99 0.39 27.36
CA THR C 111 2.55 0.49 27.10
C THR C 111 2.23 1.72 26.26
N GLY C 112 3.14 2.71 26.45
CA GLY C 112 3.03 3.99 25.77
C GLY C 112 2.25 4.99 26.62
N LEU C 113 1.44 4.43 27.52
CA LEU C 113 0.62 5.20 28.39
C LEU C 113 1.36 5.82 29.57
N PHE C 114 2.62 5.45 29.95
CA PHE C 114 3.24 6.01 31.17
C PHE C 114 4.64 6.60 30.93
N THR C 115 4.69 7.55 29.99
CA THR C 115 5.94 8.19 29.62
C THR C 115 6.40 9.27 30.58
N ASP C 116 5.65 9.44 31.66
CA ASP C 116 6.03 10.40 32.67
C ASP C 116 6.59 9.64 33.84
N LYS C 117 7.77 10.13 34.19
CA LYS C 117 8.57 9.77 35.33
C LYS C 117 7.75 9.27 36.51
N LEU C 118 6.80 10.11 36.86
CA LEU C 118 5.90 9.88 37.97
C LEU C 118 4.86 8.82 37.71
N LYS C 119 4.29 8.67 36.52
CA LYS C 119 3.38 7.54 36.34
C LYS C 119 4.21 6.27 36.18
N ALA C 120 5.51 6.44 35.87
CA ALA C 120 6.41 5.33 35.69
C ALA C 120 6.90 4.81 37.03
N GLU C 121 7.02 5.70 38.03
CA GLU C 121 7.40 5.34 39.40
C GLU C 121 6.40 4.45 40.09
N GLY C 122 5.14 4.46 39.65
CA GLY C 122 4.12 3.55 40.15
C GLY C 122 4.60 2.11 40.07
N HIS C 123 5.53 1.83 39.15
CA HIS C 123 6.14 0.53 39.04
C HIS C 123 6.99 0.17 40.22
N ILE C 124 7.88 1.07 40.63
CA ILE C 124 8.71 0.90 41.81
C ILE C 124 7.87 0.74 43.09
N LYS C 125 6.73 1.47 43.15
CA LYS C 125 5.75 1.37 44.22
C LYS C 125 5.04 0.03 44.19
N GLY C 126 4.86 -0.55 43.00
CA GLY C 126 4.30 -1.88 42.87
C GLY C 126 5.33 -2.96 43.17
N GLY C 127 6.55 -2.62 43.60
CA GLY C 127 7.53 -3.63 43.93
C GLY C 127 8.70 -3.74 42.96
N ALA C 128 8.79 -2.93 41.90
CA ALA C 128 9.97 -2.92 41.04
C ALA C 128 11.11 -2.10 41.66
N LYS C 129 12.32 -2.36 41.19
CA LYS C 129 13.47 -1.55 41.57
C LYS C 129 13.81 -0.49 40.49
N LYS C 130 13.92 -0.90 39.21
CA LYS C 130 14.24 -0.01 38.10
C LYS C 130 13.22 -0.14 36.98
N VAL C 131 13.05 0.96 36.23
CA VAL C 131 12.11 1.02 35.10
C VAL C 131 12.82 1.59 33.87
N VAL C 132 12.59 0.97 32.70
CA VAL C 132 13.15 1.37 31.39
C VAL C 132 11.93 1.73 30.56
N ILE C 133 11.76 3.02 30.24
CA ILE C 133 10.64 3.44 29.41
C ILE C 133 11.18 3.48 28.00
N SER C 134 10.52 2.57 27.28
CA SER C 134 10.79 2.35 25.88
C SER C 134 10.23 3.47 25.02
N ALA C 135 10.68 4.69 25.27
CA ALA C 135 10.13 5.92 24.72
C ALA C 135 10.88 7.06 25.40
N PRO C 136 10.82 8.31 24.91
CA PRO C 136 11.21 9.49 25.68
C PRO C 136 10.23 9.79 26.80
N ALA C 137 10.81 10.41 27.84
CA ALA C 137 10.03 10.72 29.03
C ALA C 137 10.11 12.13 29.59
N SER C 138 8.91 12.48 30.01
CA SER C 138 8.66 13.75 30.67
C SER C 138 8.62 13.54 32.17
N GLY C 139 8.78 14.62 32.95
CA GLY C 139 8.79 14.49 34.41
C GLY C 139 10.21 14.43 34.94
N GLY C 140 11.18 14.25 34.03
CA GLY C 140 12.58 14.25 34.38
C GLY C 140 13.30 12.90 34.44
N ALA C 141 12.90 11.81 33.75
CA ALA C 141 13.66 10.56 33.79
C ALA C 141 14.97 10.58 33.00
N LYS C 142 15.95 9.75 33.35
CA LYS C 142 17.23 9.75 32.66
C LYS C 142 17.14 9.17 31.26
N THR C 143 17.59 9.95 30.28
CA THR C 143 17.59 9.52 28.89
C THR C 143 19.01 9.15 28.50
N ILE C 144 19.10 7.87 28.12
CA ILE C 144 20.34 7.20 27.74
C ILE C 144 20.16 6.49 26.40
N VAL C 145 21.07 6.84 25.49
CA VAL C 145 21.18 6.14 24.21
C VAL C 145 22.46 5.31 24.25
N MET C 146 22.31 3.99 24.04
CA MET C 146 23.45 3.08 24.11
C MET C 146 24.48 3.36 23.07
N GLY C 147 25.73 3.53 23.48
CA GLY C 147 26.80 3.83 22.56
C GLY C 147 27.23 5.30 22.57
N VAL C 148 26.41 6.09 23.28
CA VAL C 148 26.69 7.50 23.38
C VAL C 148 26.93 7.91 24.84
N ASN C 149 25.98 7.72 25.74
CA ASN C 149 26.11 8.24 27.10
C ASN C 149 25.68 7.26 28.17
N GLN C 150 25.59 5.98 27.86
CA GLN C 150 25.18 4.98 28.83
C GLN C 150 26.06 4.95 30.06
N HIS C 151 27.27 5.50 29.93
CA HIS C 151 28.19 5.61 31.04
C HIS C 151 27.68 6.63 32.07
N GLU C 152 26.85 7.60 31.68
CA GLU C 152 26.28 8.59 32.58
C GLU C 152 25.32 8.04 33.64
N TYR C 153 24.92 6.78 33.45
CA TYR C 153 24.06 6.07 34.38
C TYR C 153 24.63 5.88 35.79
N SER C 154 23.87 6.24 36.82
CA SER C 154 24.28 6.01 38.20
C SER C 154 23.22 5.17 38.89
N PRO C 155 23.61 4.05 39.55
CA PRO C 155 22.73 3.11 40.25
C PRO C 155 21.94 3.70 41.43
N ALA C 156 22.54 4.78 41.94
CA ALA C 156 22.02 5.53 43.05
C ALA C 156 20.91 6.52 42.73
N SER C 157 20.94 7.11 41.54
CA SER C 157 20.03 8.19 41.20
C SER C 157 19.03 7.90 40.09
N HIS C 158 19.45 7.05 39.15
CA HIS C 158 18.65 6.77 37.97
C HIS C 158 17.83 5.49 38.13
N HIS C 159 16.58 5.70 38.53
CA HIS C 159 15.65 4.61 38.81
C HIS C 159 14.60 4.44 37.74
N VAL C 160 14.15 5.59 37.21
CA VAL C 160 13.35 5.61 36.00
C VAL C 160 14.30 6.19 34.94
N VAL C 161 14.61 5.32 33.98
CA VAL C 161 15.45 5.67 32.86
C VAL C 161 14.60 5.53 31.58
N SER C 162 15.08 6.08 30.47
CA SER C 162 14.38 6.15 29.19
C SER C 162 15.36 5.78 28.11
N ASN C 163 15.00 4.89 27.17
CA ASN C 163 15.94 4.60 26.08
C ASN C 163 15.64 5.44 24.83
N ALA C 164 15.10 6.65 25.04
CA ALA C 164 14.73 7.59 23.99
C ALA C 164 13.78 6.94 22.98
N SER C 165 13.75 7.35 21.68
CA SER C 165 12.92 6.74 20.66
C SER C 165 13.79 6.15 19.55
N CYS C 166 13.15 5.46 18.60
CA CYS C 166 13.86 4.90 17.49
C CYS C 166 14.70 5.90 16.73
N THR C 167 14.13 7.05 16.39
CA THR C 167 14.83 8.04 15.56
C THR C 167 16.00 8.61 16.33
N THR C 168 15.86 8.76 17.68
CA THR C 168 16.93 9.34 18.48
C THR C 168 18.10 8.38 18.56
N ASN C 169 17.82 7.06 18.55
CA ASN C 169 18.91 6.09 18.56
C ASN C 169 19.63 5.99 17.22
N CYS C 170 18.99 6.48 16.15
CA CYS C 170 19.58 6.54 14.83
C CYS C 170 20.34 7.84 14.58
N LEU C 171 19.87 8.95 15.15
CA LEU C 171 20.53 10.20 14.90
C LEU C 171 21.63 10.50 15.88
N ALA C 172 21.53 10.13 17.16
CA ALA C 172 22.56 10.49 18.10
C ALA C 172 23.88 9.81 17.84
N PRO C 173 23.99 8.53 17.43
CA PRO C 173 25.21 7.92 16.93
C PRO C 173 25.91 8.76 15.92
N ILE C 174 25.15 9.22 14.93
CA ILE C 174 25.70 10.04 13.85
C ILE C 174 26.16 11.37 14.44
N VAL C 175 25.36 11.98 15.33
CA VAL C 175 25.70 13.30 15.87
C VAL C 175 26.88 13.20 16.82
N HIS C 176 27.00 12.02 17.44
CA HIS C 176 28.06 11.69 18.38
C HIS C 176 29.43 11.61 17.71
N VAL C 177 29.59 10.83 16.64
CA VAL C 177 30.89 10.76 16.01
C VAL C 177 31.13 12.08 15.29
N LEU C 178 30.16 12.94 14.96
CA LEU C 178 30.50 14.20 14.31
C LEU C 178 31.10 15.17 15.28
N THR C 179 30.59 15.15 16.53
CA THR C 179 31.11 16.01 17.59
C THR C 179 32.44 15.52 18.15
N LYS C 180 32.57 14.19 18.32
CA LYS C 180 33.78 13.55 18.82
C LYS C 180 34.91 13.62 17.79
N GLU C 181 34.65 13.39 16.51
CA GLU C 181 35.67 13.53 15.50
C GLU C 181 35.86 14.98 15.09
N ASN C 182 35.44 15.95 15.92
CA ASN C 182 35.68 17.38 15.72
C ASN C 182 35.16 18.18 14.51
N PHE C 183 34.32 17.56 13.65
CA PHE C 183 33.71 18.27 12.52
C PHE C 183 32.75 19.27 13.11
N GLY C 184 31.97 18.79 14.10
CA GLY C 184 31.02 19.57 14.87
C GLY C 184 29.78 19.96 14.10
N ILE C 185 28.70 20.32 14.80
CA ILE C 185 27.56 20.89 14.08
C ILE C 185 27.26 22.21 14.76
N GLU C 186 27.22 23.24 13.90
CA GLU C 186 26.95 24.63 14.28
C GLU C 186 25.46 24.75 14.55
N THR C 187 24.65 24.37 13.55
CA THR C 187 23.20 24.24 13.63
C THR C 187 22.88 23.09 12.70
N GLY C 188 21.65 22.58 12.76
CA GLY C 188 21.27 21.47 11.92
C GLY C 188 19.83 21.15 12.11
N LEU C 189 19.23 20.76 11.00
CA LEU C 189 17.85 20.34 11.01
C LEU C 189 17.81 18.90 10.52
N MET C 190 16.74 18.16 10.85
CA MET C 190 16.64 16.77 10.43
C MET C 190 15.26 16.27 10.00
N THR C 191 15.19 15.34 9.06
CA THR C 191 13.93 14.78 8.68
C THR C 191 13.96 13.27 8.71
N THR C 192 13.00 12.70 9.41
CA THR C 192 12.86 11.28 9.33
C THR C 192 11.70 10.86 8.41
N ILE C 193 11.99 10.15 7.33
CA ILE C 193 10.98 9.58 6.46
C ILE C 193 10.80 8.26 7.24
N HIS C 194 9.63 7.99 7.80
CA HIS C 194 9.46 6.96 8.79
C HIS C 194 8.26 6.08 8.57
N SER C 195 8.29 4.82 9.02
CA SER C 195 7.15 3.95 8.81
C SER C 195 5.99 4.31 9.70
N TYR C 196 4.80 3.92 9.32
CA TYR C 196 3.72 4.25 10.21
C TYR C 196 3.80 3.34 11.43
N THR C 197 3.17 3.71 12.54
CA THR C 197 3.22 2.88 13.75
C THR C 197 1.82 2.53 14.21
N ALA C 198 1.63 1.91 15.38
CA ALA C 198 0.29 1.50 15.81
C ALA C 198 -0.55 2.66 16.32
N THR C 199 0.01 3.88 16.51
CA THR C 199 -0.77 5.02 16.94
C THR C 199 -1.50 5.65 15.74
N GLN C 200 -1.08 5.36 14.50
CA GLN C 200 -1.71 5.86 13.29
C GLN C 200 -2.97 5.09 12.93
N LYS C 201 -3.73 5.57 11.95
CA LYS C 201 -5.00 4.95 11.66
C LYS C 201 -5.20 4.38 10.26
N THR C 202 -5.91 3.27 10.12
CA THR C 202 -6.22 2.63 8.85
C THR C 202 -6.99 3.52 7.92
N VAL C 203 -8.13 4.04 8.39
CA VAL C 203 -8.92 5.05 7.67
C VAL C 203 -8.95 6.33 8.48
N ASP C 204 -9.18 7.51 7.89
CA ASP C 204 -9.16 8.81 8.59
C ASP C 204 -9.99 8.76 9.86
N GLY C 205 -9.38 9.16 10.95
CA GLY C 205 -10.00 9.01 12.25
C GLY C 205 -9.57 10.10 13.20
N VAL C 206 -9.94 9.87 14.44
CA VAL C 206 -9.73 10.87 15.47
C VAL C 206 -8.32 10.76 16.00
N SER C 207 -7.71 11.93 16.18
CA SER C 207 -6.40 12.04 16.77
C SER C 207 -6.31 13.52 17.08
N LEU C 208 -7.00 13.90 18.16
CA LEU C 208 -7.11 15.29 18.59
C LEU C 208 -5.81 15.95 19.01
N LYS C 209 -4.71 15.22 19.25
CA LYS C 209 -3.46 15.88 19.60
C LYS C 209 -2.65 16.22 18.35
N ASP C 210 -2.44 15.34 17.34
CA ASP C 210 -1.86 15.73 16.05
C ASP C 210 -2.92 15.36 15.05
N TRP C 211 -3.54 16.39 14.47
CA TRP C 211 -4.68 16.20 13.60
C TRP C 211 -4.42 15.38 12.36
N ARG C 212 -3.19 15.56 11.83
CA ARG C 212 -2.70 14.89 10.63
C ARG C 212 -2.46 13.40 10.89
N GLY C 213 -1.95 13.07 12.10
CA GLY C 213 -1.74 11.70 12.57
C GLY C 213 -2.95 10.79 12.44
N GLY C 214 -4.13 11.42 12.46
CA GLY C 214 -5.39 10.72 12.38
C GLY C 214 -5.80 10.29 10.99
N ARG C 215 -5.11 10.76 9.94
CA ARG C 215 -5.52 10.49 8.56
C ARG C 215 -5.14 9.10 8.13
N ALA C 216 -5.84 8.50 7.15
CA ALA C 216 -5.51 7.14 6.76
C ALA C 216 -4.01 7.04 6.59
N ALA C 217 -3.32 6.08 7.22
CA ALA C 217 -1.86 6.02 7.33
C ALA C 217 -1.03 5.45 6.20
N ALA C 218 -1.73 4.59 5.45
CA ALA C 218 -1.16 3.78 4.36
C ALA C 218 -1.43 4.18 2.91
N VAL C 219 -1.98 5.39 2.79
CA VAL C 219 -2.34 5.90 1.49
C VAL C 219 -1.95 7.37 1.46
N ASN C 220 -1.21 7.85 2.47
CA ASN C 220 -0.89 9.24 2.60
C ASN C 220 0.54 9.51 2.99
N ILE C 221 1.14 10.67 2.67
CA ILE C 221 2.38 11.15 3.31
C ILE C 221 1.85 12.17 4.33
N ILE C 222 2.07 11.87 5.60
CA ILE C 222 1.55 12.63 6.72
C ILE C 222 2.66 13.42 7.38
N PRO C 223 2.91 14.75 7.33
CA PRO C 223 3.93 15.37 8.17
C PRO C 223 3.55 15.24 9.65
N SER C 224 4.56 15.15 10.55
CA SER C 224 4.33 15.14 12.01
C SER C 224 5.60 15.45 12.79
N THR C 225 5.61 15.21 14.11
CA THR C 225 6.78 15.43 14.96
C THR C 225 7.56 14.20 15.41
N THR C 226 8.88 14.44 15.44
CA THR C 226 9.80 13.42 15.89
C THR C 226 10.29 13.64 17.32
N GLY C 227 10.54 12.46 17.87
CA GLY C 227 10.95 12.31 19.25
C GLY C 227 12.35 12.75 19.41
N ALA C 228 13.15 12.52 18.37
CA ALA C 228 14.56 12.86 18.41
C ALA C 228 14.90 14.33 18.46
N ALA C 229 13.81 15.10 18.40
CA ALA C 229 13.94 16.54 18.43
C ALA C 229 14.35 17.03 19.83
N LYS C 230 13.52 16.62 20.81
CA LYS C 230 13.78 16.96 22.19
C LYS C 230 14.92 16.10 22.68
N ALA C 231 14.80 14.78 22.48
CA ALA C 231 15.76 13.83 22.98
C ALA C 231 17.22 13.91 22.52
N VAL C 232 17.64 14.43 21.35
CA VAL C 232 19.07 14.43 21.05
C VAL C 232 19.89 15.45 21.85
N GLY C 233 19.18 16.42 22.43
CA GLY C 233 19.73 17.47 23.27
C GLY C 233 19.91 16.98 24.70
N MET C 234 19.05 16.06 25.13
CA MET C 234 19.14 15.46 26.44
C MET C 234 20.34 14.51 26.46
N VAL C 235 20.57 13.82 25.34
CA VAL C 235 21.65 12.86 25.26
C VAL C 235 22.97 13.59 24.98
N ILE C 236 22.91 14.59 24.11
CA ILE C 236 24.08 15.42 23.83
C ILE C 236 23.63 16.84 24.08
N PRO C 237 23.94 17.43 25.26
CA PRO C 237 23.63 18.81 25.63
C PRO C 237 24.26 19.86 24.73
N SER C 238 25.28 19.43 23.98
CA SER C 238 25.98 20.22 22.99
C SER C 238 25.08 20.58 21.80
N THR C 239 24.00 19.81 21.59
CA THR C 239 23.06 20.03 20.50
C THR C 239 21.80 20.75 20.94
N LYS C 240 21.78 21.15 22.22
CA LYS C 240 20.65 21.87 22.78
C LYS C 240 20.55 23.22 22.12
N GLY C 241 19.45 23.31 21.37
CA GLY C 241 19.09 24.51 20.63
C GLY C 241 19.79 24.69 19.29
N LYS C 242 20.62 23.73 18.91
CA LYS C 242 21.32 23.73 17.64
C LYS C 242 20.75 22.68 16.68
N LEU C 243 19.77 21.86 17.10
CA LEU C 243 19.29 20.78 16.26
C LEU C 243 17.82 20.48 16.52
N THR C 244 16.95 20.48 15.47
CA THR C 244 15.54 20.08 15.60
C THR C 244 15.09 19.44 14.29
N GLY C 245 13.85 18.95 14.21
CA GLY C 245 13.34 18.30 13.02
C GLY C 245 11.92 17.71 13.07
N MET C 246 11.61 17.12 11.93
CA MET C 246 10.28 16.62 11.68
C MET C 246 10.26 15.24 11.11
N SER C 247 9.07 14.67 11.05
CA SER C 247 8.88 13.36 10.50
C SER C 247 7.91 13.41 9.33
N PHE C 248 8.05 12.50 8.35
CA PHE C 248 7.08 12.36 7.28
C PHE C 248 6.71 10.90 7.36
N ARG C 249 5.57 10.56 7.97
CA ARG C 249 5.15 9.19 8.12
C ARG C 249 4.63 8.76 6.80
N VAL C 250 5.30 7.76 6.25
CA VAL C 250 4.94 7.31 4.92
C VAL C 250 4.36 5.91 4.89
N PRO C 251 3.69 5.42 3.83
CA PRO C 251 3.04 4.11 3.82
C PRO C 251 3.89 2.83 3.82
N THR C 252 4.89 2.70 4.72
CA THR C 252 5.55 1.41 4.90
C THR C 252 5.37 0.95 6.35
N PRO C 253 5.20 -0.36 6.67
CA PRO C 253 5.08 -0.92 8.04
C PRO C 253 6.27 -0.89 9.00
N ASP C 254 7.49 -0.90 8.44
CA ASP C 254 8.69 -0.91 9.26
C ASP C 254 9.88 -0.42 8.46
N VAL C 255 10.82 0.15 9.22
CA VAL C 255 12.10 0.78 8.80
C VAL C 255 11.82 2.23 8.43
N SER C 256 12.78 3.04 8.82
CA SER C 256 12.75 4.47 8.63
C SER C 256 14.14 4.93 8.24
N VAL C 257 14.23 6.15 7.70
CA VAL C 257 15.50 6.74 7.28
C VAL C 257 15.61 8.19 7.74
N VAL C 258 16.78 8.52 8.28
CA VAL C 258 17.09 9.86 8.75
C VAL C 258 17.84 10.59 7.66
N ASP C 259 17.45 11.85 7.47
CA ASP C 259 18.03 12.71 6.46
C ASP C 259 18.52 13.94 7.22
N LEU C 260 19.77 13.89 7.68
CA LEU C 260 20.39 14.98 8.45
C LEU C 260 21.09 16.00 7.57
N THR C 261 20.76 17.27 7.82
CA THR C 261 21.40 18.37 7.11
C THR C 261 22.03 19.30 8.13
N PHE C 262 23.34 19.49 8.08
CA PHE C 262 24.00 20.34 9.07
C PHE C 262 25.11 21.15 8.46
N ARG C 263 25.44 22.18 9.22
CA ARG C 263 26.56 23.04 8.90
C ARG C 263 27.68 22.69 9.87
N ALA C 264 28.84 22.35 9.33
CA ALA C 264 29.97 21.96 10.14
C ALA C 264 30.66 23.14 10.79
N THR C 265 31.30 22.88 11.93
CA THR C 265 32.10 23.84 12.70
C THR C 265 33.39 24.30 12.00
N ARG C 266 34.09 23.35 11.37
CA ARG C 266 35.28 23.68 10.62
C ARG C 266 35.09 23.29 9.16
N ASP C 267 35.92 23.87 8.28
CA ASP C 267 35.89 23.55 6.86
C ASP C 267 36.48 22.17 6.64
N THR C 268 35.64 21.26 6.14
CA THR C 268 35.99 19.86 5.95
C THR C 268 35.50 19.41 4.56
N SER C 269 35.17 18.13 4.41
CA SER C 269 34.57 17.56 3.21
C SER C 269 33.77 16.33 3.64
N ILE C 270 32.89 15.94 2.72
CA ILE C 270 32.01 14.81 2.91
C ILE C 270 32.76 13.50 2.78
N GLN C 271 33.94 13.47 2.14
CA GLN C 271 34.72 12.26 2.10
C GLN C 271 35.39 12.14 3.44
N GLU C 272 35.80 13.23 4.10
CA GLU C 272 36.35 13.16 5.45
C GLU C 272 35.29 12.64 6.39
N ILE C 273 34.06 13.15 6.22
CA ILE C 273 32.94 12.73 7.02
C ILE C 273 32.61 11.26 6.76
N ASP C 274 32.64 10.82 5.51
CA ASP C 274 32.32 9.45 5.14
C ASP C 274 33.29 8.45 5.74
N LYS C 275 34.58 8.83 5.77
CA LYS C 275 35.67 7.99 6.28
C LYS C 275 35.63 7.93 7.78
N ALA C 276 35.32 9.07 8.44
CA ALA C 276 35.22 9.09 9.88
C ALA C 276 34.03 8.26 10.36
N ILE C 277 32.89 8.28 9.64
CA ILE C 277 31.74 7.50 10.07
C ILE C 277 32.12 6.04 9.89
N LYS C 278 32.76 5.70 8.77
CA LYS C 278 33.13 4.31 8.55
C LYS C 278 34.09 3.74 9.57
N LYS C 279 34.94 4.63 10.06
CA LYS C 279 35.95 4.33 11.06
C LYS C 279 35.26 4.03 12.37
N ALA C 280 34.48 5.01 12.84
CA ALA C 280 33.71 4.88 14.05
C ALA C 280 32.78 3.68 14.01
N ALA C 281 32.38 3.21 12.82
CA ALA C 281 31.54 2.04 12.67
C ALA C 281 32.33 0.82 13.08
N GLN C 282 33.53 0.73 12.51
CA GLN C 282 34.45 -0.37 12.74
C GLN C 282 35.18 -0.32 14.08
N THR C 283 35.35 0.85 14.69
CA THR C 283 36.04 0.92 15.95
C THR C 283 35.06 1.20 17.10
N TYR C 284 34.96 2.41 17.68
CA TYR C 284 34.14 2.63 18.87
C TYR C 284 32.63 2.44 18.88
N MET C 285 31.97 2.54 17.74
CA MET C 285 30.52 2.45 17.71
C MET C 285 30.02 1.11 17.25
N LYS C 286 30.90 0.11 17.11
CA LYS C 286 30.50 -1.21 16.63
C LYS C 286 29.26 -1.78 17.31
N GLY C 287 28.42 -2.33 16.42
CA GLY C 287 27.16 -2.94 16.80
C GLY C 287 26.05 -1.91 17.00
N ILE C 288 26.41 -0.60 17.10
CA ILE C 288 25.46 0.49 17.28
C ILE C 288 25.36 1.18 15.92
N LEU C 289 26.48 1.74 15.46
CA LEU C 289 26.57 2.39 14.19
C LEU C 289 27.13 1.41 13.18
N GLY C 290 26.48 1.31 12.04
CA GLY C 290 26.94 0.45 10.97
C GLY C 290 26.95 1.24 9.68
N PHE C 291 27.23 0.59 8.57
CA PHE C 291 27.18 1.28 7.29
C PHE C 291 27.03 0.34 6.11
N THR C 292 26.85 0.92 4.93
CA THR C 292 26.65 0.12 3.76
C THR C 292 27.20 0.87 2.57
N ASP C 293 27.63 0.05 1.63
CA ASP C 293 28.14 0.50 0.35
C ASP C 293 27.21 0.01 -0.71
N GLU C 294 26.11 -0.62 -0.34
CA GLU C 294 25.23 -1.11 -1.35
C GLU C 294 24.04 -0.21 -1.63
N GLU C 295 23.43 -0.52 -2.77
CA GLU C 295 22.29 0.18 -3.29
C GLU C 295 21.04 -0.41 -2.64
N LEU C 296 20.76 -0.16 -1.35
CA LEU C 296 19.67 -0.81 -0.67
C LEU C 296 18.40 0.00 -0.49
N VAL C 297 17.27 -0.69 -0.37
CA VAL C 297 16.00 -0.03 -0.13
C VAL C 297 15.49 -0.50 1.23
N SER C 298 14.41 0.07 1.80
CA SER C 298 14.00 -0.19 3.16
C SER C 298 13.82 -1.65 3.49
N ALA C 299 13.28 -2.50 2.60
CA ALA C 299 13.08 -3.87 2.96
C ALA C 299 14.37 -4.61 3.34
N ASP C 300 15.53 -4.12 2.96
CA ASP C 300 16.80 -4.73 3.35
C ASP C 300 17.28 -4.45 4.74
N PHE C 301 16.64 -3.52 5.42
CA PHE C 301 17.06 -3.21 6.75
C PHE C 301 16.15 -3.93 7.71
N ILE C 302 15.18 -4.75 7.24
CA ILE C 302 14.38 -5.54 8.15
C ILE C 302 15.26 -6.65 8.70
N ASN C 303 15.29 -6.47 10.03
CA ASN C 303 16.01 -7.24 11.04
C ASN C 303 17.46 -6.86 11.23
N ASP C 304 17.79 -5.62 10.90
CA ASP C 304 19.13 -5.12 11.11
C ASP C 304 19.07 -4.39 12.45
N ASN C 305 19.72 -5.04 13.42
CA ASN C 305 19.76 -4.58 14.80
C ASN C 305 20.73 -3.44 15.10
N ARG C 306 21.31 -2.82 14.06
CA ARG C 306 22.08 -1.61 14.28
C ARG C 306 21.11 -0.45 14.46
N SER C 307 21.50 0.46 15.35
CA SER C 307 20.73 1.66 15.70
C SER C 307 20.64 2.66 14.55
N SER C 308 21.75 2.72 13.82
CA SER C 308 21.99 3.67 12.76
C SER C 308 22.84 2.92 11.75
N VAL C 309 22.46 2.89 10.46
CA VAL C 309 23.32 2.26 9.47
C VAL C 309 23.36 3.13 8.23
N TYR C 310 24.47 3.86 8.31
CA TYR C 310 24.91 4.85 7.37
C TYR C 310 24.90 4.33 5.94
N ASP C 311 24.44 5.20 5.03
CA ASP C 311 24.34 4.83 3.62
C ASP C 311 25.37 5.70 2.98
N SER C 312 26.50 5.05 2.69
CA SER C 312 27.64 5.72 2.13
C SER C 312 27.34 6.21 0.73
N LYS C 313 26.68 5.40 -0.12
CA LYS C 313 26.42 5.88 -1.48
C LYS C 313 25.37 6.98 -1.58
N ALA C 314 24.20 6.93 -0.92
CA ALA C 314 23.23 8.02 -0.94
C ALA C 314 23.81 9.31 -0.39
N THR C 315 24.67 9.31 0.62
CA THR C 315 25.26 10.52 1.19
C THR C 315 26.19 11.16 0.17
N LEU C 316 27.05 10.30 -0.37
CA LEU C 316 28.02 10.77 -1.31
C LEU C 316 27.51 11.26 -2.67
N GLN C 317 26.54 10.56 -3.28
CA GLN C 317 25.97 11.04 -4.53
C GLN C 317 25.11 12.26 -4.29
N ASN C 318 24.57 12.53 -3.09
CA ASN C 318 23.63 13.62 -2.92
C ASN C 318 24.05 14.85 -2.10
N ASN C 319 25.37 15.06 -2.01
CA ASN C 319 25.95 16.29 -1.47
C ASN C 319 26.58 17.22 -2.52
N LEU C 320 26.66 18.52 -2.19
CA LEU C 320 27.31 19.53 -3.03
C LEU C 320 28.79 19.28 -3.31
N PRO C 321 29.29 19.49 -4.54
CA PRO C 321 30.57 19.01 -5.06
C PRO C 321 31.89 19.30 -4.33
N GLY C 322 32.19 20.54 -3.89
CA GLY C 322 33.43 20.80 -3.18
C GLY C 322 33.20 21.53 -1.86
N GLU C 323 32.14 21.11 -1.18
CA GLU C 323 31.68 21.79 0.02
C GLU C 323 32.48 21.53 1.28
N LYS C 324 32.64 22.61 2.06
CA LYS C 324 33.35 22.54 3.32
C LYS C 324 32.48 22.67 4.58
N ARG C 325 31.24 23.14 4.43
CA ARG C 325 30.36 23.33 5.57
C ARG C 325 28.95 22.77 5.45
N PHE C 326 28.31 22.69 4.28
CA PHE C 326 26.92 22.23 4.21
C PHE C 326 26.80 20.82 3.64
N PHE C 327 26.40 19.94 4.56
CA PHE C 327 26.28 18.54 4.22
C PHE C 327 25.02 17.85 4.69
N LYS C 328 24.70 16.82 3.91
CA LYS C 328 23.59 15.93 4.13
C LYS C 328 24.13 14.57 4.56
N VAL C 329 23.57 13.88 5.54
CA VAL C 329 23.99 12.54 5.92
C VAL C 329 22.70 11.73 6.00
N VAL C 330 22.68 10.61 5.26
CA VAL C 330 21.54 9.69 5.25
C VAL C 330 21.86 8.45 6.10
N SER C 331 20.92 7.92 6.92
CA SER C 331 21.14 6.75 7.75
C SER C 331 19.88 5.93 8.01
N TRP C 332 19.87 4.66 7.68
CA TRP C 332 18.72 3.79 7.89
C TRP C 332 18.61 3.21 9.32
N TYR C 333 17.48 2.54 9.62
CA TYR C 333 17.24 1.85 10.88
C TYR C 333 15.92 1.10 10.92
N ASP C 334 15.93 -0.14 11.40
CA ASP C 334 14.68 -0.85 11.62
C ASP C 334 14.19 -0.33 12.95
N ASN C 335 13.24 0.59 12.91
CA ASN C 335 12.67 1.21 14.12
C ASN C 335 12.12 0.21 15.13
N GLU C 336 11.54 -0.94 14.71
CA GLU C 336 11.12 -1.96 15.68
C GLU C 336 12.29 -2.78 16.25
N TRP C 337 13.08 -3.43 15.37
CA TRP C 337 14.10 -4.38 15.76
C TRP C 337 15.32 -3.82 16.45
N ALA C 338 15.99 -2.82 15.91
CA ALA C 338 17.17 -2.32 16.57
C ALA C 338 16.87 -1.68 17.91
N TYR C 339 15.89 -0.77 18.02
CA TYR C 339 15.50 -0.16 19.29
C TYR C 339 15.23 -1.24 20.38
N SER C 340 14.50 -2.32 20.04
CA SER C 340 14.27 -3.42 20.96
C SER C 340 15.55 -4.08 21.47
N HIS C 341 16.51 -4.25 20.55
CA HIS C 341 17.76 -4.82 20.93
C HIS C 341 18.38 -3.83 21.85
N ARG C 342 18.49 -2.53 21.55
CA ARG C 342 19.11 -1.58 22.47
C ARG C 342 18.46 -1.51 23.86
N VAL C 343 17.18 -1.91 24.04
CA VAL C 343 16.50 -1.89 25.33
C VAL C 343 17.11 -2.98 26.17
N VAL C 344 17.26 -4.16 25.57
CA VAL C 344 17.87 -5.30 26.22
C VAL C 344 19.31 -4.97 26.62
N ASP C 345 20.04 -4.25 25.78
CA ASP C 345 21.41 -3.91 26.11
C ASP C 345 21.42 -2.93 27.27
N LEU C 346 20.42 -2.04 27.34
CA LEU C 346 20.32 -1.11 28.44
C LEU C 346 19.97 -1.86 29.72
N VAL C 347 18.95 -2.75 29.74
CA VAL C 347 18.56 -3.54 30.90
C VAL C 347 19.78 -4.22 31.45
N ARG C 348 20.49 -4.93 30.58
CA ARG C 348 21.69 -5.58 30.99
C ARG C 348 22.78 -4.63 31.45
N TYR C 349 22.94 -3.43 30.90
CA TYR C 349 23.99 -2.56 31.37
C TYR C 349 23.66 -1.94 32.71
N MET C 350 22.37 -1.75 32.95
CA MET C 350 21.95 -1.14 34.17
C MET C 350 22.11 -2.16 35.26
N ALA C 351 21.65 -3.40 35.03
CA ALA C 351 21.70 -4.50 36.00
C ALA C 351 23.07 -4.97 36.49
N ALA C 352 24.09 -4.73 35.65
CA ALA C 352 25.50 -5.00 35.92
C ALA C 352 26.17 -3.89 36.71
N LYS C 353 25.84 -2.64 36.35
CA LYS C 353 26.34 -1.46 37.05
C LYS C 353 25.77 -1.38 38.47
N ASP C 354 24.53 -1.82 38.60
CA ASP C 354 23.84 -1.87 39.88
C ASP C 354 24.47 -2.94 40.76
N ALA C 355 24.84 -4.10 40.21
CA ALA C 355 25.53 -5.12 40.98
C ALA C 355 26.94 -4.71 41.40
N ALA C 356 27.63 -4.02 40.49
CA ALA C 356 29.00 -3.54 40.71
C ALA C 356 29.11 -2.54 41.85
N SER C 357 27.96 -1.94 42.20
CA SER C 357 27.87 -1.00 43.30
C SER C 357 26.74 -1.38 44.27
N SER C 358 25.48 -1.12 43.85
CA SER C 358 24.16 -1.34 44.49
C SER C 358 23.26 -0.10 44.39
N ALA D 1 -41.76 20.36 7.18
CA ALA D 1 -41.44 19.39 8.22
C ALA D 1 -39.99 18.91 8.13
N PRO D 2 -39.07 19.59 8.85
CA PRO D 2 -37.70 19.15 9.09
C PRO D 2 -37.69 17.97 10.03
N ILE D 3 -37.15 16.88 9.50
CA ILE D 3 -36.98 15.66 10.27
C ILE D 3 -35.81 16.02 11.15
N LYS D 4 -35.94 15.92 12.46
CA LYS D 4 -34.87 16.33 13.35
C LYS D 4 -33.99 15.12 13.62
N VAL D 5 -32.73 15.09 13.09
CA VAL D 5 -31.81 13.99 13.38
C VAL D 5 -30.59 14.46 14.17
N GLY D 6 -30.03 13.52 14.93
CA GLY D 6 -28.77 13.69 15.63
C GLY D 6 -27.88 12.52 15.22
N ILE D 7 -26.57 12.73 15.10
CA ILE D 7 -25.62 11.69 14.73
C ILE D 7 -24.79 11.32 15.97
N ASN D 8 -24.86 10.05 16.42
CA ASN D 8 -24.00 9.58 17.50
C ASN D 8 -22.93 8.74 16.81
N GLY D 9 -21.71 9.26 16.96
CA GLY D 9 -20.53 8.71 16.32
C GLY D 9 -20.25 9.38 14.97
N PHE D 10 -19.39 10.41 14.95
CA PHE D 10 -19.09 11.10 13.70
C PHE D 10 -17.79 10.55 13.10
N GLY D 11 -17.89 9.26 12.72
CA GLY D 11 -16.79 8.57 12.09
C GLY D 11 -16.93 8.53 10.58
N ARG D 12 -16.44 7.48 9.96
CA ARG D 12 -16.48 7.37 8.53
C ARG D 12 -17.93 7.40 8.09
N ILE D 13 -18.80 6.51 8.59
CA ILE D 13 -20.20 6.49 8.22
C ILE D 13 -20.92 7.71 8.76
N GLY D 14 -20.63 8.16 9.96
CA GLY D 14 -21.30 9.36 10.47
C GLY D 14 -21.03 10.58 9.60
N ARG D 15 -19.79 10.77 9.18
CA ARG D 15 -19.45 11.92 8.38
C ARG D 15 -19.85 11.78 6.92
N MET D 16 -20.13 10.56 6.48
CA MET D 16 -20.58 10.36 5.13
C MET D 16 -22.09 10.36 5.09
N VAL D 17 -22.77 10.18 6.23
CA VAL D 17 -24.23 10.30 6.32
C VAL D 17 -24.49 11.79 6.23
N PHE D 18 -23.72 12.52 7.05
CA PHE D 18 -23.79 13.96 7.10
C PHE D 18 -23.58 14.52 5.72
N GLN D 19 -22.55 14.10 5.00
CA GLN D 19 -22.25 14.58 3.64
C GLN D 19 -23.33 14.11 2.65
N ALA D 20 -23.97 12.93 2.77
CA ALA D 20 -25.05 12.54 1.86
C ALA D 20 -26.29 13.35 2.13
N ILE D 21 -26.44 13.88 3.35
CA ILE D 21 -27.55 14.77 3.66
C ILE D 21 -27.30 16.11 2.99
N CYS D 22 -26.08 16.65 3.01
CA CYS D 22 -25.83 17.93 2.37
C CYS D 22 -25.76 17.79 0.87
N ASP D 23 -24.92 16.93 0.29
CA ASP D 23 -24.90 16.70 -1.15
C ASP D 23 -26.27 16.40 -1.77
N GLN D 24 -27.21 15.69 -1.11
CA GLN D 24 -28.50 15.41 -1.72
C GLN D 24 -29.53 16.53 -1.60
N GLY D 25 -29.14 17.65 -0.97
CA GLY D 25 -29.98 18.85 -0.90
C GLY D 25 -30.79 19.03 0.37
N LEU D 26 -30.75 18.13 1.35
CA LEU D 26 -31.63 18.17 2.49
C LEU D 26 -31.25 18.98 3.71
N ILE D 27 -30.02 19.48 3.87
CA ILE D 27 -29.67 20.21 5.09
C ILE D 27 -30.44 21.51 5.32
N GLY D 28 -31.04 21.39 6.50
CA GLY D 28 -31.82 22.44 7.12
C GLY D 28 -33.18 22.70 6.50
N THR D 29 -33.51 22.07 5.36
CA THR D 29 -34.79 22.22 4.68
C THR D 29 -35.63 20.97 4.83
N GLU D 30 -35.14 19.79 4.44
CA GLU D 30 -35.89 18.58 4.61
C GLU D 30 -35.50 17.83 5.90
N ILE D 31 -34.20 17.70 6.20
CA ILE D 31 -33.69 17.11 7.44
C ILE D 31 -32.96 18.22 8.19
N ASP D 32 -33.09 18.31 9.51
CA ASP D 32 -32.46 19.32 10.33
C ASP D 32 -31.42 18.51 11.10
N VAL D 33 -30.11 18.59 10.84
CA VAL D 33 -29.18 17.86 11.69
C VAL D 33 -28.96 18.74 12.91
N VAL D 34 -29.61 18.31 14.00
CA VAL D 34 -29.60 19.08 15.26
C VAL D 34 -28.26 19.07 15.95
N ALA D 35 -27.71 17.84 16.08
CA ALA D 35 -26.44 17.62 16.76
C ALA D 35 -25.66 16.42 16.21
N VAL D 36 -24.35 16.51 16.41
CA VAL D 36 -23.43 15.42 16.14
C VAL D 36 -22.68 15.09 17.43
N VAL D 37 -22.37 13.81 17.64
CA VAL D 37 -21.70 13.39 18.87
C VAL D 37 -20.48 12.49 18.58
N ASP D 38 -19.39 12.80 19.29
CA ASP D 38 -18.16 12.06 19.19
C ASP D 38 -17.32 12.52 20.35
N MET D 39 -16.14 11.92 20.50
CA MET D 39 -15.27 12.11 21.64
C MET D 39 -14.94 13.54 22.04
N SER D 40 -14.75 14.45 21.08
CA SER D 40 -14.44 15.83 21.39
C SER D 40 -15.64 16.74 21.13
N THR D 41 -15.64 17.95 21.71
CA THR D 41 -16.61 18.96 21.30
C THR D 41 -15.88 20.19 20.74
N ASN D 42 -14.76 19.89 20.04
CA ASN D 42 -14.02 20.90 19.33
C ASN D 42 -14.46 20.81 17.89
N ALA D 43 -15.37 21.73 17.63
CA ALA D 43 -15.94 21.88 16.32
C ALA D 43 -14.90 22.26 15.26
N GLU D 44 -13.79 22.93 15.61
CA GLU D 44 -12.72 23.19 14.63
C GLU D 44 -12.11 21.89 14.11
N TYR D 45 -11.89 20.91 15.01
CA TYR D 45 -11.35 19.61 14.66
C TYR D 45 -12.39 18.85 13.86
N PHE D 46 -13.68 18.93 14.14
CA PHE D 46 -14.66 18.30 13.25
C PHE D 46 -14.63 18.94 11.88
N ALA D 47 -14.53 20.28 11.75
CA ALA D 47 -14.50 20.98 10.47
C ALA D 47 -13.32 20.45 9.67
N TYR D 48 -12.15 20.33 10.33
CA TYR D 48 -10.96 19.78 9.71
C TYR D 48 -11.28 18.38 9.21
N GLN D 49 -11.92 17.53 10.02
CA GLN D 49 -12.30 16.20 9.56
C GLN D 49 -13.26 16.21 8.38
N MET D 50 -14.12 17.23 8.25
CA MET D 50 -15.11 17.24 7.19
C MET D 50 -14.63 17.75 5.86
N LYS D 51 -13.81 18.79 5.96
CA LYS D 51 -13.29 19.48 4.82
C LYS D 51 -12.34 18.62 4.02
N HIS D 52 -11.54 17.78 4.69
CA HIS D 52 -10.54 16.98 4.00
C HIS D 52 -10.67 15.48 4.21
N ASP D 53 -11.07 14.76 3.16
CA ASP D 53 -11.21 13.34 3.25
C ASP D 53 -10.18 12.74 2.32
N THR D 54 -9.51 11.68 2.81
CA THR D 54 -8.49 11.00 2.06
C THR D 54 -9.07 10.34 0.85
N VAL D 55 -10.26 9.78 0.99
CA VAL D 55 -10.80 8.92 -0.04
C VAL D 55 -11.90 9.58 -0.87
N HIS D 56 -12.73 10.46 -0.28
CA HIS D 56 -13.85 11.02 -0.99
C HIS D 56 -13.63 12.49 -1.35
N GLY D 57 -12.53 13.11 -0.94
CA GLY D 57 -12.20 14.49 -1.26
C GLY D 57 -12.73 15.58 -0.34
N ARG D 58 -12.63 16.81 -0.87
CA ARG D 58 -13.18 17.99 -0.24
C ARG D 58 -14.66 17.89 -0.57
N PRO D 59 -15.55 18.20 0.38
CA PRO D 59 -16.97 18.26 0.08
C PRO D 59 -17.36 19.61 -0.55
N LYS D 60 -18.53 19.56 -1.18
CA LYS D 60 -19.09 20.74 -1.81
C LYS D 60 -19.68 21.70 -0.73
N TYR D 61 -20.31 21.28 0.37
CA TYR D 61 -20.75 22.23 1.38
C TYR D 61 -19.62 23.03 2.02
N THR D 62 -19.96 24.06 2.79
CA THR D 62 -18.96 24.82 3.51
C THR D 62 -19.22 24.70 5.00
N VAL D 63 -18.12 24.72 5.77
CA VAL D 63 -18.19 24.52 7.21
C VAL D 63 -17.37 25.56 7.94
N GLU D 64 -18.07 26.05 8.96
CA GLU D 64 -17.48 26.97 9.91
C GLU D 64 -17.56 26.37 11.30
N ALA D 65 -16.65 26.83 12.14
CA ALA D 65 -16.63 26.37 13.49
C ALA D 65 -16.55 27.64 14.26
N VAL D 66 -17.74 27.81 14.89
CA VAL D 66 -18.09 28.97 15.72
C VAL D 66 -18.35 28.54 17.14
N LYS D 67 -18.19 29.44 18.11
CA LYS D 67 -18.61 29.15 19.49
C LYS D 67 -20.10 29.52 19.66
N SER D 68 -20.75 28.91 20.66
CA SER D 68 -22.17 29.14 20.94
C SER D 68 -22.39 30.47 21.63
N SER D 69 -21.37 30.77 22.43
CA SER D 69 -21.23 31.96 23.26
C SER D 69 -19.76 32.10 23.52
N PRO D 70 -19.09 33.23 23.35
CA PRO D 70 -17.73 33.48 23.83
C PRO D 70 -17.30 33.06 25.22
N SER D 71 -18.19 32.51 26.04
CA SER D 71 -17.82 32.01 27.36
C SER D 71 -17.13 30.64 27.28
N VAL D 72 -17.29 29.92 26.15
CA VAL D 72 -16.68 28.62 25.98
C VAL D 72 -15.28 28.78 25.37
N GLU D 73 -14.39 27.88 25.79
CA GLU D 73 -12.98 27.89 25.39
C GLU D 73 -12.67 27.45 23.95
N THR D 74 -13.49 26.57 23.37
CA THR D 74 -13.30 26.12 21.99
C THR D 74 -14.63 26.01 21.26
N ALA D 75 -14.53 26.29 19.96
CA ALA D 75 -15.64 26.24 19.04
C ALA D 75 -16.51 25.01 19.22
N ASP D 76 -17.83 25.17 19.36
CA ASP D 76 -18.65 24.01 19.67
C ASP D 76 -19.87 23.78 18.82
N VAL D 77 -20.05 24.74 17.92
CA VAL D 77 -21.15 24.79 16.98
C VAL D 77 -20.48 24.79 15.61
N LEU D 78 -20.99 23.90 14.79
CA LEU D 78 -20.57 23.73 13.43
C LEU D 78 -21.57 24.49 12.57
N VAL D 79 -21.20 25.19 11.50
CA VAL D 79 -22.17 25.88 10.67
C VAL D 79 -21.96 25.45 9.22
N VAL D 80 -22.80 24.50 8.79
CA VAL D 80 -22.75 23.99 7.43
C VAL D 80 -23.83 24.56 6.52
N ASN D 81 -23.50 25.35 5.47
CA ASN D 81 -24.49 25.90 4.52
C ASN D 81 -25.57 26.75 5.20
N GLY D 82 -24.99 27.55 6.10
CA GLY D 82 -25.72 28.41 7.02
C GLY D 82 -26.49 27.64 8.11
N HIS D 83 -26.53 26.29 8.13
CA HIS D 83 -27.25 25.50 9.12
C HIS D 83 -26.36 25.27 10.30
N ARG D 84 -26.89 25.45 11.51
CA ARG D 84 -26.12 25.20 12.71
C ARG D 84 -26.42 23.85 13.35
N ILE D 85 -25.33 23.06 13.50
CA ILE D 85 -25.30 21.74 14.13
C ILE D 85 -24.52 21.91 15.43
N LYS D 86 -24.96 21.21 16.47
CA LYS D 86 -24.30 21.26 17.76
C LYS D 86 -23.41 20.06 18.05
N CYS D 87 -22.20 20.36 18.54
CA CYS D 87 -21.25 19.31 18.90
C CYS D 87 -21.45 18.85 20.34
N VAL D 88 -22.23 17.79 20.48
CA VAL D 88 -22.53 17.20 21.77
C VAL D 88 -21.45 16.20 22.17
N LYS D 89 -21.20 16.12 23.49
CA LYS D 89 -20.21 15.21 24.06
C LYS D 89 -20.70 13.78 24.19
N ALA D 90 -19.77 12.89 23.84
CA ALA D 90 -19.93 11.44 23.85
C ALA D 90 -20.35 10.82 25.18
N GLN D 91 -21.49 10.14 25.20
CA GLN D 91 -21.94 9.49 26.43
C GLN D 91 -21.80 7.98 26.33
N ARG D 92 -21.26 7.38 27.42
CA ARG D 92 -21.05 5.94 27.55
C ARG D 92 -22.33 5.12 27.47
N ASN D 93 -23.39 5.65 28.08
CA ASN D 93 -24.70 5.06 27.92
C ASN D 93 -25.50 6.01 27.03
N PRO D 94 -26.11 5.52 25.94
CA PRO D 94 -27.13 6.17 25.11
C PRO D 94 -28.22 7.03 25.78
N ALA D 95 -28.69 6.55 26.94
CA ALA D 95 -29.67 7.28 27.71
C ALA D 95 -29.17 8.62 28.27
N ASP D 96 -27.89 8.78 28.67
CA ASP D 96 -27.37 10.07 29.15
C ASP D 96 -27.22 11.20 28.11
N LEU D 97 -27.62 10.88 26.87
CA LEU D 97 -27.63 11.81 25.76
C LEU D 97 -28.95 12.60 25.83
N PRO D 98 -28.88 13.92 25.73
CA PRO D 98 -30.05 14.77 25.82
C PRO D 98 -30.94 14.89 24.58
N TRP D 99 -31.24 13.79 23.88
CA TRP D 99 -32.03 13.82 22.63
C TRP D 99 -33.38 14.48 22.64
N GLY D 100 -34.13 14.14 23.69
CA GLY D 100 -35.45 14.71 23.90
C GLY D 100 -35.41 16.21 24.08
N LYS D 101 -34.43 16.67 24.87
CA LYS D 101 -34.22 18.08 25.10
C LYS D 101 -33.78 18.84 23.83
N LEU D 102 -32.82 18.35 23.03
CA LEU D 102 -32.39 19.06 21.82
C LEU D 102 -33.45 19.00 20.73
N GLY D 103 -34.44 18.15 20.94
CA GLY D 103 -35.58 18.03 20.06
C GLY D 103 -35.31 17.08 18.92
N VAL D 104 -34.30 16.22 19.12
CA VAL D 104 -33.87 15.25 18.13
C VAL D 104 -34.85 14.09 18.12
N ASP D 105 -35.49 13.76 17.00
CA ASP D 105 -36.43 12.65 17.02
C ASP D 105 -35.83 11.36 16.46
N TYR D 106 -35.01 11.45 15.40
CA TYR D 106 -34.39 10.29 14.78
C TYR D 106 -32.90 10.33 15.05
N VAL D 107 -32.37 9.30 15.72
CA VAL D 107 -30.95 9.29 16.03
C VAL D 107 -30.26 8.21 15.23
N ILE D 108 -29.16 8.60 14.59
CA ILE D 108 -28.37 7.64 13.84
C ILE D 108 -27.21 7.23 14.71
N GLU D 109 -27.33 5.93 14.98
CA GLU D 109 -26.39 5.27 15.82
C GLU D 109 -25.33 4.64 14.91
N SER D 110 -24.16 5.27 15.04
CA SER D 110 -23.03 4.90 14.21
C SER D 110 -21.68 4.82 14.94
N THR D 111 -21.67 4.57 16.26
CA THR D 111 -20.42 4.49 17.02
C THR D 111 -19.80 3.09 16.86
N GLY D 112 -20.71 2.13 16.70
CA GLY D 112 -20.30 0.74 16.60
C GLY D 112 -20.31 0.02 17.96
N LEU D 113 -20.54 0.77 19.02
CA LEU D 113 -20.60 0.20 20.33
C LEU D 113 -22.01 -0.26 20.65
N PHE D 114 -23.05 0.37 20.12
CA PHE D 114 -24.41 0.05 20.56
C PHE D 114 -25.24 -0.72 19.53
N THR D 115 -24.73 -1.87 19.06
CA THR D 115 -25.41 -2.69 18.05
C THR D 115 -26.57 -3.57 18.49
N ASP D 116 -26.74 -3.59 19.80
CA ASP D 116 -27.78 -4.37 20.42
C ASP D 116 -28.98 -3.49 20.64
N LYS D 117 -30.07 -3.93 20.02
CA LYS D 117 -31.39 -3.32 20.09
C LYS D 117 -31.76 -2.90 21.49
N LEU D 118 -31.21 -3.57 22.50
CA LEU D 118 -31.45 -3.21 23.88
C LEU D 118 -30.60 -2.03 24.32
N LYS D 119 -29.31 -1.91 23.95
CA LYS D 119 -28.51 -0.75 24.36
C LYS D 119 -28.81 0.51 23.55
N ALA D 120 -29.22 0.25 22.32
CA ALA D 120 -29.63 1.31 21.42
C ALA D 120 -30.98 1.88 21.85
N GLU D 121 -31.82 1.13 22.56
CA GLU D 121 -33.07 1.70 23.04
C GLU D 121 -32.80 2.85 24.00
N GLY D 122 -31.60 2.89 24.61
CA GLY D 122 -31.19 3.94 25.53
C GLY D 122 -31.32 5.32 24.90
N HIS D 123 -31.34 5.41 23.58
CA HIS D 123 -31.53 6.68 22.88
C HIS D 123 -32.96 7.18 23.09
N ILE D 124 -33.91 6.28 22.88
CA ILE D 124 -35.32 6.54 23.09
C ILE D 124 -35.58 6.92 24.57
N LYS D 125 -34.90 6.23 25.50
CA LYS D 125 -34.95 6.58 26.90
C LYS D 125 -34.42 7.99 27.14
N GLY D 126 -33.50 8.47 26.30
CA GLY D 126 -32.99 9.83 26.38
C GLY D 126 -33.88 10.85 25.68
N GLY D 127 -34.79 10.35 24.86
CA GLY D 127 -35.77 11.22 24.26
C GLY D 127 -35.92 11.05 22.77
N ALA D 128 -35.29 10.05 22.16
CA ALA D 128 -35.43 9.85 20.72
C ALA D 128 -36.66 9.05 20.38
N LYS D 129 -37.32 9.32 19.28
CA LYS D 129 -38.51 8.58 18.91
C LYS D 129 -38.07 7.32 18.21
N LYS D 130 -37.15 7.49 17.25
CA LYS D 130 -36.66 6.37 16.47
C LYS D 130 -35.14 6.26 16.47
N VAL D 131 -34.62 5.04 16.21
CA VAL D 131 -33.17 4.79 16.11
C VAL D 131 -32.81 3.94 14.89
N VAL D 132 -31.86 4.45 14.10
CA VAL D 132 -31.30 3.66 13.01
C VAL D 132 -29.89 3.27 13.38
N ILE D 133 -29.68 1.95 13.35
CA ILE D 133 -28.37 1.41 13.60
C ILE D 133 -27.72 1.19 12.22
N SER D 134 -26.56 1.81 12.03
CA SER D 134 -25.78 1.74 10.80
C SER D 134 -24.94 0.48 10.78
N ALA D 135 -25.55 -0.68 11.09
CA ALA D 135 -24.87 -1.96 11.30
C ALA D 135 -25.86 -3.09 11.49
N PRO D 136 -25.48 -4.37 11.45
CA PRO D 136 -26.36 -5.45 11.88
C PRO D 136 -26.71 -5.31 13.36
N ALA D 137 -27.97 -5.64 13.63
CA ALA D 137 -28.46 -5.45 14.98
C ALA D 137 -28.87 -6.75 15.60
N SER D 138 -28.36 -6.84 16.81
CA SER D 138 -28.61 -7.96 17.68
C SER D 138 -29.72 -7.67 18.67
N GLY D 139 -30.40 -8.71 19.16
CA GLY D 139 -31.32 -8.49 20.24
C GLY D 139 -32.72 -8.11 19.85
N GLY D 140 -33.12 -8.29 18.58
CA GLY D 140 -34.51 -8.07 18.19
C GLY D 140 -34.85 -6.96 17.22
N ALA D 141 -33.92 -6.01 16.95
CA ALA D 141 -34.16 -4.87 16.08
C ALA D 141 -34.56 -5.25 14.67
N LYS D 142 -35.26 -4.34 13.97
CA LYS D 142 -35.69 -4.63 12.60
C LYS D 142 -34.61 -4.34 11.55
N THR D 143 -34.26 -5.29 10.67
CA THR D 143 -33.23 -5.04 9.69
C THR D 143 -33.89 -4.88 8.32
N ILE D 144 -33.72 -3.64 7.83
CA ILE D 144 -34.20 -3.26 6.51
C ILE D 144 -33.08 -2.85 5.52
N VAL D 145 -33.22 -3.37 4.31
CA VAL D 145 -32.38 -3.05 3.16
C VAL D 145 -33.28 -2.38 2.12
N MET D 146 -33.00 -1.09 1.91
CA MET D 146 -33.78 -0.30 0.97
C MET D 146 -33.66 -0.87 -0.43
N GLY D 147 -34.81 -0.92 -1.05
CA GLY D 147 -34.91 -1.53 -2.36
C GLY D 147 -35.38 -2.98 -2.29
N VAL D 148 -35.35 -3.58 -1.08
CA VAL D 148 -35.79 -4.95 -0.88
C VAL D 148 -36.88 -5.13 0.16
N ASN D 149 -36.83 -4.55 1.36
CA ASN D 149 -37.86 -4.80 2.32
C ASN D 149 -38.20 -3.63 3.24
N GLN D 150 -37.98 -2.39 2.80
CA GLN D 150 -38.30 -1.23 3.63
C GLN D 150 -39.78 -1.08 3.95
N HIS D 151 -40.59 -1.74 3.11
CA HIS D 151 -42.01 -1.68 3.29
C HIS D 151 -42.54 -2.42 4.50
N GLU D 152 -41.81 -3.45 4.95
CA GLU D 152 -42.17 -4.19 6.16
C GLU D 152 -41.98 -3.34 7.41
N TYR D 153 -41.45 -2.11 7.30
CA TYR D 153 -41.35 -1.23 8.46
C TYR D 153 -42.77 -0.90 8.98
N SER D 154 -42.97 -0.72 10.29
CA SER D 154 -44.26 -0.26 10.77
C SER D 154 -44.04 0.67 11.96
N PRO D 155 -44.53 1.94 11.91
CA PRO D 155 -44.21 3.00 12.86
C PRO D 155 -44.55 2.60 14.28
N ALA D 156 -45.63 1.80 14.30
CA ALA D 156 -46.22 1.23 15.49
C ALA D 156 -45.32 0.23 16.23
N SER D 157 -44.70 -0.66 15.47
CA SER D 157 -43.97 -1.78 16.02
C SER D 157 -42.47 -1.56 16.11
N HIS D 158 -41.87 -1.07 15.00
CA HIS D 158 -40.42 -0.92 14.79
C HIS D 158 -39.82 0.44 15.18
N HIS D 159 -39.05 0.47 16.27
CA HIS D 159 -38.50 1.72 16.82
C HIS D 159 -36.99 1.83 16.85
N VAL D 160 -36.40 0.64 16.75
CA VAL D 160 -34.97 0.50 16.60
C VAL D 160 -34.94 -0.45 15.39
N VAL D 161 -34.58 0.23 14.31
CA VAL D 161 -34.43 -0.34 12.98
C VAL D 161 -32.92 -0.32 12.76
N SER D 162 -32.48 -1.20 11.86
CA SER D 162 -31.08 -1.45 11.56
C SER D 162 -30.99 -1.51 10.04
N ASN D 163 -29.98 -0.86 9.49
CA ASN D 163 -29.82 -0.81 8.05
C ASN D 163 -28.81 -1.86 7.57
N ALA D 164 -28.64 -2.98 8.33
CA ALA D 164 -27.73 -4.06 7.98
C ALA D 164 -26.30 -3.56 7.79
N SER D 165 -25.50 -4.24 6.96
CA SER D 165 -24.11 -3.87 6.74
C SER D 165 -23.90 -3.49 5.29
N CYS D 166 -22.73 -2.89 4.96
CA CYS D 166 -22.43 -2.61 3.58
C CYS D 166 -22.53 -3.83 2.72
N THR D 167 -21.89 -4.96 3.02
CA THR D 167 -22.03 -6.16 2.18
C THR D 167 -23.46 -6.72 2.06
N THR D 168 -24.38 -6.49 3.01
CA THR D 168 -25.72 -7.05 2.92
C THR D 168 -26.39 -6.28 1.85
N ASN D 169 -26.32 -4.94 2.01
CA ASN D 169 -26.90 -4.02 1.05
C ASN D 169 -26.46 -4.26 -0.36
N CYS D 170 -25.24 -4.81 -0.59
CA CYS D 170 -24.78 -5.18 -1.91
C CYS D 170 -25.31 -6.55 -2.33
N LEU D 171 -25.20 -7.60 -1.50
CA LEU D 171 -25.63 -8.92 -1.87
C LEU D 171 -27.12 -9.06 -2.07
N ALA D 172 -27.91 -8.60 -1.09
CA ALA D 172 -29.36 -8.73 -1.10
C ALA D 172 -30.10 -8.24 -2.32
N PRO D 173 -29.88 -7.06 -2.92
CA PRO D 173 -30.46 -6.67 -4.20
C PRO D 173 -30.22 -7.65 -5.32
N ILE D 174 -29.04 -8.32 -5.28
CA ILE D 174 -28.68 -9.30 -6.29
C ILE D 174 -29.56 -10.51 -6.07
N VAL D 175 -29.69 -10.86 -4.79
CA VAL D 175 -30.46 -12.02 -4.40
C VAL D 175 -31.92 -11.77 -4.70
N HIS D 176 -32.39 -10.53 -4.45
CA HIS D 176 -33.78 -10.13 -4.60
C HIS D 176 -34.25 -10.17 -6.03
N VAL D 177 -33.45 -9.80 -7.05
CA VAL D 177 -33.94 -9.95 -8.42
C VAL D 177 -33.81 -11.42 -8.77
N LEU D 178 -32.94 -12.24 -8.15
CA LEU D 178 -32.81 -13.62 -8.57
C LEU D 178 -34.03 -14.43 -8.19
N THR D 179 -34.61 -14.06 -7.04
CA THR D 179 -35.81 -14.70 -6.56
C THR D 179 -37.05 -14.18 -7.26
N LYS D 180 -37.22 -12.86 -7.29
CA LYS D 180 -38.37 -12.25 -7.91
C LYS D 180 -38.45 -12.56 -9.41
N GLU D 181 -37.33 -12.75 -10.11
CA GLU D 181 -37.37 -13.11 -11.54
C GLU D 181 -37.38 -14.62 -11.76
N ASN D 182 -37.30 -15.33 -10.61
CA ASN D 182 -37.42 -16.77 -10.49
C ASN D 182 -36.33 -17.73 -10.97
N PHE D 183 -35.08 -17.25 -10.95
CA PHE D 183 -33.94 -18.12 -11.23
C PHE D 183 -33.72 -18.99 -9.97
N GLY D 184 -33.98 -18.32 -8.83
CA GLY D 184 -33.92 -18.84 -7.46
C GLY D 184 -32.57 -19.36 -7.02
N ILE D 185 -32.08 -19.05 -5.81
CA ILE D 185 -30.84 -19.69 -5.42
C ILE D 185 -31.26 -20.86 -4.55
N GLU D 186 -30.80 -22.03 -5.00
CA GLU D 186 -31.00 -23.30 -4.32
C GLU D 186 -30.06 -23.31 -3.14
N THR D 187 -28.78 -23.05 -3.37
CA THR D 187 -27.85 -22.76 -2.27
C THR D 187 -26.86 -21.73 -2.77
N GLY D 188 -26.21 -21.03 -1.85
CA GLY D 188 -25.26 -20.02 -2.26
C GLY D 188 -24.19 -19.74 -1.23
N LEU D 189 -22.97 -19.67 -1.74
CA LEU D 189 -21.83 -19.31 -0.92
C LEU D 189 -21.32 -17.99 -1.49
N MET D 190 -20.69 -17.13 -0.69
CA MET D 190 -20.26 -15.84 -1.21
C MET D 190 -19.03 -15.24 -0.57
N THR D 191 -18.13 -14.69 -1.39
CA THR D 191 -16.96 -14.05 -0.84
C THR D 191 -17.02 -12.56 -1.07
N THR D 192 -16.65 -11.68 -0.11
CA THR D 192 -16.54 -10.24 -0.36
C THR D 192 -15.07 -9.89 -0.23
N ILE D 193 -14.42 -9.54 -1.35
CA ILE D 193 -13.04 -9.04 -1.29
C ILE D 193 -13.32 -7.63 -0.81
N HIS D 194 -12.73 -7.23 0.30
CA HIS D 194 -13.23 -6.06 0.95
C HIS D 194 -12.13 -5.19 1.47
N SER D 195 -12.34 -3.89 1.35
CA SER D 195 -11.34 -2.96 1.83
C SER D 195 -11.17 -2.99 3.32
N TYR D 196 -10.03 -2.64 3.86
CA TYR D 196 -9.92 -2.50 5.30
C TYR D 196 -10.75 -1.38 5.89
N THR D 197 -11.09 -1.50 7.19
CA THR D 197 -11.88 -0.50 7.91
C THR D 197 -11.18 0.04 9.15
N ALA D 198 -11.87 0.87 9.92
CA ALA D 198 -11.27 1.43 11.14
C ALA D 198 -11.12 0.43 12.28
N THR D 199 -11.72 -0.77 12.16
CA THR D 199 -11.61 -1.80 13.18
C THR D 199 -10.30 -2.58 13.02
N GLN D 200 -9.53 -2.38 11.93
CA GLN D 200 -8.31 -3.09 11.70
C GLN D 200 -7.10 -2.32 12.12
N LYS D 201 -5.94 -2.94 12.02
CA LYS D 201 -4.72 -2.35 12.56
C LYS D 201 -3.62 -1.94 11.58
N THR D 202 -2.88 -0.84 11.79
CA THR D 202 -1.82 -0.52 10.87
C THR D 202 -0.73 -1.59 10.84
N VAL D 203 -0.32 -2.01 12.04
CA VAL D 203 0.65 -3.07 12.26
C VAL D 203 0.03 -4.17 13.11
N ASP D 204 0.65 -5.33 13.27
CA ASP D 204 0.12 -6.46 14.08
C ASP D 204 -0.05 -6.07 15.54
N GLY D 205 -1.33 -6.21 15.96
CA GLY D 205 -1.79 -5.81 17.27
C GLY D 205 -2.88 -6.72 17.82
N VAL D 206 -3.45 -6.18 18.88
CA VAL D 206 -4.46 -6.87 19.67
C VAL D 206 -5.87 -6.88 19.10
N SER D 207 -6.37 -8.07 18.80
CA SER D 207 -7.75 -8.27 18.43
C SER D 207 -8.16 -9.66 18.95
N LEU D 208 -8.73 -9.71 20.17
CA LEU D 208 -9.08 -10.96 20.85
C LEU D 208 -10.17 -11.82 20.22
N LYS D 209 -11.14 -11.12 19.62
CA LYS D 209 -12.33 -11.75 19.07
C LYS D 209 -12.14 -12.22 17.62
N ASP D 210 -11.24 -11.59 16.87
CA ASP D 210 -10.86 -12.16 15.60
C ASP D 210 -9.37 -12.00 15.47
N TRP D 211 -8.74 -13.17 15.60
CA TRP D 211 -7.30 -13.24 15.70
C TRP D 211 -6.54 -12.73 14.49
N ARG D 212 -7.11 -13.02 13.31
CA ARG D 212 -6.48 -12.64 12.05
C ARG D 212 -6.66 -11.14 11.85
N GLY D 213 -7.84 -10.60 12.22
CA GLY D 213 -8.22 -9.21 12.04
C GLY D 213 -7.32 -8.19 12.72
N GLY D 214 -6.38 -8.67 13.54
CA GLY D 214 -5.44 -7.80 14.23
C GLY D 214 -4.11 -7.73 13.51
N ARG D 215 -3.97 -8.46 12.40
CA ARG D 215 -2.77 -8.41 11.56
C ARG D 215 -2.64 -7.11 10.78
N ALA D 216 -1.40 -6.64 10.59
CA ALA D 216 -1.11 -5.45 9.80
C ALA D 216 -1.96 -5.48 8.56
N ALA D 217 -2.80 -4.45 8.46
CA ALA D 217 -3.91 -4.47 7.52
C ALA D 217 -3.68 -4.26 6.04
N ALA D 218 -2.70 -3.38 5.82
CA ALA D 218 -2.36 -2.89 4.50
C ALA D 218 -1.25 -3.66 3.81
N VAL D 219 -0.89 -4.84 4.35
CA VAL D 219 0.17 -5.65 3.78
C VAL D 219 -0.12 -7.15 3.83
N ASN D 220 -1.35 -7.51 4.14
CA ASN D 220 -1.81 -8.87 4.25
C ASN D 220 -3.15 -9.03 3.59
N ILE D 221 -3.45 -10.19 3.01
CA ILE D 221 -4.82 -10.57 2.64
C ILE D 221 -5.25 -11.23 3.96
N ILE D 222 -6.36 -10.80 4.57
CA ILE D 222 -6.76 -11.32 5.88
C ILE D 222 -8.06 -12.08 5.74
N PRO D 223 -8.23 -13.41 5.92
CA PRO D 223 -9.54 -14.04 6.02
C PRO D 223 -10.27 -13.61 7.29
N SER D 224 -11.58 -13.46 7.14
CA SER D 224 -12.45 -13.12 8.26
C SER D 224 -13.90 -13.26 7.84
N THR D 225 -14.84 -12.76 8.66
CA THR D 225 -16.27 -12.90 8.43
C THR D 225 -16.95 -11.62 8.04
N THR D 226 -17.98 -11.89 7.27
CA THR D 226 -18.88 -10.86 6.82
C THR D 226 -20.19 -10.90 7.57
N GLY D 227 -20.76 -9.69 7.53
CA GLY D 227 -22.03 -9.41 8.16
C GLY D 227 -23.22 -9.84 7.34
N ALA D 228 -23.07 -10.02 6.03
CA ALA D 228 -24.15 -10.45 5.18
C ALA D 228 -24.52 -11.93 5.22
N ALA D 229 -23.73 -12.67 6.00
CA ALA D 229 -23.97 -14.11 6.15
C ALA D 229 -25.33 -14.36 6.83
N LYS D 230 -25.53 -13.64 7.96
CA LYS D 230 -26.79 -13.61 8.68
C LYS D 230 -27.77 -12.76 7.87
N ALA D 231 -27.59 -11.42 7.93
CA ALA D 231 -28.56 -10.47 7.44
C ALA D 231 -29.29 -10.69 6.12
N VAL D 232 -28.75 -11.34 5.09
CA VAL D 232 -29.52 -11.51 3.85
C VAL D 232 -30.70 -12.47 4.02
N GLY D 233 -30.56 -13.44 4.93
CA GLY D 233 -31.64 -14.34 5.27
C GLY D 233 -32.70 -13.60 6.08
N MET D 234 -32.27 -12.62 6.89
CA MET D 234 -33.20 -11.81 7.66
C MET D 234 -34.06 -10.97 6.72
N VAL D 235 -33.45 -10.37 5.69
CA VAL D 235 -34.16 -9.50 4.77
C VAL D 235 -35.02 -10.30 3.79
N ILE D 236 -34.47 -11.43 3.32
CA ILE D 236 -35.19 -12.33 2.45
C ILE D 236 -35.18 -13.67 3.17
N PRO D 237 -36.26 -14.04 3.90
CA PRO D 237 -36.38 -15.28 4.67
C PRO D 237 -36.31 -16.59 3.90
N SER D 238 -36.51 -16.52 2.58
CA SER D 238 -36.39 -17.66 1.68
C SER D 238 -34.95 -18.12 1.47
N THR D 239 -33.95 -17.33 1.89
CA THR D 239 -32.54 -17.67 1.78
C THR D 239 -31.91 -18.05 3.11
N LYS D 240 -32.76 -18.16 4.14
CA LYS D 240 -32.32 -18.57 5.45
C LYS D 240 -31.72 -19.96 5.33
N GLY D 241 -30.43 -20.04 5.73
CA GLY D 241 -29.66 -21.28 5.75
C GLY D 241 -29.37 -21.86 4.37
N LYS D 242 -29.73 -21.12 3.31
CA LYS D 242 -29.44 -21.50 1.94
C LYS D 242 -28.14 -20.88 1.51
N LEU D 243 -27.83 -19.76 2.13
CA LEU D 243 -26.69 -18.97 1.73
C LEU D 243 -25.80 -18.52 2.87
N THR D 244 -24.47 -18.58 2.73
CA THR D 244 -23.50 -18.05 3.72
C THR D 244 -22.20 -17.54 3.07
N GLY D 245 -21.33 -16.81 3.79
CA GLY D 245 -20.05 -16.44 3.24
C GLY D 245 -19.03 -15.86 4.22
N MET D 246 -17.87 -15.68 3.61
CA MET D 246 -16.71 -15.09 4.25
C MET D 246 -16.30 -13.75 3.65
N SER D 247 -15.16 -13.26 4.08
CA SER D 247 -14.62 -11.97 3.72
C SER D 247 -13.12 -12.06 3.56
N PHE D 248 -12.53 -11.47 2.51
CA PHE D 248 -11.09 -11.36 2.49
C PHE D 248 -10.76 -9.91 2.55
N ARG D 249 -10.06 -9.44 3.57
CA ARG D 249 -9.71 -8.04 3.67
C ARG D 249 -8.29 -7.85 3.14
N VAL D 250 -8.31 -7.13 2.01
CA VAL D 250 -7.16 -6.80 1.14
C VAL D 250 -6.70 -5.37 1.34
N PRO D 251 -5.48 -4.94 0.97
CA PRO D 251 -4.97 -3.59 1.21
C PRO D 251 -5.42 -2.35 0.39
N THR D 252 -6.74 -2.19 0.23
CA THR D 252 -7.30 -0.96 -0.33
C THR D 252 -8.12 -0.28 0.76
N PRO D 253 -8.30 1.05 0.80
CA PRO D 253 -9.05 1.73 1.84
C PRO D 253 -10.53 1.90 1.68
N ASP D 254 -11.08 1.68 0.49
CA ASP D 254 -12.51 1.76 0.27
C ASP D 254 -12.79 1.05 -1.04
N VAL D 255 -14.06 0.67 -1.19
CA VAL D 255 -14.65 -0.15 -2.24
C VAL D 255 -14.26 -1.60 -1.95
N SER D 256 -15.27 -2.40 -2.30
CA SER D 256 -15.24 -3.83 -2.12
C SER D 256 -16.02 -4.46 -3.25
N VAL D 257 -15.84 -5.77 -3.43
CA VAL D 257 -16.59 -6.52 -4.43
C VAL D 257 -17.09 -7.85 -3.86
N VAL D 258 -18.39 -8.07 -4.10
CA VAL D 258 -19.06 -9.34 -3.81
C VAL D 258 -18.75 -10.32 -4.94
N ASP D 259 -18.71 -11.61 -4.59
CA ASP D 259 -18.42 -12.69 -5.51
C ASP D 259 -19.26 -13.87 -5.08
N LEU D 260 -20.47 -13.85 -5.63
CA LEU D 260 -21.49 -14.83 -5.32
C LEU D 260 -21.46 -16.02 -6.23
N THR D 261 -21.48 -17.20 -5.64
CA THR D 261 -21.51 -18.44 -6.41
C THR D 261 -22.72 -19.16 -5.90
N PHE D 262 -23.72 -19.40 -6.73
CA PHE D 262 -24.93 -20.02 -6.27
C PHE D 262 -25.31 -21.09 -7.27
N ARG D 263 -26.38 -21.82 -6.98
CA ARG D 263 -26.92 -22.79 -7.90
C ARG D 263 -28.37 -22.38 -8.11
N ALA D 264 -28.86 -22.46 -9.35
CA ALA D 264 -30.21 -22.07 -9.62
C ALA D 264 -31.17 -23.21 -9.35
N THR D 265 -32.37 -22.74 -9.01
CA THR D 265 -33.54 -23.58 -8.77
C THR D 265 -33.95 -24.17 -10.09
N ARG D 266 -34.29 -23.35 -11.08
CA ARG D 266 -34.69 -23.87 -12.38
C ARG D 266 -33.53 -23.80 -13.33
N ASP D 267 -33.53 -24.58 -14.40
CA ASP D 267 -32.49 -24.45 -15.41
C ASP D 267 -32.62 -23.10 -16.14
N THR D 268 -31.46 -22.43 -16.31
CA THR D 268 -31.33 -21.10 -16.91
C THR D 268 -29.99 -20.94 -17.65
N SER D 269 -29.40 -19.74 -17.79
CA SER D 269 -28.07 -19.48 -18.36
C SER D 269 -27.62 -18.15 -17.78
N ILE D 270 -26.32 -17.85 -17.88
CA ILE D 270 -25.84 -16.58 -17.37
C ILE D 270 -26.29 -15.38 -18.22
N GLN D 271 -26.66 -15.63 -19.48
CA GLN D 271 -27.22 -14.61 -20.37
C GLN D 271 -28.59 -14.17 -19.91
N GLU D 272 -29.46 -15.10 -19.48
CA GLU D 272 -30.76 -14.77 -18.89
C GLU D 272 -30.65 -13.95 -17.62
N ILE D 273 -29.65 -14.31 -16.80
CA ILE D 273 -29.42 -13.66 -15.51
C ILE D 273 -28.94 -12.25 -15.72
N ASP D 274 -27.98 -12.07 -16.65
CA ASP D 274 -27.42 -10.77 -16.97
C ASP D 274 -28.50 -9.84 -17.50
N LYS D 275 -29.40 -10.36 -18.35
CA LYS D 275 -30.52 -9.60 -18.87
C LYS D 275 -31.40 -9.14 -17.73
N ALA D 276 -31.87 -10.05 -16.86
CA ALA D 276 -32.75 -9.68 -15.77
C ALA D 276 -32.17 -8.72 -14.75
N ILE D 277 -30.84 -8.76 -14.55
CA ILE D 277 -30.18 -7.84 -13.63
C ILE D 277 -30.06 -6.48 -14.28
N LYS D 278 -29.79 -6.39 -15.59
CA LYS D 278 -29.73 -5.08 -16.25
C LYS D 278 -31.08 -4.42 -16.24
N LYS D 279 -32.10 -5.21 -16.61
CA LYS D 279 -33.49 -4.81 -16.67
C LYS D 279 -33.94 -4.25 -15.33
N ALA D 280 -33.65 -5.02 -14.28
CA ALA D 280 -33.99 -4.64 -12.93
C ALA D 280 -33.32 -3.36 -12.51
N ALA D 281 -32.09 -3.13 -13.00
CA ALA D 281 -31.32 -1.92 -12.70
C ALA D 281 -31.93 -0.68 -13.32
N GLN D 282 -32.57 -0.89 -14.47
CA GLN D 282 -33.28 0.15 -15.19
C GLN D 282 -34.73 0.36 -14.77
N THR D 283 -35.36 -0.68 -14.21
CA THR D 283 -36.75 -0.58 -13.84
C THR D 283 -36.90 -0.57 -12.33
N TYR D 284 -37.28 -1.63 -11.60
CA TYR D 284 -37.57 -1.57 -10.18
C TYR D 284 -36.49 -1.48 -9.10
N MET D 285 -35.22 -1.69 -9.48
CA MET D 285 -34.13 -1.60 -8.53
C MET D 285 -33.29 -0.35 -8.75
N LYS D 286 -33.71 0.47 -9.73
CA LYS D 286 -33.01 1.68 -10.14
C LYS D 286 -32.65 2.58 -8.97
N GLY D 287 -31.37 2.92 -8.94
CA GLY D 287 -30.84 3.74 -7.87
C GLY D 287 -30.14 2.88 -6.84
N ILE D 288 -30.68 1.68 -6.54
CA ILE D 288 -30.13 0.73 -5.56
C ILE D 288 -29.20 -0.21 -6.28
N LEU D 289 -29.71 -0.87 -7.34
CA LEU D 289 -28.90 -1.75 -8.18
C LEU D 289 -28.50 -0.98 -9.44
N GLY D 290 -27.25 -1.17 -9.83
CA GLY D 290 -26.70 -0.59 -11.04
C GLY D 290 -25.92 -1.66 -11.76
N PHE D 291 -25.46 -1.37 -12.96
CA PHE D 291 -24.60 -2.29 -13.66
C PHE D 291 -23.53 -1.58 -14.48
N THR D 292 -22.57 -2.36 -15.01
CA THR D 292 -21.54 -1.75 -15.79
C THR D 292 -21.00 -2.72 -16.79
N ASP D 293 -20.89 -2.11 -17.97
CA ASP D 293 -20.32 -2.77 -19.12
C ASP D 293 -18.83 -2.49 -19.30
N GLU D 294 -18.22 -1.69 -18.42
CA GLU D 294 -16.83 -1.38 -18.62
C GLU D 294 -15.87 -2.19 -17.80
N GLU D 295 -14.62 -2.12 -18.23
CA GLU D 295 -13.51 -2.81 -17.61
C GLU D 295 -13.09 -1.94 -16.43
N LEU D 296 -13.95 -1.76 -15.46
CA LEU D 296 -13.60 -0.95 -14.30
C LEU D 296 -12.84 -1.70 -13.25
N VAL D 297 -11.98 -1.00 -12.54
CA VAL D 297 -11.37 -1.58 -11.39
C VAL D 297 -11.91 -0.80 -10.19
N SER D 298 -11.49 -1.14 -8.97
CA SER D 298 -12.08 -0.63 -7.75
C SER D 298 -12.04 0.85 -7.60
N ALA D 299 -11.03 1.60 -8.03
CA ALA D 299 -11.04 3.01 -7.71
C ALA D 299 -12.04 3.78 -8.53
N ASP D 300 -12.71 3.09 -9.48
CA ASP D 300 -13.79 3.70 -10.25
C ASP D 300 -15.17 3.69 -9.65
N PHE D 301 -15.25 3.22 -8.40
CA PHE D 301 -16.50 3.14 -7.67
C PHE D 301 -16.46 4.02 -6.44
N ILE D 302 -15.33 4.66 -6.16
CA ILE D 302 -15.31 5.63 -5.09
C ILE D 302 -16.30 6.70 -5.50
N ASN D 303 -17.11 7.08 -4.50
CA ASN D 303 -18.24 7.97 -4.61
C ASN D 303 -19.41 7.46 -5.42
N ASP D 304 -19.45 6.18 -5.83
CA ASP D 304 -20.61 5.66 -6.50
C ASP D 304 -21.58 5.28 -5.39
N ASN D 305 -22.77 5.91 -5.44
CA ASN D 305 -23.79 5.57 -4.48
C ASN D 305 -24.83 4.52 -4.84
N ARG D 306 -24.77 3.68 -5.89
CA ARG D 306 -25.68 2.53 -5.89
C ARG D 306 -25.32 1.54 -4.78
N SER D 307 -26.32 0.88 -4.19
CA SER D 307 -26.04 -0.11 -3.14
C SER D 307 -25.13 -1.22 -3.61
N SER D 308 -25.33 -1.55 -4.90
CA SER D 308 -24.67 -2.64 -5.57
C SER D 308 -24.63 -2.36 -7.06
N VAL D 309 -23.50 -2.64 -7.72
CA VAL D 309 -23.41 -2.40 -9.12
C VAL D 309 -22.66 -3.55 -9.72
N TYR D 310 -23.55 -4.34 -10.29
CA TYR D 310 -23.23 -5.54 -11.04
C TYR D 310 -22.20 -5.38 -12.16
N ASP D 311 -21.15 -6.21 -12.22
CA ASP D 311 -20.14 -6.09 -13.25
C ASP D 311 -20.45 -7.02 -14.41
N SER D 312 -21.07 -6.47 -15.46
CA SER D 312 -21.51 -7.27 -16.55
C SER D 312 -20.41 -8.02 -17.22
N LYS D 313 -19.24 -7.44 -17.43
CA LYS D 313 -18.29 -8.22 -18.18
C LYS D 313 -17.59 -9.27 -17.34
N ALA D 314 -17.17 -8.95 -16.09
CA ALA D 314 -16.52 -9.91 -15.21
C ALA D 314 -17.39 -11.13 -14.94
N THR D 315 -18.72 -10.96 -15.01
CA THR D 315 -19.61 -12.08 -14.84
C THR D 315 -19.67 -12.88 -16.12
N LEU D 316 -20.09 -12.25 -17.23
CA LEU D 316 -20.27 -12.95 -18.48
C LEU D 316 -19.09 -13.74 -18.99
N GLN D 317 -17.88 -13.32 -18.64
CA GLN D 317 -16.69 -14.00 -19.10
C GLN D 317 -16.27 -15.12 -18.18
N ASN D 318 -16.51 -14.94 -16.86
CA ASN D 318 -16.07 -15.88 -15.84
C ASN D 318 -17.02 -16.98 -15.36
N ASN D 319 -17.95 -17.33 -16.24
CA ASN D 319 -18.85 -18.43 -16.00
C ASN D 319 -18.60 -19.65 -16.86
N LEU D 320 -19.27 -20.75 -16.52
CA LEU D 320 -19.12 -21.98 -17.25
C LEU D 320 -19.85 -21.94 -18.57
N PRO D 321 -19.23 -22.27 -19.72
CA PRO D 321 -19.72 -21.94 -21.05
C PRO D 321 -21.14 -22.37 -21.42
N GLY D 322 -21.63 -23.54 -21.00
CA GLY D 322 -23.01 -23.95 -21.30
C GLY D 322 -23.82 -24.30 -20.04
N GLU D 323 -23.68 -23.47 -19.00
CA GLU D 323 -24.25 -23.78 -17.71
C GLU D 323 -25.68 -23.34 -17.52
N LYS D 324 -26.41 -24.30 -16.94
CA LYS D 324 -27.81 -24.13 -16.63
C LYS D 324 -28.11 -23.90 -15.15
N ARG D 325 -27.17 -24.25 -14.26
CA ARG D 325 -27.38 -24.11 -12.84
C ARG D 325 -26.24 -23.52 -12.02
N PHE D 326 -24.94 -23.65 -12.36
CA PHE D 326 -23.86 -23.14 -11.54
C PHE D 326 -23.25 -21.82 -12.01
N PHE D 327 -23.60 -20.79 -11.22
CA PHE D 327 -23.29 -19.41 -11.55
C PHE D 327 -22.51 -18.54 -10.59
N LYS D 328 -21.61 -17.73 -11.18
CA LYS D 328 -20.84 -16.72 -10.47
C LYS D 328 -21.46 -15.38 -10.84
N VAL D 329 -21.50 -14.42 -9.94
CA VAL D 329 -22.01 -13.11 -10.28
C VAL D 329 -21.13 -12.17 -9.48
N VAL D 330 -20.44 -11.28 -10.20
CA VAL D 330 -19.56 -10.32 -9.56
C VAL D 330 -20.29 -8.98 -9.45
N SER D 331 -20.18 -8.27 -8.31
CA SER D 331 -20.77 -6.96 -8.07
C SER D 331 -20.00 -6.08 -7.08
N TRP D 332 -20.00 -4.78 -7.35
CA TRP D 332 -19.20 -3.84 -6.62
C TRP D 332 -19.98 -2.92 -5.71
N TYR D 333 -19.25 -2.29 -4.77
CA TYR D 333 -19.88 -1.33 -3.89
C TYR D 333 -18.84 -0.48 -3.16
N ASP D 334 -19.16 0.79 -2.96
CA ASP D 334 -18.29 1.66 -2.21
C ASP D 334 -18.89 1.47 -0.81
N ASN D 335 -18.26 0.59 -0.02
CA ASN D 335 -18.76 0.32 1.33
C ASN D 335 -19.03 1.54 2.22
N GLU D 336 -18.25 2.64 2.08
CA GLU D 336 -18.50 3.87 2.81
C GLU D 336 -19.54 4.79 2.16
N TRP D 337 -19.74 4.81 0.85
CA TRP D 337 -20.59 5.82 0.25
C TRP D 337 -22.03 5.48 0.06
N ALA D 338 -22.30 4.42 -0.68
CA ALA D 338 -23.66 4.00 -0.96
C ALA D 338 -24.39 3.64 0.31
N TYR D 339 -23.72 2.95 1.23
CA TYR D 339 -24.27 2.65 2.53
C TYR D 339 -24.64 3.95 3.28
N SER D 340 -23.83 5.02 3.25
CA SER D 340 -24.22 6.25 3.91
C SER D 340 -25.41 6.93 3.24
N HIS D 341 -25.61 6.72 1.93
CA HIS D 341 -26.75 7.24 1.22
C HIS D 341 -27.97 6.43 1.63
N ARG D 342 -27.89 5.09 1.67
CA ARG D 342 -29.00 4.27 2.15
C ARG D 342 -29.48 4.58 3.56
N VAL D 343 -28.62 4.99 4.51
CA VAL D 343 -28.98 5.33 5.89
C VAL D 343 -29.93 6.52 5.85
N VAL D 344 -29.59 7.53 5.03
CA VAL D 344 -30.39 8.74 4.88
C VAL D 344 -31.69 8.45 4.14
N ASP D 345 -31.67 7.56 3.13
CA ASP D 345 -32.88 7.11 2.47
C ASP D 345 -33.82 6.48 3.47
N LEU D 346 -33.28 5.67 4.41
CA LEU D 346 -34.08 4.99 5.39
C LEU D 346 -34.64 5.98 6.37
N VAL D 347 -33.87 6.93 6.92
CA VAL D 347 -34.37 7.93 7.85
C VAL D 347 -35.61 8.61 7.28
N ARG D 348 -35.47 9.13 6.07
CA ARG D 348 -36.57 9.78 5.38
C ARG D 348 -37.74 8.84 5.05
N TYR D 349 -37.57 7.55 4.79
CA TYR D 349 -38.71 6.66 4.58
C TYR D 349 -39.46 6.51 5.89
N MET D 350 -38.72 6.31 6.97
CA MET D 350 -39.29 6.10 8.28
C MET D 350 -40.03 7.31 8.80
N ALA D 351 -39.50 8.48 8.50
CA ALA D 351 -40.14 9.71 8.92
C ALA D 351 -41.41 9.91 8.13
N ALA D 352 -41.44 9.46 6.86
CA ALA D 352 -42.62 9.54 6.02
C ALA D 352 -43.75 8.65 6.51
N LYS D 353 -43.43 7.43 6.95
CA LYS D 353 -44.43 6.51 7.41
C LYS D 353 -44.85 6.77 8.84
N ASP D 354 -43.92 7.37 9.61
CA ASP D 354 -44.24 7.76 10.95
C ASP D 354 -45.22 8.90 10.90
N ALA D 355 -45.12 9.84 9.96
CA ALA D 355 -46.11 10.90 9.83
C ALA D 355 -47.40 10.37 9.21
N ALA D 356 -47.25 9.43 8.26
CA ALA D 356 -48.35 8.81 7.53
C ALA D 356 -49.39 8.13 8.39
N SER D 357 -48.96 7.56 9.52
CA SER D 357 -49.88 6.91 10.44
C SER D 357 -49.89 7.68 11.74
N SER D 358 -48.69 7.66 12.35
CA SER D 358 -48.22 8.24 13.62
C SER D 358 -47.52 7.12 14.42
#